data_1XOU
# 
_entry.id   1XOU 
# 
_audit_conform.dict_name       mmcif_pdbx.dic 
_audit_conform.dict_version    5.398 
_audit_conform.dict_location   http://mmcif.pdb.org/dictionaries/ascii/mmcif_pdbx.dic 
# 
loop_
_database_2.database_id 
_database_2.database_code 
_database_2.pdbx_database_accession 
_database_2.pdbx_DOI 
PDB   1XOU         pdb_00001xou 10.2210/pdb1xou/pdb 
RCSB  RCSB030592   ?            ?                   
WWPDB D_1000030592 ?            ?                   
# 
loop_
_pdbx_audit_revision_history.ordinal 
_pdbx_audit_revision_history.data_content_type 
_pdbx_audit_revision_history.major_revision 
_pdbx_audit_revision_history.minor_revision 
_pdbx_audit_revision_history.revision_date 
1 'Structure model' 1 0 2004-12-28 
2 'Structure model' 1 1 2008-04-30 
3 'Structure model' 1 2 2011-07-13 
4 'Structure model' 1 3 2021-10-20 
5 'Structure model' 1 4 2024-11-13 
# 
_pdbx_audit_revision_details.ordinal             1 
_pdbx_audit_revision_details.revision_ordinal    1 
_pdbx_audit_revision_details.data_content_type   'Structure model' 
_pdbx_audit_revision_details.provider            repository 
_pdbx_audit_revision_details.type                'Initial release' 
_pdbx_audit_revision_details.description         ? 
_pdbx_audit_revision_details.details             ? 
# 
loop_
_pdbx_audit_revision_group.ordinal 
_pdbx_audit_revision_group.revision_ordinal 
_pdbx_audit_revision_group.data_content_type 
_pdbx_audit_revision_group.group 
1 2 'Structure model' 'Version format compliance' 
2 3 'Structure model' 'Version format compliance' 
3 4 'Structure model' 'Database references'       
4 4 'Structure model' 'Derived calculations'      
5 5 'Structure model' 'Data collection'           
6 5 'Structure model' 'Structure summary'         
# 
loop_
_pdbx_audit_revision_category.ordinal 
_pdbx_audit_revision_category.revision_ordinal 
_pdbx_audit_revision_category.data_content_type 
_pdbx_audit_revision_category.category 
1 4 'Structure model' database_2                
2 4 'Structure model' struct_conn               
3 4 'Structure model' struct_ref_seq_dif        
4 5 'Structure model' chem_comp_atom            
5 5 'Structure model' chem_comp_bond            
6 5 'Structure model' pdbx_entry_details        
7 5 'Structure model' pdbx_modification_feature 
# 
loop_
_pdbx_audit_revision_item.ordinal 
_pdbx_audit_revision_item.revision_ordinal 
_pdbx_audit_revision_item.data_content_type 
_pdbx_audit_revision_item.item 
1 4 'Structure model' '_database_2.pdbx_DOI'                
2 4 'Structure model' '_database_2.pdbx_database_accession' 
3 4 'Structure model' '_struct_conn.pdbx_leaving_atom_flag' 
4 4 'Structure model' '_struct_ref_seq_dif.details'         
# 
_pdbx_database_status.status_code                     REL 
_pdbx_database_status.entry_id                        1XOU 
_pdbx_database_status.recvd_initial_deposition_date   2004-10-06 
_pdbx_database_status.deposit_site                    RCSB 
_pdbx_database_status.process_site                    RCSB 
_pdbx_database_status.status_code_sf                  REL 
_pdbx_database_status.status_code_mr                  ? 
_pdbx_database_status.SG_entry                        ? 
_pdbx_database_status.pdb_format_compatible           Y 
_pdbx_database_status.status_code_cs                  ? 
_pdbx_database_status.status_code_nmr_data            ? 
_pdbx_database_status.methods_development_category    ? 
# 
loop_
_audit_author.name 
_audit_author.pdbx_ordinal 
'Yip, C.K.'         1 
'Finlay, B.B.'      2 
'Strynadka, N.C.J.' 3 
# 
_citation.id                        primary 
_citation.title                     
'Structural characterization of a type III secretion system filament protein in complex with its chaperone.' 
_citation.journal_abbrev            Nat.Struct.Mol.Biol. 
_citation.journal_volume            12 
_citation.page_first                75 
_citation.page_last                 81 
_citation.year                      2005 
_citation.journal_id_ASTM           ? 
_citation.country                   US 
_citation.journal_id_ISSN           1545-9993 
_citation.journal_id_CSD            ? 
_citation.book_publisher            ? 
_citation.pdbx_database_id_PubMed   15619638 
_citation.pdbx_database_id_DOI      10.1038/nsmb879 
# 
loop_
_citation_author.citation_id 
_citation_author.name 
_citation_author.ordinal 
_citation_author.identifier_ORCID 
primary 'Yip, C.K.'         1 ? 
primary 'Finlay, B.B.'      2 ? 
primary 'Strynadka, N.C.J.' 3 ? 
# 
loop_
_entity.id 
_entity.type 
_entity.src_method 
_entity.pdbx_description 
_entity.formula_weight 
_entity.pdbx_number_of_molecules 
_entity.pdbx_ec 
_entity.pdbx_mutation 
_entity.pdbx_fragment 
_entity.details 
1 polymer man EspA                 20904.867 1 ? ?   ? ? 
2 polymer man 'Z5138 gene product' 10808.205 1 ? S2G ? ? 
# 
loop_
_entity_poly.entity_id 
_entity_poly.type 
_entity_poly.nstd_linkage 
_entity_poly.nstd_monomer 
_entity_poly.pdbx_seq_one_letter_code 
_entity_poly.pdbx_seq_one_letter_code_can 
_entity_poly.pdbx_strand_id 
_entity_poly.pdbx_target_identifier 
1 'polypeptide(L)' no yes 
;(MSE)DTSTTASVASANASTSTS(MSE)AYDLGS(MSE)SKDDVIDLFNKLGVFQAAIL(MSE)FAY(MSE)YQAQSDLS
IAKFAD(MSE)NEASKESTTAQK(MSE)ANLVDAKIADVQSSSDKNAKAQLPDEVISYINDPRNDITISGIDNINAQLGA
GDLQTVKAAISAKANNLTTTVNNSQLEIQQ(MSE)SNTLNLLTSARSD(MSE)QSLQYRTISGISLGK
;
;MDTSTTASVASANASTSTSMAYDLGSMSKDDVIDLFNKLGVFQAAILMFAYMYQAQSDLSIAKFADMNEASKESTTAQKM
ANLVDAKIADVQSSSDKNAKAQLPDEVISYINDPRNDITISGIDNINAQLGAGDLQTVKAAISAKANNLTTTVNNSQLEI
QQMSNTLNLLTSARSDMQSLQYRTISGISLGK
;
A ? 
2 'polypeptide(L)' no yes 
;(MSE)GIVSQTRNKELLDKKIRSEIEAIKKIIAEFDVVKESVNELSEKAKTDPQAAEKLNKLIEGYTYGEERKLYDSALS
KIEKLIETLSPARSKSQST
;
;MGIVSQTRNKELLDKKIRSEIEAIKKIIAEFDVVKESVNELSEKAKTDPQAAEKLNKLIEGYTYGEERKLYDSALSKIEK
LIETLSPARSKSQST
;
B ? 
# 
loop_
_entity_poly_seq.entity_id 
_entity_poly_seq.num 
_entity_poly_seq.mon_id 
_entity_poly_seq.hetero 
1 1   MSE n 
1 2   ASP n 
1 3   THR n 
1 4   SER n 
1 5   THR n 
1 6   THR n 
1 7   ALA n 
1 8   SER n 
1 9   VAL n 
1 10  ALA n 
1 11  SER n 
1 12  ALA n 
1 13  ASN n 
1 14  ALA n 
1 15  SER n 
1 16  THR n 
1 17  SER n 
1 18  THR n 
1 19  SER n 
1 20  MSE n 
1 21  ALA n 
1 22  TYR n 
1 23  ASP n 
1 24  LEU n 
1 25  GLY n 
1 26  SER n 
1 27  MSE n 
1 28  SER n 
1 29  LYS n 
1 30  ASP n 
1 31  ASP n 
1 32  VAL n 
1 33  ILE n 
1 34  ASP n 
1 35  LEU n 
1 36  PHE n 
1 37  ASN n 
1 38  LYS n 
1 39  LEU n 
1 40  GLY n 
1 41  VAL n 
1 42  PHE n 
1 43  GLN n 
1 44  ALA n 
1 45  ALA n 
1 46  ILE n 
1 47  LEU n 
1 48  MSE n 
1 49  PHE n 
1 50  ALA n 
1 51  TYR n 
1 52  MSE n 
1 53  TYR n 
1 54  GLN n 
1 55  ALA n 
1 56  GLN n 
1 57  SER n 
1 58  ASP n 
1 59  LEU n 
1 60  SER n 
1 61  ILE n 
1 62  ALA n 
1 63  LYS n 
1 64  PHE n 
1 65  ALA n 
1 66  ASP n 
1 67  MSE n 
1 68  ASN n 
1 69  GLU n 
1 70  ALA n 
1 71  SER n 
1 72  LYS n 
1 73  GLU n 
1 74  SER n 
1 75  THR n 
1 76  THR n 
1 77  ALA n 
1 78  GLN n 
1 79  LYS n 
1 80  MSE n 
1 81  ALA n 
1 82  ASN n 
1 83  LEU n 
1 84  VAL n 
1 85  ASP n 
1 86  ALA n 
1 87  LYS n 
1 88  ILE n 
1 89  ALA n 
1 90  ASP n 
1 91  VAL n 
1 92  GLN n 
1 93  SER n 
1 94  SER n 
1 95  SER n 
1 96  ASP n 
1 97  LYS n 
1 98  ASN n 
1 99  ALA n 
1 100 LYS n 
1 101 ALA n 
1 102 GLN n 
1 103 LEU n 
1 104 PRO n 
1 105 ASP n 
1 106 GLU n 
1 107 VAL n 
1 108 ILE n 
1 109 SER n 
1 110 TYR n 
1 111 ILE n 
1 112 ASN n 
1 113 ASP n 
1 114 PRO n 
1 115 ARG n 
1 116 ASN n 
1 117 ASP n 
1 118 ILE n 
1 119 THR n 
1 120 ILE n 
1 121 SER n 
1 122 GLY n 
1 123 ILE n 
1 124 ASP n 
1 125 ASN n 
1 126 ILE n 
1 127 ASN n 
1 128 ALA n 
1 129 GLN n 
1 130 LEU n 
1 131 GLY n 
1 132 ALA n 
1 133 GLY n 
1 134 ASP n 
1 135 LEU n 
1 136 GLN n 
1 137 THR n 
1 138 VAL n 
1 139 LYS n 
1 140 ALA n 
1 141 ALA n 
1 142 ILE n 
1 143 SER n 
1 144 ALA n 
1 145 LYS n 
1 146 ALA n 
1 147 ASN n 
1 148 ASN n 
1 149 LEU n 
1 150 THR n 
1 151 THR n 
1 152 THR n 
1 153 VAL n 
1 154 ASN n 
1 155 ASN n 
1 156 SER n 
1 157 GLN n 
1 158 LEU n 
1 159 GLU n 
1 160 ILE n 
1 161 GLN n 
1 162 GLN n 
1 163 MSE n 
1 164 SER n 
1 165 ASN n 
1 166 THR n 
1 167 LEU n 
1 168 ASN n 
1 169 LEU n 
1 170 LEU n 
1 171 THR n 
1 172 SER n 
1 173 ALA n 
1 174 ARG n 
1 175 SER n 
1 176 ASP n 
1 177 MSE n 
1 178 GLN n 
1 179 SER n 
1 180 LEU n 
1 181 GLN n 
1 182 TYR n 
1 183 ARG n 
1 184 THR n 
1 185 ILE n 
1 186 SER n 
1 187 GLY n 
1 188 ILE n 
1 189 SER n 
1 190 LEU n 
1 191 GLY n 
1 192 LYS n 
2 1   MSE n 
2 2   GLY n 
2 3   ILE n 
2 4   VAL n 
2 5   SER n 
2 6   GLN n 
2 7   THR n 
2 8   ARG n 
2 9   ASN n 
2 10  LYS n 
2 11  GLU n 
2 12  LEU n 
2 13  LEU n 
2 14  ASP n 
2 15  LYS n 
2 16  LYS n 
2 17  ILE n 
2 18  ARG n 
2 19  SER n 
2 20  GLU n 
2 21  ILE n 
2 22  GLU n 
2 23  ALA n 
2 24  ILE n 
2 25  LYS n 
2 26  LYS n 
2 27  ILE n 
2 28  ILE n 
2 29  ALA n 
2 30  GLU n 
2 31  PHE n 
2 32  ASP n 
2 33  VAL n 
2 34  VAL n 
2 35  LYS n 
2 36  GLU n 
2 37  SER n 
2 38  VAL n 
2 39  ASN n 
2 40  GLU n 
2 41  LEU n 
2 42  SER n 
2 43  GLU n 
2 44  LYS n 
2 45  ALA n 
2 46  LYS n 
2 47  THR n 
2 48  ASP n 
2 49  PRO n 
2 50  GLN n 
2 51  ALA n 
2 52  ALA n 
2 53  GLU n 
2 54  LYS n 
2 55  LEU n 
2 56  ASN n 
2 57  LYS n 
2 58  LEU n 
2 59  ILE n 
2 60  GLU n 
2 61  GLY n 
2 62  TYR n 
2 63  THR n 
2 64  TYR n 
2 65  GLY n 
2 66  GLU n 
2 67  GLU n 
2 68  ARG n 
2 69  LYS n 
2 70  LEU n 
2 71  TYR n 
2 72  ASP n 
2 73  SER n 
2 74  ALA n 
2 75  LEU n 
2 76  SER n 
2 77  LYS n 
2 78  ILE n 
2 79  GLU n 
2 80  LYS n 
2 81  LEU n 
2 82  ILE n 
2 83  GLU n 
2 84  THR n 
2 85  LEU n 
2 86  SER n 
2 87  PRO n 
2 88  ALA n 
2 89  ARG n 
2 90  SER n 
2 91  LYS n 
2 92  SER n 
2 93  GLN n 
2 94  SER n 
2 95  THR n 
# 
loop_
_entity_src_gen.entity_id 
_entity_src_gen.pdbx_src_id 
_entity_src_gen.pdbx_alt_source_flag 
_entity_src_gen.pdbx_seq_type 
_entity_src_gen.pdbx_beg_seq_num 
_entity_src_gen.pdbx_end_seq_num 
_entity_src_gen.gene_src_common_name 
_entity_src_gen.gene_src_genus 
_entity_src_gen.pdbx_gene_src_gene 
_entity_src_gen.gene_src_species 
_entity_src_gen.gene_src_strain 
_entity_src_gen.gene_src_tissue 
_entity_src_gen.gene_src_tissue_fraction 
_entity_src_gen.gene_src_details 
_entity_src_gen.pdbx_gene_src_fragment 
_entity_src_gen.pdbx_gene_src_scientific_name 
_entity_src_gen.pdbx_gene_src_ncbi_taxonomy_id 
_entity_src_gen.pdbx_gene_src_variant 
_entity_src_gen.pdbx_gene_src_cell_line 
_entity_src_gen.pdbx_gene_src_atcc 
_entity_src_gen.pdbx_gene_src_organ 
_entity_src_gen.pdbx_gene_src_organelle 
_entity_src_gen.pdbx_gene_src_cell 
_entity_src_gen.pdbx_gene_src_cellular_location 
_entity_src_gen.host_org_common_name 
_entity_src_gen.pdbx_host_org_scientific_name 
_entity_src_gen.pdbx_host_org_ncbi_taxonomy_id 
_entity_src_gen.host_org_genus 
_entity_src_gen.pdbx_host_org_gene 
_entity_src_gen.pdbx_host_org_organ 
_entity_src_gen.host_org_species 
_entity_src_gen.pdbx_host_org_tissue 
_entity_src_gen.pdbx_host_org_tissue_fraction 
_entity_src_gen.pdbx_host_org_strain 
_entity_src_gen.pdbx_host_org_variant 
_entity_src_gen.pdbx_host_org_cell_line 
_entity_src_gen.pdbx_host_org_atcc 
_entity_src_gen.pdbx_host_org_culture_collection 
_entity_src_gen.pdbx_host_org_cell 
_entity_src_gen.pdbx_host_org_organelle 
_entity_src_gen.pdbx_host_org_cellular_location 
_entity_src_gen.pdbx_host_org_vector_type 
_entity_src_gen.pdbx_host_org_vector 
_entity_src_gen.host_org_details 
_entity_src_gen.expression_system_id 
_entity_src_gen.plasmid_name 
_entity_src_gen.plasmid_details 
_entity_src_gen.pdbx_description 
1 1 sample ? ? ? ? Escherichia espA ? ? ? ? ? ? 'Escherichia coli' 562 ? ? ? ? ? ? ? ? 'Escherichia coli BL21' 511693 Escherichia 
? ? 'Escherichia coli' ? ? BL21 ? ? ? ? ? ? ? PLASMID ? ? ? pET28a ? ? 
2 1 sample ? ? ? ? Escherichia orf3 ? ? ? ? ? ? 'Escherichia coli' 562 ? ? ? ? ? ? ? ? 'Escherichia coli BL21' 511693 Escherichia 
? ? 'Escherichia coli' ? ? BL21 ? ? ? ? ? ? ? PLASMID ? ? ? pET28a ? ? 
# 
loop_
_chem_comp.id 
_chem_comp.type 
_chem_comp.mon_nstd_flag 
_chem_comp.name 
_chem_comp.pdbx_synonyms 
_chem_comp.formula 
_chem_comp.formula_weight 
ALA 'L-peptide linking' y ALANINE          ? 'C3 H7 N O2'     89.093  
ARG 'L-peptide linking' y ARGININE         ? 'C6 H15 N4 O2 1' 175.209 
ASN 'L-peptide linking' y ASPARAGINE       ? 'C4 H8 N2 O3'    132.118 
ASP 'L-peptide linking' y 'ASPARTIC ACID'  ? 'C4 H7 N O4'     133.103 
GLN 'L-peptide linking' y GLUTAMINE        ? 'C5 H10 N2 O3'   146.144 
GLU 'L-peptide linking' y 'GLUTAMIC ACID'  ? 'C5 H9 N O4'     147.129 
GLY 'peptide linking'   y GLYCINE          ? 'C2 H5 N O2'     75.067  
ILE 'L-peptide linking' y ISOLEUCINE       ? 'C6 H13 N O2'    131.173 
LEU 'L-peptide linking' y LEUCINE          ? 'C6 H13 N O2'    131.173 
LYS 'L-peptide linking' y LYSINE           ? 'C6 H15 N2 O2 1' 147.195 
MET 'L-peptide linking' y METHIONINE       ? 'C5 H11 N O2 S'  149.211 
MSE 'L-peptide linking' n SELENOMETHIONINE ? 'C5 H11 N O2 Se' 196.106 
PHE 'L-peptide linking' y PHENYLALANINE    ? 'C9 H11 N O2'    165.189 
PRO 'L-peptide linking' y PROLINE          ? 'C5 H9 N O2'     115.130 
SER 'L-peptide linking' y SERINE           ? 'C3 H7 N O3'     105.093 
THR 'L-peptide linking' y THREONINE        ? 'C4 H9 N O3'     119.119 
TYR 'L-peptide linking' y TYROSINE         ? 'C9 H11 N O3'    181.189 
VAL 'L-peptide linking' y VALINE           ? 'C5 H11 N O2'    117.146 
# 
loop_
_pdbx_poly_seq_scheme.asym_id 
_pdbx_poly_seq_scheme.entity_id 
_pdbx_poly_seq_scheme.seq_id 
_pdbx_poly_seq_scheme.mon_id 
_pdbx_poly_seq_scheme.ndb_seq_num 
_pdbx_poly_seq_scheme.pdb_seq_num 
_pdbx_poly_seq_scheme.auth_seq_num 
_pdbx_poly_seq_scheme.pdb_mon_id 
_pdbx_poly_seq_scheme.auth_mon_id 
_pdbx_poly_seq_scheme.pdb_strand_id 
_pdbx_poly_seq_scheme.pdb_ins_code 
_pdbx_poly_seq_scheme.hetero 
A 1 1   MSE 1   1   ?   ?   ?   A . n 
A 1 2   ASP 2   2   ?   ?   ?   A . n 
A 1 3   THR 3   3   ?   ?   ?   A . n 
A 1 4   SER 4   4   ?   ?   ?   A . n 
A 1 5   THR 5   5   ?   ?   ?   A . n 
A 1 6   THR 6   6   ?   ?   ?   A . n 
A 1 7   ALA 7   7   ?   ?   ?   A . n 
A 1 8   SER 8   8   ?   ?   ?   A . n 
A 1 9   VAL 9   9   ?   ?   ?   A . n 
A 1 10  ALA 10  10  ?   ?   ?   A . n 
A 1 11  SER 11  11  ?   ?   ?   A . n 
A 1 12  ALA 12  12  ?   ?   ?   A . n 
A 1 13  ASN 13  13  ?   ?   ?   A . n 
A 1 14  ALA 14  14  ?   ?   ?   A . n 
A 1 15  SER 15  15  ?   ?   ?   A . n 
A 1 16  THR 16  16  ?   ?   ?   A . n 
A 1 17  SER 17  17  ?   ?   ?   A . n 
A 1 18  THR 18  18  ?   ?   ?   A . n 
A 1 19  SER 19  19  ?   ?   ?   A . n 
A 1 20  MSE 20  20  ?   ?   ?   A . n 
A 1 21  ALA 21  21  ?   ?   ?   A . n 
A 1 22  TYR 22  22  ?   ?   ?   A . n 
A 1 23  ASP 23  23  ?   ?   ?   A . n 
A 1 24  LEU 24  24  ?   ?   ?   A . n 
A 1 25  GLY 25  25  ?   ?   ?   A . n 
A 1 26  SER 26  26  ?   ?   ?   A . n 
A 1 27  MSE 27  27  ?   ?   ?   A . n 
A 1 28  SER 28  28  ?   ?   ?   A . n 
A 1 29  LYS 29  29  ?   ?   ?   A . n 
A 1 30  ASP 30  30  ?   ?   ?   A . n 
A 1 31  ASP 31  31  31  ASP ASP A . n 
A 1 32  VAL 32  32  32  VAL VAL A . n 
A 1 33  ILE 33  33  33  ILE ILE A . n 
A 1 34  ASP 34  34  34  ASP ASP A . n 
A 1 35  LEU 35  35  35  LEU LEU A . n 
A 1 36  PHE 36  36  36  PHE PHE A . n 
A 1 37  ASN 37  37  37  ASN ASN A . n 
A 1 38  LYS 38  38  38  LYS LYS A . n 
A 1 39  LEU 39  39  39  LEU LEU A . n 
A 1 40  GLY 40  40  40  GLY GLY A . n 
A 1 41  VAL 41  41  41  VAL VAL A . n 
A 1 42  PHE 42  42  42  PHE PHE A . n 
A 1 43  GLN 43  43  43  GLN GLN A . n 
A 1 44  ALA 44  44  44  ALA ALA A . n 
A 1 45  ALA 45  45  45  ALA ALA A . n 
A 1 46  ILE 46  46  46  ILE ILE A . n 
A 1 47  LEU 47  47  47  LEU LEU A . n 
A 1 48  MSE 48  48  48  MSE MSE A . n 
A 1 49  PHE 49  49  49  PHE PHE A . n 
A 1 50  ALA 50  50  50  ALA ALA A . n 
A 1 51  TYR 51  51  51  TYR TYR A . n 
A 1 52  MSE 52  52  52  MSE MSE A . n 
A 1 53  TYR 53  53  53  TYR TYR A . n 
A 1 54  GLN 54  54  54  GLN GLN A . n 
A 1 55  ALA 55  55  55  ALA ALA A . n 
A 1 56  GLN 56  56  56  GLN GLN A . n 
A 1 57  SER 57  57  57  SER SER A . n 
A 1 58  ASP 58  58  58  ASP ASP A . n 
A 1 59  LEU 59  59  59  LEU LEU A . n 
A 1 60  SER 60  60  ?   ?   ?   A . n 
A 1 61  ILE 61  61  ?   ?   ?   A . n 
A 1 62  ALA 62  62  ?   ?   ?   A . n 
A 1 63  LYS 63  63  ?   ?   ?   A . n 
A 1 64  PHE 64  64  ?   ?   ?   A . n 
A 1 65  ALA 65  65  ?   ?   ?   A . n 
A 1 66  ASP 66  66  ?   ?   ?   A . n 
A 1 67  MSE 67  67  ?   ?   ?   A . n 
A 1 68  ASN 68  68  ?   ?   ?   A . n 
A 1 69  GLU 69  69  ?   ?   ?   A . n 
A 1 70  ALA 70  70  ?   ?   ?   A . n 
A 1 71  SER 71  71  ?   ?   ?   A . n 
A 1 72  LYS 72  72  ?   ?   ?   A . n 
A 1 73  GLU 73  73  ?   ?   ?   A . n 
A 1 74  SER 74  74  ?   ?   ?   A . n 
A 1 75  THR 75  75  ?   ?   ?   A . n 
A 1 76  THR 76  76  ?   ?   ?   A . n 
A 1 77  ALA 77  77  ?   ?   ?   A . n 
A 1 78  GLN 78  78  ?   ?   ?   A . n 
A 1 79  LYS 79  79  ?   ?   ?   A . n 
A 1 80  MSE 80  80  ?   ?   ?   A . n 
A 1 81  ALA 81  81  ?   ?   ?   A . n 
A 1 82  ASN 82  82  ?   ?   ?   A . n 
A 1 83  LEU 83  83  ?   ?   ?   A . n 
A 1 84  VAL 84  84  ?   ?   ?   A . n 
A 1 85  ASP 85  85  ?   ?   ?   A . n 
A 1 86  ALA 86  86  ?   ?   ?   A . n 
A 1 87  LYS 87  87  ?   ?   ?   A . n 
A 1 88  ILE 88  88  ?   ?   ?   A . n 
A 1 89  ALA 89  89  ?   ?   ?   A . n 
A 1 90  ASP 90  90  ?   ?   ?   A . n 
A 1 91  VAL 91  91  ?   ?   ?   A . n 
A 1 92  GLN 92  92  ?   ?   ?   A . n 
A 1 93  SER 93  93  ?   ?   ?   A . n 
A 1 94  SER 94  94  ?   ?   ?   A . n 
A 1 95  SER 95  95  ?   ?   ?   A . n 
A 1 96  ASP 96  96  ?   ?   ?   A . n 
A 1 97  LYS 97  97  ?   ?   ?   A . n 
A 1 98  ASN 98  98  ?   ?   ?   A . n 
A 1 99  ALA 99  99  ?   ?   ?   A . n 
A 1 100 LYS 100 100 ?   ?   ?   A . n 
A 1 101 ALA 101 101 ?   ?   ?   A . n 
A 1 102 GLN 102 102 ?   ?   ?   A . n 
A 1 103 LEU 103 103 ?   ?   ?   A . n 
A 1 104 PRO 104 104 ?   ?   ?   A . n 
A 1 105 ASP 105 105 ?   ?   ?   A . n 
A 1 106 GLU 106 106 ?   ?   ?   A . n 
A 1 107 VAL 107 107 ?   ?   ?   A . n 
A 1 108 ILE 108 108 ?   ?   ?   A . n 
A 1 109 SER 109 109 ?   ?   ?   A . n 
A 1 110 TYR 110 110 ?   ?   ?   A . n 
A 1 111 ILE 111 111 ?   ?   ?   A . n 
A 1 112 ASN 112 112 ?   ?   ?   A . n 
A 1 113 ASP 113 113 ?   ?   ?   A . n 
A 1 114 PRO 114 114 ?   ?   ?   A . n 
A 1 115 ARG 115 115 ?   ?   ?   A . n 
A 1 116 ASN 116 116 ?   ?   ?   A . n 
A 1 117 ASP 117 117 ?   ?   ?   A . n 
A 1 118 ILE 118 118 ?   ?   ?   A . n 
A 1 119 THR 119 119 ?   ?   ?   A . n 
A 1 120 ILE 120 120 ?   ?   ?   A . n 
A 1 121 SER 121 121 ?   ?   ?   A . n 
A 1 122 GLY 122 122 ?   ?   ?   A . n 
A 1 123 ILE 123 123 ?   ?   ?   A . n 
A 1 124 ASP 124 124 ?   ?   ?   A . n 
A 1 125 ASN 125 125 ?   ?   ?   A . n 
A 1 126 ILE 126 126 ?   ?   ?   A . n 
A 1 127 ASN 127 127 ?   ?   ?   A . n 
A 1 128 ALA 128 128 ?   ?   ?   A . n 
A 1 129 GLN 129 129 ?   ?   ?   A . n 
A 1 130 LEU 130 130 ?   ?   ?   A . n 
A 1 131 GLY 131 131 ?   ?   ?   A . n 
A 1 132 ALA 132 132 ?   ?   ?   A . n 
A 1 133 GLY 133 133 ?   ?   ?   A . n 
A 1 134 ASP 134 134 ?   ?   ?   A . n 
A 1 135 LEU 135 135 ?   ?   ?   A . n 
A 1 136 GLN 136 136 ?   ?   ?   A . n 
A 1 137 THR 137 137 ?   ?   ?   A . n 
A 1 138 VAL 138 138 ?   ?   ?   A . n 
A 1 139 LYS 139 139 ?   ?   ?   A . n 
A 1 140 ALA 140 140 ?   ?   ?   A . n 
A 1 141 ALA 141 141 ?   ?   ?   A . n 
A 1 142 ILE 142 142 ?   ?   ?   A . n 
A 1 143 SER 143 143 ?   ?   ?   A . n 
A 1 144 ALA 144 144 ?   ?   ?   A . n 
A 1 145 LYS 145 145 ?   ?   ?   A . n 
A 1 146 ALA 146 146 ?   ?   ?   A . n 
A 1 147 ASN 147 147 ?   ?   ?   A . n 
A 1 148 ASN 148 148 148 ASN ASN A . n 
A 1 149 LEU 149 149 149 LEU LEU A . n 
A 1 150 THR 150 150 150 THR THR A . n 
A 1 151 THR 151 151 151 THR THR A . n 
A 1 152 THR 152 152 152 THR THR A . n 
A 1 153 VAL 153 153 153 VAL VAL A . n 
A 1 154 ASN 154 154 154 ASN ASN A . n 
A 1 155 ASN 155 155 155 ASN ASN A . n 
A 1 156 SER 156 156 156 SER SER A . n 
A 1 157 GLN 157 157 157 GLN GLN A . n 
A 1 158 LEU 158 158 158 LEU LEU A . n 
A 1 159 GLU 159 159 159 GLU GLU A . n 
A 1 160 ILE 160 160 160 ILE ILE A . n 
A 1 161 GLN 161 161 161 GLN GLN A . n 
A 1 162 GLN 162 162 162 GLN GLN A . n 
A 1 163 MSE 163 163 163 MSE MSE A . n 
A 1 164 SER 164 164 164 SER SER A . n 
A 1 165 ASN 165 165 165 ASN ASN A . n 
A 1 166 THR 166 166 166 THR THR A . n 
A 1 167 LEU 167 167 167 LEU LEU A . n 
A 1 168 ASN 168 168 168 ASN ASN A . n 
A 1 169 LEU 169 169 169 LEU LEU A . n 
A 1 170 LEU 170 170 170 LEU LEU A . n 
A 1 171 THR 171 171 171 THR THR A . n 
A 1 172 SER 172 172 172 SER SER A . n 
A 1 173 ALA 173 173 173 ALA ALA A . n 
A 1 174 ARG 174 174 174 ARG ARG A . n 
A 1 175 SER 175 175 175 SER SER A . n 
A 1 176 ASP 176 176 176 ASP ASP A . n 
A 1 177 MSE 177 177 177 MSE MSE A . n 
A 1 178 GLN 178 178 178 GLN GLN A . n 
A 1 179 SER 179 179 179 SER SER A . n 
A 1 180 LEU 180 180 180 LEU LEU A . n 
A 1 181 GLN 181 181 181 GLN GLN A . n 
A 1 182 TYR 182 182 182 TYR TYR A . n 
A 1 183 ARG 183 183 183 ARG ARG A . n 
A 1 184 THR 184 184 184 THR THR A . n 
A 1 185 ILE 185 185 185 ILE ILE A . n 
A 1 186 SER 186 186 186 SER SER A . n 
A 1 187 GLY 187 187 187 GLY GLY A . n 
A 1 188 ILE 188 188 188 ILE ILE A . n 
A 1 189 SER 189 189 189 SER SER A . n 
A 1 190 LEU 190 190 190 LEU LEU A . n 
A 1 191 GLY 191 191 ?   ?   ?   A . n 
A 1 192 LYS 192 192 ?   ?   ?   A . n 
B 2 1   MSE 1   1   ?   ?   ?   B . n 
B 2 2   GLY 2   2   2   GLY GLY B . n 
B 2 3   ILE 3   3   3   ILE ILE B . n 
B 2 4   VAL 4   4   4   VAL VAL B . n 
B 2 5   SER 5   5   5   SER SER B . n 
B 2 6   GLN 6   6   6   GLN GLN B . n 
B 2 7   THR 7   7   7   THR THR B . n 
B 2 8   ARG 8   8   8   ARG ARG B . n 
B 2 9   ASN 9   9   9   ASN ASN B . n 
B 2 10  LYS 10  10  10  LYS LYS B . n 
B 2 11  GLU 11  11  11  GLU GLU B . n 
B 2 12  LEU 12  12  12  LEU LEU B . n 
B 2 13  LEU 13  13  13  LEU LEU B . n 
B 2 14  ASP 14  14  14  ASP ASP B . n 
B 2 15  LYS 15  15  15  LYS LYS B . n 
B 2 16  LYS 16  16  16  LYS LYS B . n 
B 2 17  ILE 17  17  17  ILE ILE B . n 
B 2 18  ARG 18  18  18  ARG ARG B . n 
B 2 19  SER 19  19  19  SER SER B . n 
B 2 20  GLU 20  20  20  GLU GLU B . n 
B 2 21  ILE 21  21  21  ILE ILE B . n 
B 2 22  GLU 22  22  22  GLU GLU B . n 
B 2 23  ALA 23  23  23  ALA ALA B . n 
B 2 24  ILE 24  24  24  ILE ILE B . n 
B 2 25  LYS 25  25  25  LYS LYS B . n 
B 2 26  LYS 26  26  26  LYS LYS B . n 
B 2 27  ILE 27  27  27  ILE ILE B . n 
B 2 28  ILE 28  28  28  ILE ILE B . n 
B 2 29  ALA 29  29  29  ALA ALA B . n 
B 2 30  GLU 30  30  30  GLU GLU B . n 
B 2 31  PHE 31  31  31  PHE PHE B . n 
B 2 32  ASP 32  32  32  ASP ASP B . n 
B 2 33  VAL 33  33  33  VAL VAL B . n 
B 2 34  VAL 34  34  34  VAL VAL B . n 
B 2 35  LYS 35  35  35  LYS LYS B . n 
B 2 36  GLU 36  36  36  GLU GLU B . n 
B 2 37  SER 37  37  37  SER SER B . n 
B 2 38  VAL 38  38  38  VAL VAL B . n 
B 2 39  ASN 39  39  39  ASN ASN B . n 
B 2 40  GLU 40  40  40  GLU GLU B . n 
B 2 41  LEU 41  41  41  LEU LEU B . n 
B 2 42  SER 42  42  42  SER SER B . n 
B 2 43  GLU 43  43  43  GLU GLU B . n 
B 2 44  LYS 44  44  44  LYS LYS B . n 
B 2 45  ALA 45  45  45  ALA ALA B . n 
B 2 46  LYS 46  46  46  LYS LYS B . n 
B 2 47  THR 47  47  47  THR THR B . n 
B 2 48  ASP 48  48  48  ASP ASP B . n 
B 2 49  PRO 49  49  49  PRO PRO B . n 
B 2 50  GLN 50  50  50  GLN GLN B . n 
B 2 51  ALA 51  51  51  ALA ALA B . n 
B 2 52  ALA 52  52  52  ALA ALA B . n 
B 2 53  GLU 53  53  53  GLU GLU B . n 
B 2 54  LYS 54  54  54  LYS LYS B . n 
B 2 55  LEU 55  55  55  LEU LEU B . n 
B 2 56  ASN 56  56  56  ASN ASN B . n 
B 2 57  LYS 57  57  57  LYS LYS B . n 
B 2 58  LEU 58  58  58  LEU LEU B . n 
B 2 59  ILE 59  59  59  ILE ILE B . n 
B 2 60  GLU 60  60  60  GLU GLU B . n 
B 2 61  GLY 61  61  61  GLY GLY B . n 
B 2 62  TYR 62  62  62  TYR TYR B . n 
B 2 63  THR 63  63  63  THR THR B . n 
B 2 64  TYR 64  64  64  TYR TYR B . n 
B 2 65  GLY 65  65  65  GLY GLY B . n 
B 2 66  GLU 66  66  66  GLU GLU B . n 
B 2 67  GLU 67  67  67  GLU GLU B . n 
B 2 68  ARG 68  68  68  ARG ARG B . n 
B 2 69  LYS 69  69  69  LYS LYS B . n 
B 2 70  LEU 70  70  70  LEU LEU B . n 
B 2 71  TYR 71  71  71  TYR TYR B . n 
B 2 72  ASP 72  72  72  ASP ASP B . n 
B 2 73  SER 73  73  73  SER SER B . n 
B 2 74  ALA 74  74  74  ALA ALA B . n 
B 2 75  LEU 75  75  75  LEU LEU B . n 
B 2 76  SER 76  76  76  SER SER B . n 
B 2 77  LYS 77  77  77  LYS LYS B . n 
B 2 78  ILE 78  78  78  ILE ILE B . n 
B 2 79  GLU 79  79  79  GLU GLU B . n 
B 2 80  LYS 80  80  80  LYS LYS B . n 
B 2 81  LEU 81  81  81  LEU LEU B . n 
B 2 82  ILE 82  82  82  ILE ILE B . n 
B 2 83  GLU 83  83  83  GLU GLU B . n 
B 2 84  THR 84  84  84  THR THR B . n 
B 2 85  LEU 85  85  85  LEU LEU B . n 
B 2 86  SER 86  86  ?   ?   ?   B . n 
B 2 87  PRO 87  87  ?   ?   ?   B . n 
B 2 88  ALA 88  88  ?   ?   ?   B . n 
B 2 89  ARG 89  89  ?   ?   ?   B . n 
B 2 90  SER 90  90  ?   ?   ?   B . n 
B 2 91  LYS 91  91  ?   ?   ?   B . n 
B 2 92  SER 92  92  ?   ?   ?   B . n 
B 2 93  GLN 93  93  ?   ?   ?   B . n 
B 2 94  SER 94  94  ?   ?   ?   B . n 
B 2 95  THR 95  95  ?   ?   ?   B . n 
# 
loop_
_software.name 
_software.classification 
_software.version 
_software.citation_id 
_software.pdbx_ordinal 
CNS    refinement       1.1       ? 1 
MOSFLM 'data reduction' .         ? 2 
CCP4   'data scaling'   '(SCALA)' ? 3 
SOLVE  phasing          .         ? 4 
# 
_cell.entry_id           1XOU 
_cell.length_a           35.422 
_cell.length_b           72.383 
_cell.length_c           95.679 
_cell.angle_alpha        90.00 
_cell.angle_beta         90.00 
_cell.angle_gamma        90.00 
_cell.Z_PDB              4 
_cell.pdbx_unique_axis   ? 
# 
_symmetry.entry_id                         1XOU 
_symmetry.space_group_name_H-M             'P 21 21 21' 
_symmetry.pdbx_full_space_group_name_H-M   ? 
_symmetry.cell_setting                     ? 
_symmetry.Int_Tables_number                19 
_symmetry.space_group_name_Hall            ? 
# 
_exptl.entry_id          1XOU 
_exptl.method            'X-RAY DIFFRACTION' 
_exptl.crystals_number   1 
# 
_exptl_crystal.id                    1 
_exptl_crystal.density_meas          ? 
_exptl_crystal.density_Matthews      1.89 
_exptl_crystal.density_percent_sol   34.8 
_exptl_crystal.description           ? 
_exptl_crystal.F_000                 ? 
_exptl_crystal.preparation           ? 
# 
_exptl_crystal_grow.crystal_id      1 
_exptl_crystal_grow.method          'VAPOR DIFFUSION' 
_exptl_crystal_grow.temp            293 
_exptl_crystal_grow.temp_details    ? 
_exptl_crystal_grow.pH              8.5 
_exptl_crystal_grow.pdbx_details    'PEG 1500, Tris, pH 8.5, VAPOR DIFFUSION, temperature 293K' 
_exptl_crystal_grow.pdbx_pH_range   . 
# 
_diffrn.id                     1 
_diffrn.ambient_temp           100 
_diffrn.ambient_temp_details   ? 
_diffrn.crystal_id             1 
# 
_diffrn_detector.diffrn_id              1 
_diffrn_detector.detector               CCD 
_diffrn_detector.type                   'ADSC QUANTUM 4' 
_diffrn_detector.pdbx_collection_date   2004-01-31 
_diffrn_detector.details                ? 
# 
_diffrn_radiation.diffrn_id                        1 
_diffrn_radiation.wavelength_id                    1 
_diffrn_radiation.pdbx_monochromatic_or_laue_m_l   M 
_diffrn_radiation.monochromator                    'Double crystal Si(111)' 
_diffrn_radiation.pdbx_diffrn_protocol             'SINGLE WAVELENGTH' 
_diffrn_radiation.pdbx_scattering_type             x-ray 
# 
_diffrn_radiation_wavelength.id           1 
_diffrn_radiation_wavelength.wavelength   0.9795 
_diffrn_radiation_wavelength.wt           1.0 
# 
_diffrn_source.diffrn_id                   1 
_diffrn_source.source                      SYNCHROTRON 
_diffrn_source.type                        'ALS BEAMLINE 8.2.2' 
_diffrn_source.pdbx_synchrotron_site       ALS 
_diffrn_source.pdbx_synchrotron_beamline   8.2.2 
_diffrn_source.pdbx_wavelength             ? 
_diffrn_source.pdbx_wavelength_list        0.9795 
# 
_reflns.entry_id                     1XOU 
_reflns.observed_criterion_sigma_I   2.8 
_reflns.observed_criterion_sigma_F   2.8 
_reflns.d_resolution_low             57.73 
_reflns.d_resolution_high            2.8 
_reflns.number_obs                   6480 
_reflns.number_all                   6480 
_reflns.percent_possible_obs         100 
_reflns.pdbx_Rmerge_I_obs            0.123 
_reflns.pdbx_Rsym_value              0.123 
_reflns.pdbx_netI_over_sigmaI        21.5 
_reflns.B_iso_Wilson_estimate        73.4 
_reflns.pdbx_redundancy              13.1 
_reflns.R_free_details               ? 
_reflns.limit_h_max                  ? 
_reflns.limit_h_min                  ? 
_reflns.limit_k_max                  ? 
_reflns.limit_k_min                  ? 
_reflns.limit_l_max                  ? 
_reflns.limit_l_min                  ? 
_reflns.observed_criterion_F_max     ? 
_reflns.observed_criterion_F_min     ? 
_reflns.pdbx_chi_squared             ? 
_reflns.pdbx_scaling_rejects         ? 
_reflns.pdbx_diffrn_id               1 
_reflns.pdbx_ordinal                 1 
# 
_reflns_shell.d_res_high             2.80 
_reflns_shell.d_res_low              2.94 
_reflns_shell.percent_possible_all   100 
_reflns_shell.Rmerge_I_obs           0.507 
_reflns_shell.pdbx_Rsym_value        0.507 
_reflns_shell.meanI_over_sigI_obs    4.1 
_reflns_shell.pdbx_redundancy        13.8 
_reflns_shell.percent_possible_obs   ? 
_reflns_shell.number_unique_all      930 
_reflns_shell.number_measured_all    ? 
_reflns_shell.number_measured_obs    ? 
_reflns_shell.number_unique_obs      ? 
_reflns_shell.pdbx_chi_squared       ? 
_reflns_shell.pdbx_diffrn_id         ? 
_reflns_shell.pdbx_ordinal           1 
# 
_refine.entry_id                                 1XOU 
_refine.ls_number_reflns_obs                     6480 
_refine.ls_number_reflns_all                     6480 
_refine.pdbx_ls_sigma_I                          ? 
_refine.pdbx_ls_sigma_F                          0.0 
_refine.pdbx_data_cutoff_high_absF               1147616.94 
_refine.pdbx_data_cutoff_low_absF                0.000000 
_refine.pdbx_data_cutoff_high_rms_absF           1147616.94 
_refine.ls_d_res_low                             57.73 
_refine.ls_d_res_high                            2.80 
_refine.ls_percent_reflns_obs                    99.9 
_refine.ls_R_factor_obs                          0.236 
_refine.ls_R_factor_all                          0.24 
_refine.ls_R_factor_R_work                       0.236 
_refine.ls_R_factor_R_free                       0.265 
_refine.ls_R_factor_R_free_error                 0.014 
_refine.ls_R_factor_R_free_error_details         ? 
_refine.ls_percent_reflns_R_free                 5.6 
_refine.ls_number_reflns_R_free                  362 
_refine.ls_number_parameters                     ? 
_refine.ls_number_restraints                     ? 
_refine.occupancy_min                            ? 
_refine.occupancy_max                            ? 
_refine.correlation_coeff_Fo_to_Fc               ? 
_refine.correlation_coeff_Fo_to_Fc_free          ? 
_refine.B_iso_mean                               70.2 
_refine.aniso_B[1][1]                            4.34 
_refine.aniso_B[2][2]                            20.17 
_refine.aniso_B[3][3]                            -24.51 
_refine.aniso_B[1][2]                            0.00 
_refine.aniso_B[1][3]                            0.00 
_refine.aniso_B[2][3]                            0.00 
_refine.solvent_model_details                    'FLAT MODEL' 
_refine.solvent_model_param_ksol                 0.381881 
_refine.solvent_model_param_bsol                 52.1325 
_refine.pdbx_solvent_vdw_probe_radii             ? 
_refine.pdbx_solvent_ion_probe_radii             ? 
_refine.pdbx_solvent_shrinkage_radii             ? 
_refine.pdbx_ls_cross_valid_method               THROUGHOUT 
_refine.details                                  ? 
_refine.pdbx_starting_model                      ? 
_refine.pdbx_method_to_determine_struct          SAD 
_refine.pdbx_isotropic_thermal_model             RESTRAINED 
_refine.pdbx_stereochemistry_target_values       'Engh & Huber' 
_refine.pdbx_stereochem_target_val_spec_case     ? 
_refine.pdbx_R_Free_selection_details            RANDOM 
_refine.pdbx_overall_ESU_R                       ? 
_refine.pdbx_overall_ESU_R_Free                  ? 
_refine.overall_SU_ML                            ? 
_refine.overall_SU_B                             ? 
_refine.ls_redundancy_reflns_obs                 ? 
_refine.B_iso_min                                ? 
_refine.B_iso_max                                ? 
_refine.overall_SU_R_Cruickshank_DPI             ? 
_refine.overall_SU_R_free                        ? 
_refine.ls_wR_factor_R_free                      ? 
_refine.ls_wR_factor_R_work                      ? 
_refine.overall_FOM_free_R_set                   ? 
_refine.overall_FOM_work_R_set                   ? 
_refine.pdbx_refine_id                           'X-RAY DIFFRACTION' 
_refine.pdbx_diffrn_id                           1 
_refine.pdbx_TLS_residual_ADP_flag               ? 
_refine.pdbx_overall_phase_error                 ? 
_refine.pdbx_overall_SU_R_free_Cruickshank_DPI   ? 
_refine.pdbx_overall_SU_R_Blow_DPI               ? 
_refine.pdbx_overall_SU_R_free_Blow_DPI          ? 
# 
_refine_analyze.entry_id                        1XOU 
_refine_analyze.Luzzati_coordinate_error_obs    0.34 
_refine_analyze.Luzzati_sigma_a_obs             0.32 
_refine_analyze.Luzzati_d_res_low_obs           5.00 
_refine_analyze.Luzzati_coordinate_error_free   0.44 
_refine_analyze.Luzzati_sigma_a_free            0.42 
_refine_analyze.Luzzati_d_res_low_free          ? 
_refine_analyze.number_disordered_residues      ? 
_refine_analyze.occupancy_sum_hydrogen          ? 
_refine_analyze.occupancy_sum_non_hydrogen      ? 
_refine_analyze.pdbx_Luzzati_d_res_high_obs     ? 
_refine_analyze.pdbx_refine_id                  'X-RAY DIFFRACTION' 
# 
_refine_hist.pdbx_refine_id                   'X-RAY DIFFRACTION' 
_refine_hist.cycle_id                         LAST 
_refine_hist.pdbx_number_atoms_protein        1238 
_refine_hist.pdbx_number_atoms_nucleic_acid   0 
_refine_hist.pdbx_number_atoms_ligand         0 
_refine_hist.number_atoms_solvent             0 
_refine_hist.number_atoms_total               1238 
_refine_hist.d_res_high                       2.80 
_refine_hist.d_res_low                        57.73 
# 
loop_
_refine_ls_restr.type 
_refine_ls_restr.dev_ideal 
_refine_ls_restr.dev_ideal_target 
_refine_ls_restr.weight 
_refine_ls_restr.number 
_refine_ls_restr.pdbx_refine_id 
_refine_ls_restr.pdbx_restraint_function 
c_bond_d                0.014 ?    ? ? 'X-RAY DIFFRACTION' ? 
c_bond_d_na             ?     ?    ? ? 'X-RAY DIFFRACTION' ? 
c_bond_d_prot           ?     ?    ? ? 'X-RAY DIFFRACTION' ? 
c_angle_d               ?     ?    ? ? 'X-RAY DIFFRACTION' ? 
c_angle_d_na            ?     ?    ? ? 'X-RAY DIFFRACTION' ? 
c_angle_d_prot          ?     ?    ? ? 'X-RAY DIFFRACTION' ? 
c_angle_deg             1.5   ?    ? ? 'X-RAY DIFFRACTION' ? 
c_angle_deg_na          ?     ?    ? ? 'X-RAY DIFFRACTION' ? 
c_angle_deg_prot        ?     ?    ? ? 'X-RAY DIFFRACTION' ? 
c_dihedral_angle_d      17.4  ?    ? ? 'X-RAY DIFFRACTION' ? 
c_dihedral_angle_d_na   ?     ?    ? ? 'X-RAY DIFFRACTION' ? 
c_dihedral_angle_d_prot ?     ?    ? ? 'X-RAY DIFFRACTION' ? 
c_improper_angle_d      1.25  ?    ? ? 'X-RAY DIFFRACTION' ? 
c_improper_angle_d_na   ?     ?    ? ? 'X-RAY DIFFRACTION' ? 
c_improper_angle_d_prot ?     ?    ? ? 'X-RAY DIFFRACTION' ? 
c_mcbond_it             1.31  1.50 ? ? 'X-RAY DIFFRACTION' ? 
c_mcangle_it            2.27  2.00 ? ? 'X-RAY DIFFRACTION' ? 
c_scbond_it             2.58  2.00 ? ? 'X-RAY DIFFRACTION' ? 
c_scangle_it            4.19  2.50 ? ? 'X-RAY DIFFRACTION' ? 
# 
_refine_ls_shell.pdbx_total_number_of_bins_used   6 
_refine_ls_shell.d_res_high                       2.80 
_refine_ls_shell.d_res_low                        2.98 
_refine_ls_shell.number_reflns_R_work             990 
_refine_ls_shell.R_factor_R_work                  0.274 
_refine_ls_shell.percent_reflns_obs               100.0 
_refine_ls_shell.R_factor_R_free                  0.308 
_refine_ls_shell.R_factor_R_free_error            0.038 
_refine_ls_shell.percent_reflns_R_free            6.1 
_refine_ls_shell.number_reflns_R_free             64 
_refine_ls_shell.number_reflns_obs                ? 
_refine_ls_shell.redundancy_reflns_obs            ? 
_refine_ls_shell.number_reflns_all                ? 
_refine_ls_shell.pdbx_refine_id                   'X-RAY DIFFRACTION' 
_refine_ls_shell.R_factor_all                     ? 
# 
loop_
_pdbx_xplor_file.serial_no 
_pdbx_xplor_file.param_file 
_pdbx_xplor_file.topol_file 
_pdbx_xplor_file.pdbx_refine_id 
1 PROTEIN_REP.PARAM PROTEIN.TOP 'X-RAY DIFFRACTION' 
2 WATER_REP.PARAM   WATER.TOP   'X-RAY DIFFRACTION' 
# 
_struct.entry_id                  1XOU 
_struct.title                     'Crystal structure of the CesA-EspA complex' 
_struct.pdbx_model_details        ? 
_struct.pdbx_CASP_flag            ? 
_struct.pdbx_model_type_details   ? 
# 
_struct_keywords.entry_id        1XOU 
_struct_keywords.pdbx_keywords   'Structural protein/chaperone' 
_struct_keywords.text            'coiled coil, helix bundle, heterodimer, Structural protein-chaperone COMPLEX' 
# 
loop_
_struct_asym.id 
_struct_asym.pdbx_blank_PDB_chainid_flag 
_struct_asym.pdbx_modified 
_struct_asym.entity_id 
_struct_asym.details 
A N N 1 ? 
B N N 2 ? 
# 
loop_
_struct_ref.id 
_struct_ref.db_name 
_struct_ref.db_code 
_struct_ref.pdbx_db_accession 
_struct_ref.entity_id 
_struct_ref.pdbx_seq_one_letter_code 
_struct_ref.pdbx_align_begin 
_struct_ref.pdbx_db_isoform 
1 UNP Q47184_ECOLI Q47184 1 
;MDTSTTASVASANASTSTSMAYDLGSMSKDDVIDLFNKLGVFQAAILMFAYMYQAQSDLSIAKFADMNEASKESTTAQKM
ANLVDAKIADVQSSSDKNAKAQLPDEVISYINDPRNDITISGIDNINAQLGAGDLQTVKAAISAKANNLTTTVNNSQLEI
QQMSNTLNLLTSARSDMQSLQYRTISGISLGK
;
1 ? 
2 UNP O52124_ECOLI O52124 2 
;MSIVSQTRNKELLDKKIRSEIEAIKKIIAEFDVVKESVNELSEKAKTDPQAAEKLNKLIEGYTYGEERKLYDSALSKIEK
LIETLSPARSKSQST
;
1 ? 
# 
loop_
_struct_ref_seq.align_id 
_struct_ref_seq.ref_id 
_struct_ref_seq.pdbx_PDB_id_code 
_struct_ref_seq.pdbx_strand_id 
_struct_ref_seq.seq_align_beg 
_struct_ref_seq.pdbx_seq_align_beg_ins_code 
_struct_ref_seq.seq_align_end 
_struct_ref_seq.pdbx_seq_align_end_ins_code 
_struct_ref_seq.pdbx_db_accession 
_struct_ref_seq.db_align_beg 
_struct_ref_seq.pdbx_db_align_beg_ins_code 
_struct_ref_seq.db_align_end 
_struct_ref_seq.pdbx_db_align_end_ins_code 
_struct_ref_seq.pdbx_auth_seq_align_beg 
_struct_ref_seq.pdbx_auth_seq_align_end 
1 1 1XOU A 1 ? 192 ? Q47184 1 ? 192 ? 1 192 
2 2 1XOU B 1 ? 95  ? O52124 1 ? 95  ? 1 95  
# 
loop_
_struct_ref_seq_dif.align_id 
_struct_ref_seq_dif.pdbx_pdb_id_code 
_struct_ref_seq_dif.mon_id 
_struct_ref_seq_dif.pdbx_pdb_strand_id 
_struct_ref_seq_dif.seq_num 
_struct_ref_seq_dif.pdbx_pdb_ins_code 
_struct_ref_seq_dif.pdbx_seq_db_name 
_struct_ref_seq_dif.pdbx_seq_db_accession_code 
_struct_ref_seq_dif.db_mon_id 
_struct_ref_seq_dif.pdbx_seq_db_seq_num 
_struct_ref_seq_dif.details 
_struct_ref_seq_dif.pdbx_auth_seq_num 
_struct_ref_seq_dif.pdbx_ordinal 
1 1XOU MSE A 1   ? UNP Q47184 MET 1   'modified residue'    1   1  
1 1XOU MSE A 20  ? UNP Q47184 MET 20  'modified residue'    20  2  
1 1XOU MSE A 27  ? UNP Q47184 MET 27  'modified residue'    27  3  
1 1XOU MSE A 48  ? UNP Q47184 MET 48  'modified residue'    48  4  
1 1XOU MSE A 52  ? UNP Q47184 MET 52  'modified residue'    52  5  
1 1XOU MSE A 67  ? UNP Q47184 MET 67  'modified residue'    67  6  
1 1XOU MSE A 80  ? UNP Q47184 MET 80  'modified residue'    80  7  
1 1XOU MSE A 163 ? UNP Q47184 MET 163 'modified residue'    163 8  
1 1XOU MSE A 177 ? UNP Q47184 MET 177 'modified residue'    177 9  
2 1XOU MSE B 1   ? UNP O52124 MET 1   'modified residue'    1   10 
2 1XOU GLY B 2   ? UNP O52124 SER 2   'engineered mutation' 2   11 
# 
_pdbx_struct_assembly.id                   1 
_pdbx_struct_assembly.details              author_and_software_defined_assembly 
_pdbx_struct_assembly.method_details       PISA 
_pdbx_struct_assembly.oligomeric_details   dimeric 
_pdbx_struct_assembly.oligomeric_count     2 
# 
loop_
_pdbx_struct_assembly_prop.biol_id 
_pdbx_struct_assembly_prop.type 
_pdbx_struct_assembly_prop.value 
_pdbx_struct_assembly_prop.details 
1 'ABSA (A^2)' 4900 ? 
1 MORE         -49  ? 
1 'SSA (A^2)'  9180 ? 
# 
_pdbx_struct_assembly_gen.assembly_id       1 
_pdbx_struct_assembly_gen.oper_expression   1 
_pdbx_struct_assembly_gen.asym_id_list      A,B 
# 
_pdbx_struct_oper_list.id                   1 
_pdbx_struct_oper_list.type                 'identity operation' 
_pdbx_struct_oper_list.name                 1_555 
_pdbx_struct_oper_list.symmetry_operation   x,y,z 
_pdbx_struct_oper_list.matrix[1][1]         1.0000000000 
_pdbx_struct_oper_list.matrix[1][2]         0.0000000000 
_pdbx_struct_oper_list.matrix[1][3]         0.0000000000 
_pdbx_struct_oper_list.vector[1]            0.0000000000 
_pdbx_struct_oper_list.matrix[2][1]         0.0000000000 
_pdbx_struct_oper_list.matrix[2][2]         1.0000000000 
_pdbx_struct_oper_list.matrix[2][3]         0.0000000000 
_pdbx_struct_oper_list.vector[2]            0.0000000000 
_pdbx_struct_oper_list.matrix[3][1]         0.0000000000 
_pdbx_struct_oper_list.matrix[3][2]         0.0000000000 
_pdbx_struct_oper_list.matrix[3][3]         1.0000000000 
_pdbx_struct_oper_list.vector[3]            0.0000000000 
# 
_struct_biol.id                    1 
_struct_biol.pdbx_parent_biol_id   ? 
_struct_biol.details               ? 
# 
loop_
_struct_conf.conf_type_id 
_struct_conf.id 
_struct_conf.pdbx_PDB_helix_id 
_struct_conf.beg_label_comp_id 
_struct_conf.beg_label_asym_id 
_struct_conf.beg_label_seq_id 
_struct_conf.pdbx_beg_PDB_ins_code 
_struct_conf.end_label_comp_id 
_struct_conf.end_label_asym_id 
_struct_conf.end_label_seq_id 
_struct_conf.pdbx_end_PDB_ins_code 
_struct_conf.beg_auth_comp_id 
_struct_conf.beg_auth_asym_id 
_struct_conf.beg_auth_seq_id 
_struct_conf.end_auth_comp_id 
_struct_conf.end_auth_asym_id 
_struct_conf.end_auth_seq_id 
_struct_conf.pdbx_PDB_helix_class 
_struct_conf.details 
_struct_conf.pdbx_PDB_helix_length 
HELX_P HELX_P1 1 ASP A 34  ? ASP A 58  ? ASP A 34  ASP A 58  1 ? 25 
HELX_P HELX_P2 2 ASN A 148 ? SER A 189 ? ASN A 148 SER A 189 1 ? 42 
HELX_P HELX_P3 3 GLY B 2   ? ASP B 48  ? GLY B 2   ASP B 48  1 ? 47 
HELX_P HELX_P4 4 ASP B 48  ? GLY B 65  ? ASP B 48  GLY B 65  1 ? 18 
HELX_P HELX_P5 5 GLY B 65  ? THR B 84  ? GLY B 65  THR B 84  1 ? 20 
# 
_struct_conf_type.id          HELX_P 
_struct_conf_type.criteria    ? 
_struct_conf_type.reference   ? 
# 
loop_
_struct_conn.id 
_struct_conn.conn_type_id 
_struct_conn.pdbx_leaving_atom_flag 
_struct_conn.pdbx_PDB_id 
_struct_conn.ptnr1_label_asym_id 
_struct_conn.ptnr1_label_comp_id 
_struct_conn.ptnr1_label_seq_id 
_struct_conn.ptnr1_label_atom_id 
_struct_conn.pdbx_ptnr1_label_alt_id 
_struct_conn.pdbx_ptnr1_PDB_ins_code 
_struct_conn.pdbx_ptnr1_standard_comp_id 
_struct_conn.ptnr1_symmetry 
_struct_conn.ptnr2_label_asym_id 
_struct_conn.ptnr2_label_comp_id 
_struct_conn.ptnr2_label_seq_id 
_struct_conn.ptnr2_label_atom_id 
_struct_conn.pdbx_ptnr2_label_alt_id 
_struct_conn.pdbx_ptnr2_PDB_ins_code 
_struct_conn.ptnr1_auth_asym_id 
_struct_conn.ptnr1_auth_comp_id 
_struct_conn.ptnr1_auth_seq_id 
_struct_conn.ptnr2_auth_asym_id 
_struct_conn.ptnr2_auth_comp_id 
_struct_conn.ptnr2_auth_seq_id 
_struct_conn.ptnr2_symmetry 
_struct_conn.pdbx_ptnr3_label_atom_id 
_struct_conn.pdbx_ptnr3_label_seq_id 
_struct_conn.pdbx_ptnr3_label_comp_id 
_struct_conn.pdbx_ptnr3_label_asym_id 
_struct_conn.pdbx_ptnr3_label_alt_id 
_struct_conn.pdbx_ptnr3_PDB_ins_code 
_struct_conn.details 
_struct_conn.pdbx_dist_value 
_struct_conn.pdbx_value_order 
_struct_conn.pdbx_role 
covale1 covale both ? A LEU 47  C ? ? ? 1_555 A MSE 48  N ? ? A LEU 47  A MSE 48  1_555 ? ? ? ? ? ? ? 1.328 ? ? 
covale2 covale both ? A MSE 48  C ? ? ? 1_555 A PHE 49  N ? ? A MSE 48  A PHE 49  1_555 ? ? ? ? ? ? ? 1.328 ? ? 
covale3 covale both ? A TYR 51  C ? ? ? 1_555 A MSE 52  N ? ? A TYR 51  A MSE 52  1_555 ? ? ? ? ? ? ? 1.327 ? ? 
covale4 covale both ? A MSE 52  C ? ? ? 1_555 A TYR 53  N ? ? A MSE 52  A TYR 53  1_555 ? ? ? ? ? ? ? 1.331 ? ? 
covale5 covale both ? A GLN 162 C ? ? ? 1_555 A MSE 163 N ? ? A GLN 162 A MSE 163 1_555 ? ? ? ? ? ? ? 1.334 ? ? 
covale6 covale both ? A MSE 163 C ? ? ? 1_555 A SER 164 N ? ? A MSE 163 A SER 164 1_555 ? ? ? ? ? ? ? 1.323 ? ? 
covale7 covale both ? A ASP 176 C ? ? ? 1_555 A MSE 177 N ? ? A ASP 176 A MSE 177 1_555 ? ? ? ? ? ? ? 1.330 ? ? 
covale8 covale both ? A MSE 177 C ? ? ? 1_555 A GLN 178 N ? ? A MSE 177 A GLN 178 1_555 ? ? ? ? ? ? ? 1.324 ? ? 
# 
_struct_conn_type.id          covale 
_struct_conn_type.criteria    ? 
_struct_conn_type.reference   ? 
# 
loop_
_pdbx_modification_feature.ordinal 
_pdbx_modification_feature.label_comp_id 
_pdbx_modification_feature.label_asym_id 
_pdbx_modification_feature.label_seq_id 
_pdbx_modification_feature.label_alt_id 
_pdbx_modification_feature.modified_residue_label_comp_id 
_pdbx_modification_feature.modified_residue_label_asym_id 
_pdbx_modification_feature.modified_residue_label_seq_id 
_pdbx_modification_feature.modified_residue_label_alt_id 
_pdbx_modification_feature.auth_comp_id 
_pdbx_modification_feature.auth_asym_id 
_pdbx_modification_feature.auth_seq_id 
_pdbx_modification_feature.PDB_ins_code 
_pdbx_modification_feature.symmetry 
_pdbx_modification_feature.modified_residue_auth_comp_id 
_pdbx_modification_feature.modified_residue_auth_asym_id 
_pdbx_modification_feature.modified_residue_auth_seq_id 
_pdbx_modification_feature.modified_residue_PDB_ins_code 
_pdbx_modification_feature.modified_residue_symmetry 
_pdbx_modification_feature.comp_id_linking_atom 
_pdbx_modification_feature.modified_residue_id_linking_atom 
_pdbx_modification_feature.modified_residue_id 
_pdbx_modification_feature.ref_pcm_id 
_pdbx_modification_feature.ref_comp_id 
_pdbx_modification_feature.type 
_pdbx_modification_feature.category 
1 MSE A 48  ? . . . . MSE A 48  ? 1_555 . . . . . . . MET 1 MSE Selenomethionine 'Named protein modification' 
2 MSE A 52  ? . . . . MSE A 52  ? 1_555 . . . . . . . MET 1 MSE Selenomethionine 'Named protein modification' 
3 MSE A 163 ? . . . . MSE A 163 ? 1_555 . . . . . . . MET 1 MSE Selenomethionine 'Named protein modification' 
4 MSE A 177 ? . . . . MSE A 177 ? 1_555 . . . . . . . MET 1 MSE Selenomethionine 'Named protein modification' 
# 
_pdbx_entry_details.entry_id                   1XOU 
_pdbx_entry_details.compound_details           ? 
_pdbx_entry_details.source_details             ? 
_pdbx_entry_details.nonpolymer_details         ? 
_pdbx_entry_details.sequence_details           ? 
_pdbx_entry_details.has_ligand_of_interest     ? 
_pdbx_entry_details.has_protein_modification   Y 
# 
loop_
_pdbx_validate_torsion.id 
_pdbx_validate_torsion.PDB_model_num 
_pdbx_validate_torsion.auth_comp_id 
_pdbx_validate_torsion.auth_asym_id 
_pdbx_validate_torsion.auth_seq_id 
_pdbx_validate_torsion.PDB_ins_code 
_pdbx_validate_torsion.label_alt_id 
_pdbx_validate_torsion.phi 
_pdbx_validate_torsion.psi 
1 1 ASP A 58 ? ? -95.67  52.17 
2 1 TYR B 64 ? ? -141.60 15.31 
3 1 THR B 84 ? ? -70.77  30.15 
# 
loop_
_pdbx_struct_mod_residue.id 
_pdbx_struct_mod_residue.label_asym_id 
_pdbx_struct_mod_residue.label_comp_id 
_pdbx_struct_mod_residue.label_seq_id 
_pdbx_struct_mod_residue.auth_asym_id 
_pdbx_struct_mod_residue.auth_comp_id 
_pdbx_struct_mod_residue.auth_seq_id 
_pdbx_struct_mod_residue.PDB_ins_code 
_pdbx_struct_mod_residue.parent_comp_id 
_pdbx_struct_mod_residue.details 
1 A MSE 48  A MSE 48  ? MET SELENOMETHIONINE 
2 A MSE 52  A MSE 52  ? MET SELENOMETHIONINE 
3 A MSE 163 A MSE 163 ? MET SELENOMETHIONINE 
4 A MSE 177 A MSE 177 ? MET SELENOMETHIONINE 
# 
loop_
_pdbx_unobs_or_zero_occ_residues.id 
_pdbx_unobs_or_zero_occ_residues.PDB_model_num 
_pdbx_unobs_or_zero_occ_residues.polymer_flag 
_pdbx_unobs_or_zero_occ_residues.occupancy_flag 
_pdbx_unobs_or_zero_occ_residues.auth_asym_id 
_pdbx_unobs_or_zero_occ_residues.auth_comp_id 
_pdbx_unobs_or_zero_occ_residues.auth_seq_id 
_pdbx_unobs_or_zero_occ_residues.PDB_ins_code 
_pdbx_unobs_or_zero_occ_residues.label_asym_id 
_pdbx_unobs_or_zero_occ_residues.label_comp_id 
_pdbx_unobs_or_zero_occ_residues.label_seq_id 
1   1 Y 1 A MSE 1   ? A MSE 1   
2   1 Y 1 A ASP 2   ? A ASP 2   
3   1 Y 1 A THR 3   ? A THR 3   
4   1 Y 1 A SER 4   ? A SER 4   
5   1 Y 1 A THR 5   ? A THR 5   
6   1 Y 1 A THR 6   ? A THR 6   
7   1 Y 1 A ALA 7   ? A ALA 7   
8   1 Y 1 A SER 8   ? A SER 8   
9   1 Y 1 A VAL 9   ? A VAL 9   
10  1 Y 1 A ALA 10  ? A ALA 10  
11  1 Y 1 A SER 11  ? A SER 11  
12  1 Y 1 A ALA 12  ? A ALA 12  
13  1 Y 1 A ASN 13  ? A ASN 13  
14  1 Y 1 A ALA 14  ? A ALA 14  
15  1 Y 1 A SER 15  ? A SER 15  
16  1 Y 1 A THR 16  ? A THR 16  
17  1 Y 1 A SER 17  ? A SER 17  
18  1 Y 1 A THR 18  ? A THR 18  
19  1 Y 1 A SER 19  ? A SER 19  
20  1 Y 1 A MSE 20  ? A MSE 20  
21  1 Y 1 A ALA 21  ? A ALA 21  
22  1 Y 1 A TYR 22  ? A TYR 22  
23  1 Y 1 A ASP 23  ? A ASP 23  
24  1 Y 1 A LEU 24  ? A LEU 24  
25  1 Y 1 A GLY 25  ? A GLY 25  
26  1 Y 1 A SER 26  ? A SER 26  
27  1 Y 1 A MSE 27  ? A MSE 27  
28  1 Y 1 A SER 28  ? A SER 28  
29  1 Y 1 A LYS 29  ? A LYS 29  
30  1 Y 1 A ASP 30  ? A ASP 30  
31  1 Y 1 A SER 60  ? A SER 60  
32  1 Y 1 A ILE 61  ? A ILE 61  
33  1 Y 1 A ALA 62  ? A ALA 62  
34  1 Y 1 A LYS 63  ? A LYS 63  
35  1 Y 1 A PHE 64  ? A PHE 64  
36  1 Y 1 A ALA 65  ? A ALA 65  
37  1 Y 1 A ASP 66  ? A ASP 66  
38  1 Y 1 A MSE 67  ? A MSE 67  
39  1 Y 1 A ASN 68  ? A ASN 68  
40  1 Y 1 A GLU 69  ? A GLU 69  
41  1 Y 1 A ALA 70  ? A ALA 70  
42  1 Y 1 A SER 71  ? A SER 71  
43  1 Y 1 A LYS 72  ? A LYS 72  
44  1 Y 1 A GLU 73  ? A GLU 73  
45  1 Y 1 A SER 74  ? A SER 74  
46  1 Y 1 A THR 75  ? A THR 75  
47  1 Y 1 A THR 76  ? A THR 76  
48  1 Y 1 A ALA 77  ? A ALA 77  
49  1 Y 1 A GLN 78  ? A GLN 78  
50  1 Y 1 A LYS 79  ? A LYS 79  
51  1 Y 1 A MSE 80  ? A MSE 80  
52  1 Y 1 A ALA 81  ? A ALA 81  
53  1 Y 1 A ASN 82  ? A ASN 82  
54  1 Y 1 A LEU 83  ? A LEU 83  
55  1 Y 1 A VAL 84  ? A VAL 84  
56  1 Y 1 A ASP 85  ? A ASP 85  
57  1 Y 1 A ALA 86  ? A ALA 86  
58  1 Y 1 A LYS 87  ? A LYS 87  
59  1 Y 1 A ILE 88  ? A ILE 88  
60  1 Y 1 A ALA 89  ? A ALA 89  
61  1 Y 1 A ASP 90  ? A ASP 90  
62  1 Y 1 A VAL 91  ? A VAL 91  
63  1 Y 1 A GLN 92  ? A GLN 92  
64  1 Y 1 A SER 93  ? A SER 93  
65  1 Y 1 A SER 94  ? A SER 94  
66  1 Y 1 A SER 95  ? A SER 95  
67  1 Y 1 A ASP 96  ? A ASP 96  
68  1 Y 1 A LYS 97  ? A LYS 97  
69  1 Y 1 A ASN 98  ? A ASN 98  
70  1 Y 1 A ALA 99  ? A ALA 99  
71  1 Y 1 A LYS 100 ? A LYS 100 
72  1 Y 1 A ALA 101 ? A ALA 101 
73  1 Y 1 A GLN 102 ? A GLN 102 
74  1 Y 1 A LEU 103 ? A LEU 103 
75  1 Y 1 A PRO 104 ? A PRO 104 
76  1 Y 1 A ASP 105 ? A ASP 105 
77  1 Y 1 A GLU 106 ? A GLU 106 
78  1 Y 1 A VAL 107 ? A VAL 107 
79  1 Y 1 A ILE 108 ? A ILE 108 
80  1 Y 1 A SER 109 ? A SER 109 
81  1 Y 1 A TYR 110 ? A TYR 110 
82  1 Y 1 A ILE 111 ? A ILE 111 
83  1 Y 1 A ASN 112 ? A ASN 112 
84  1 Y 1 A ASP 113 ? A ASP 113 
85  1 Y 1 A PRO 114 ? A PRO 114 
86  1 Y 1 A ARG 115 ? A ARG 115 
87  1 Y 1 A ASN 116 ? A ASN 116 
88  1 Y 1 A ASP 117 ? A ASP 117 
89  1 Y 1 A ILE 118 ? A ILE 118 
90  1 Y 1 A THR 119 ? A THR 119 
91  1 Y 1 A ILE 120 ? A ILE 120 
92  1 Y 1 A SER 121 ? A SER 121 
93  1 Y 1 A GLY 122 ? A GLY 122 
94  1 Y 1 A ILE 123 ? A ILE 123 
95  1 Y 1 A ASP 124 ? A ASP 124 
96  1 Y 1 A ASN 125 ? A ASN 125 
97  1 Y 1 A ILE 126 ? A ILE 126 
98  1 Y 1 A ASN 127 ? A ASN 127 
99  1 Y 1 A ALA 128 ? A ALA 128 
100 1 Y 1 A GLN 129 ? A GLN 129 
101 1 Y 1 A LEU 130 ? A LEU 130 
102 1 Y 1 A GLY 131 ? A GLY 131 
103 1 Y 1 A ALA 132 ? A ALA 132 
104 1 Y 1 A GLY 133 ? A GLY 133 
105 1 Y 1 A ASP 134 ? A ASP 134 
106 1 Y 1 A LEU 135 ? A LEU 135 
107 1 Y 1 A GLN 136 ? A GLN 136 
108 1 Y 1 A THR 137 ? A THR 137 
109 1 Y 1 A VAL 138 ? A VAL 138 
110 1 Y 1 A LYS 139 ? A LYS 139 
111 1 Y 1 A ALA 140 ? A ALA 140 
112 1 Y 1 A ALA 141 ? A ALA 141 
113 1 Y 1 A ILE 142 ? A ILE 142 
114 1 Y 1 A SER 143 ? A SER 143 
115 1 Y 1 A ALA 144 ? A ALA 144 
116 1 Y 1 A LYS 145 ? A LYS 145 
117 1 Y 1 A ALA 146 ? A ALA 146 
118 1 Y 1 A ASN 147 ? A ASN 147 
119 1 Y 1 A GLY 191 ? A GLY 191 
120 1 Y 1 A LYS 192 ? A LYS 192 
121 1 Y 1 B MSE 1   ? B MSE 1   
122 1 Y 1 B SER 86  ? B SER 86  
123 1 Y 1 B PRO 87  ? B PRO 87  
124 1 Y 1 B ALA 88  ? B ALA 88  
125 1 Y 1 B ARG 89  ? B ARG 89  
126 1 Y 1 B SER 90  ? B SER 90  
127 1 Y 1 B LYS 91  ? B LYS 91  
128 1 Y 1 B SER 92  ? B SER 92  
129 1 Y 1 B GLN 93  ? B GLN 93  
130 1 Y 1 B SER 94  ? B SER 94  
131 1 Y 1 B THR 95  ? B THR 95  
# 
loop_
_chem_comp_atom.comp_id 
_chem_comp_atom.atom_id 
_chem_comp_atom.type_symbol 
_chem_comp_atom.pdbx_aromatic_flag 
_chem_comp_atom.pdbx_stereo_config 
_chem_comp_atom.pdbx_ordinal 
ALA N    N  N N 1   
ALA CA   C  N S 2   
ALA C    C  N N 3   
ALA O    O  N N 4   
ALA CB   C  N N 5   
ALA OXT  O  N N 6   
ALA H    H  N N 7   
ALA H2   H  N N 8   
ALA HA   H  N N 9   
ALA HB1  H  N N 10  
ALA HB2  H  N N 11  
ALA HB3  H  N N 12  
ALA HXT  H  N N 13  
ARG N    N  N N 14  
ARG CA   C  N S 15  
ARG C    C  N N 16  
ARG O    O  N N 17  
ARG CB   C  N N 18  
ARG CG   C  N N 19  
ARG CD   C  N N 20  
ARG NE   N  N N 21  
ARG CZ   C  N N 22  
ARG NH1  N  N N 23  
ARG NH2  N  N N 24  
ARG OXT  O  N N 25  
ARG H    H  N N 26  
ARG H2   H  N N 27  
ARG HA   H  N N 28  
ARG HB2  H  N N 29  
ARG HB3  H  N N 30  
ARG HG2  H  N N 31  
ARG HG3  H  N N 32  
ARG HD2  H  N N 33  
ARG HD3  H  N N 34  
ARG HE   H  N N 35  
ARG HH11 H  N N 36  
ARG HH12 H  N N 37  
ARG HH21 H  N N 38  
ARG HH22 H  N N 39  
ARG HXT  H  N N 40  
ASN N    N  N N 41  
ASN CA   C  N S 42  
ASN C    C  N N 43  
ASN O    O  N N 44  
ASN CB   C  N N 45  
ASN CG   C  N N 46  
ASN OD1  O  N N 47  
ASN ND2  N  N N 48  
ASN OXT  O  N N 49  
ASN H    H  N N 50  
ASN H2   H  N N 51  
ASN HA   H  N N 52  
ASN HB2  H  N N 53  
ASN HB3  H  N N 54  
ASN HD21 H  N N 55  
ASN HD22 H  N N 56  
ASN HXT  H  N N 57  
ASP N    N  N N 58  
ASP CA   C  N S 59  
ASP C    C  N N 60  
ASP O    O  N N 61  
ASP CB   C  N N 62  
ASP CG   C  N N 63  
ASP OD1  O  N N 64  
ASP OD2  O  N N 65  
ASP OXT  O  N N 66  
ASP H    H  N N 67  
ASP H2   H  N N 68  
ASP HA   H  N N 69  
ASP HB2  H  N N 70  
ASP HB3  H  N N 71  
ASP HD2  H  N N 72  
ASP HXT  H  N N 73  
GLN N    N  N N 74  
GLN CA   C  N S 75  
GLN C    C  N N 76  
GLN O    O  N N 77  
GLN CB   C  N N 78  
GLN CG   C  N N 79  
GLN CD   C  N N 80  
GLN OE1  O  N N 81  
GLN NE2  N  N N 82  
GLN OXT  O  N N 83  
GLN H    H  N N 84  
GLN H2   H  N N 85  
GLN HA   H  N N 86  
GLN HB2  H  N N 87  
GLN HB3  H  N N 88  
GLN HG2  H  N N 89  
GLN HG3  H  N N 90  
GLN HE21 H  N N 91  
GLN HE22 H  N N 92  
GLN HXT  H  N N 93  
GLU N    N  N N 94  
GLU CA   C  N S 95  
GLU C    C  N N 96  
GLU O    O  N N 97  
GLU CB   C  N N 98  
GLU CG   C  N N 99  
GLU CD   C  N N 100 
GLU OE1  O  N N 101 
GLU OE2  O  N N 102 
GLU OXT  O  N N 103 
GLU H    H  N N 104 
GLU H2   H  N N 105 
GLU HA   H  N N 106 
GLU HB2  H  N N 107 
GLU HB3  H  N N 108 
GLU HG2  H  N N 109 
GLU HG3  H  N N 110 
GLU HE2  H  N N 111 
GLU HXT  H  N N 112 
GLY N    N  N N 113 
GLY CA   C  N N 114 
GLY C    C  N N 115 
GLY O    O  N N 116 
GLY OXT  O  N N 117 
GLY H    H  N N 118 
GLY H2   H  N N 119 
GLY HA2  H  N N 120 
GLY HA3  H  N N 121 
GLY HXT  H  N N 122 
ILE N    N  N N 123 
ILE CA   C  N S 124 
ILE C    C  N N 125 
ILE O    O  N N 126 
ILE CB   C  N S 127 
ILE CG1  C  N N 128 
ILE CG2  C  N N 129 
ILE CD1  C  N N 130 
ILE OXT  O  N N 131 
ILE H    H  N N 132 
ILE H2   H  N N 133 
ILE HA   H  N N 134 
ILE HB   H  N N 135 
ILE HG12 H  N N 136 
ILE HG13 H  N N 137 
ILE HG21 H  N N 138 
ILE HG22 H  N N 139 
ILE HG23 H  N N 140 
ILE HD11 H  N N 141 
ILE HD12 H  N N 142 
ILE HD13 H  N N 143 
ILE HXT  H  N N 144 
LEU N    N  N N 145 
LEU CA   C  N S 146 
LEU C    C  N N 147 
LEU O    O  N N 148 
LEU CB   C  N N 149 
LEU CG   C  N N 150 
LEU CD1  C  N N 151 
LEU CD2  C  N N 152 
LEU OXT  O  N N 153 
LEU H    H  N N 154 
LEU H2   H  N N 155 
LEU HA   H  N N 156 
LEU HB2  H  N N 157 
LEU HB3  H  N N 158 
LEU HG   H  N N 159 
LEU HD11 H  N N 160 
LEU HD12 H  N N 161 
LEU HD13 H  N N 162 
LEU HD21 H  N N 163 
LEU HD22 H  N N 164 
LEU HD23 H  N N 165 
LEU HXT  H  N N 166 
LYS N    N  N N 167 
LYS CA   C  N S 168 
LYS C    C  N N 169 
LYS O    O  N N 170 
LYS CB   C  N N 171 
LYS CG   C  N N 172 
LYS CD   C  N N 173 
LYS CE   C  N N 174 
LYS NZ   N  N N 175 
LYS OXT  O  N N 176 
LYS H    H  N N 177 
LYS H2   H  N N 178 
LYS HA   H  N N 179 
LYS HB2  H  N N 180 
LYS HB3  H  N N 181 
LYS HG2  H  N N 182 
LYS HG3  H  N N 183 
LYS HD2  H  N N 184 
LYS HD3  H  N N 185 
LYS HE2  H  N N 186 
LYS HE3  H  N N 187 
LYS HZ1  H  N N 188 
LYS HZ2  H  N N 189 
LYS HZ3  H  N N 190 
LYS HXT  H  N N 191 
MET N    N  N N 192 
MET CA   C  N S 193 
MET C    C  N N 194 
MET O    O  N N 195 
MET CB   C  N N 196 
MET CG   C  N N 197 
MET SD   S  N N 198 
MET CE   C  N N 199 
MET OXT  O  N N 200 
MET H    H  N N 201 
MET H2   H  N N 202 
MET HA   H  N N 203 
MET HB2  H  N N 204 
MET HB3  H  N N 205 
MET HG2  H  N N 206 
MET HG3  H  N N 207 
MET HE1  H  N N 208 
MET HE2  H  N N 209 
MET HE3  H  N N 210 
MET HXT  H  N N 211 
MSE N    N  N N 212 
MSE CA   C  N S 213 
MSE C    C  N N 214 
MSE O    O  N N 215 
MSE OXT  O  N N 216 
MSE CB   C  N N 217 
MSE CG   C  N N 218 
MSE SE   SE N N 219 
MSE CE   C  N N 220 
MSE H    H  N N 221 
MSE H2   H  N N 222 
MSE HA   H  N N 223 
MSE HXT  H  N N 224 
MSE HB2  H  N N 225 
MSE HB3  H  N N 226 
MSE HG2  H  N N 227 
MSE HG3  H  N N 228 
MSE HE1  H  N N 229 
MSE HE2  H  N N 230 
MSE HE3  H  N N 231 
PHE N    N  N N 232 
PHE CA   C  N S 233 
PHE C    C  N N 234 
PHE O    O  N N 235 
PHE CB   C  N N 236 
PHE CG   C  Y N 237 
PHE CD1  C  Y N 238 
PHE CD2  C  Y N 239 
PHE CE1  C  Y N 240 
PHE CE2  C  Y N 241 
PHE CZ   C  Y N 242 
PHE OXT  O  N N 243 
PHE H    H  N N 244 
PHE H2   H  N N 245 
PHE HA   H  N N 246 
PHE HB2  H  N N 247 
PHE HB3  H  N N 248 
PHE HD1  H  N N 249 
PHE HD2  H  N N 250 
PHE HE1  H  N N 251 
PHE HE2  H  N N 252 
PHE HZ   H  N N 253 
PHE HXT  H  N N 254 
PRO N    N  N N 255 
PRO CA   C  N S 256 
PRO C    C  N N 257 
PRO O    O  N N 258 
PRO CB   C  N N 259 
PRO CG   C  N N 260 
PRO CD   C  N N 261 
PRO OXT  O  N N 262 
PRO H    H  N N 263 
PRO HA   H  N N 264 
PRO HB2  H  N N 265 
PRO HB3  H  N N 266 
PRO HG2  H  N N 267 
PRO HG3  H  N N 268 
PRO HD2  H  N N 269 
PRO HD3  H  N N 270 
PRO HXT  H  N N 271 
SER N    N  N N 272 
SER CA   C  N S 273 
SER C    C  N N 274 
SER O    O  N N 275 
SER CB   C  N N 276 
SER OG   O  N N 277 
SER OXT  O  N N 278 
SER H    H  N N 279 
SER H2   H  N N 280 
SER HA   H  N N 281 
SER HB2  H  N N 282 
SER HB3  H  N N 283 
SER HG   H  N N 284 
SER HXT  H  N N 285 
THR N    N  N N 286 
THR CA   C  N S 287 
THR C    C  N N 288 
THR O    O  N N 289 
THR CB   C  N R 290 
THR OG1  O  N N 291 
THR CG2  C  N N 292 
THR OXT  O  N N 293 
THR H    H  N N 294 
THR H2   H  N N 295 
THR HA   H  N N 296 
THR HB   H  N N 297 
THR HG1  H  N N 298 
THR HG21 H  N N 299 
THR HG22 H  N N 300 
THR HG23 H  N N 301 
THR HXT  H  N N 302 
TYR N    N  N N 303 
TYR CA   C  N S 304 
TYR C    C  N N 305 
TYR O    O  N N 306 
TYR CB   C  N N 307 
TYR CG   C  Y N 308 
TYR CD1  C  Y N 309 
TYR CD2  C  Y N 310 
TYR CE1  C  Y N 311 
TYR CE2  C  Y N 312 
TYR CZ   C  Y N 313 
TYR OH   O  N N 314 
TYR OXT  O  N N 315 
TYR H    H  N N 316 
TYR H2   H  N N 317 
TYR HA   H  N N 318 
TYR HB2  H  N N 319 
TYR HB3  H  N N 320 
TYR HD1  H  N N 321 
TYR HD2  H  N N 322 
TYR HE1  H  N N 323 
TYR HE2  H  N N 324 
TYR HH   H  N N 325 
TYR HXT  H  N N 326 
VAL N    N  N N 327 
VAL CA   C  N S 328 
VAL C    C  N N 329 
VAL O    O  N N 330 
VAL CB   C  N N 331 
VAL CG1  C  N N 332 
VAL CG2  C  N N 333 
VAL OXT  O  N N 334 
VAL H    H  N N 335 
VAL H2   H  N N 336 
VAL HA   H  N N 337 
VAL HB   H  N N 338 
VAL HG11 H  N N 339 
VAL HG12 H  N N 340 
VAL HG13 H  N N 341 
VAL HG21 H  N N 342 
VAL HG22 H  N N 343 
VAL HG23 H  N N 344 
VAL HXT  H  N N 345 
# 
loop_
_chem_comp_bond.comp_id 
_chem_comp_bond.atom_id_1 
_chem_comp_bond.atom_id_2 
_chem_comp_bond.value_order 
_chem_comp_bond.pdbx_aromatic_flag 
_chem_comp_bond.pdbx_stereo_config 
_chem_comp_bond.pdbx_ordinal 
ALA N   CA   sing N N 1   
ALA N   H    sing N N 2   
ALA N   H2   sing N N 3   
ALA CA  C    sing N N 4   
ALA CA  CB   sing N N 5   
ALA CA  HA   sing N N 6   
ALA C   O    doub N N 7   
ALA C   OXT  sing N N 8   
ALA CB  HB1  sing N N 9   
ALA CB  HB2  sing N N 10  
ALA CB  HB3  sing N N 11  
ALA OXT HXT  sing N N 12  
ARG N   CA   sing N N 13  
ARG N   H    sing N N 14  
ARG N   H2   sing N N 15  
ARG CA  C    sing N N 16  
ARG CA  CB   sing N N 17  
ARG CA  HA   sing N N 18  
ARG C   O    doub N N 19  
ARG C   OXT  sing N N 20  
ARG CB  CG   sing N N 21  
ARG CB  HB2  sing N N 22  
ARG CB  HB3  sing N N 23  
ARG CG  CD   sing N N 24  
ARG CG  HG2  sing N N 25  
ARG CG  HG3  sing N N 26  
ARG CD  NE   sing N N 27  
ARG CD  HD2  sing N N 28  
ARG CD  HD3  sing N N 29  
ARG NE  CZ   sing N N 30  
ARG NE  HE   sing N N 31  
ARG CZ  NH1  sing N N 32  
ARG CZ  NH2  doub N N 33  
ARG NH1 HH11 sing N N 34  
ARG NH1 HH12 sing N N 35  
ARG NH2 HH21 sing N N 36  
ARG NH2 HH22 sing N N 37  
ARG OXT HXT  sing N N 38  
ASN N   CA   sing N N 39  
ASN N   H    sing N N 40  
ASN N   H2   sing N N 41  
ASN CA  C    sing N N 42  
ASN CA  CB   sing N N 43  
ASN CA  HA   sing N N 44  
ASN C   O    doub N N 45  
ASN C   OXT  sing N N 46  
ASN CB  CG   sing N N 47  
ASN CB  HB2  sing N N 48  
ASN CB  HB3  sing N N 49  
ASN CG  OD1  doub N N 50  
ASN CG  ND2  sing N N 51  
ASN ND2 HD21 sing N N 52  
ASN ND2 HD22 sing N N 53  
ASN OXT HXT  sing N N 54  
ASP N   CA   sing N N 55  
ASP N   H    sing N N 56  
ASP N   H2   sing N N 57  
ASP CA  C    sing N N 58  
ASP CA  CB   sing N N 59  
ASP CA  HA   sing N N 60  
ASP C   O    doub N N 61  
ASP C   OXT  sing N N 62  
ASP CB  CG   sing N N 63  
ASP CB  HB2  sing N N 64  
ASP CB  HB3  sing N N 65  
ASP CG  OD1  doub N N 66  
ASP CG  OD2  sing N N 67  
ASP OD2 HD2  sing N N 68  
ASP OXT HXT  sing N N 69  
GLN N   CA   sing N N 70  
GLN N   H    sing N N 71  
GLN N   H2   sing N N 72  
GLN CA  C    sing N N 73  
GLN CA  CB   sing N N 74  
GLN CA  HA   sing N N 75  
GLN C   O    doub N N 76  
GLN C   OXT  sing N N 77  
GLN CB  CG   sing N N 78  
GLN CB  HB2  sing N N 79  
GLN CB  HB3  sing N N 80  
GLN CG  CD   sing N N 81  
GLN CG  HG2  sing N N 82  
GLN CG  HG3  sing N N 83  
GLN CD  OE1  doub N N 84  
GLN CD  NE2  sing N N 85  
GLN NE2 HE21 sing N N 86  
GLN NE2 HE22 sing N N 87  
GLN OXT HXT  sing N N 88  
GLU N   CA   sing N N 89  
GLU N   H    sing N N 90  
GLU N   H2   sing N N 91  
GLU CA  C    sing N N 92  
GLU CA  CB   sing N N 93  
GLU CA  HA   sing N N 94  
GLU C   O    doub N N 95  
GLU C   OXT  sing N N 96  
GLU CB  CG   sing N N 97  
GLU CB  HB2  sing N N 98  
GLU CB  HB3  sing N N 99  
GLU CG  CD   sing N N 100 
GLU CG  HG2  sing N N 101 
GLU CG  HG3  sing N N 102 
GLU CD  OE1  doub N N 103 
GLU CD  OE2  sing N N 104 
GLU OE2 HE2  sing N N 105 
GLU OXT HXT  sing N N 106 
GLY N   CA   sing N N 107 
GLY N   H    sing N N 108 
GLY N   H2   sing N N 109 
GLY CA  C    sing N N 110 
GLY CA  HA2  sing N N 111 
GLY CA  HA3  sing N N 112 
GLY C   O    doub N N 113 
GLY C   OXT  sing N N 114 
GLY OXT HXT  sing N N 115 
ILE N   CA   sing N N 116 
ILE N   H    sing N N 117 
ILE N   H2   sing N N 118 
ILE CA  C    sing N N 119 
ILE CA  CB   sing N N 120 
ILE CA  HA   sing N N 121 
ILE C   O    doub N N 122 
ILE C   OXT  sing N N 123 
ILE CB  CG1  sing N N 124 
ILE CB  CG2  sing N N 125 
ILE CB  HB   sing N N 126 
ILE CG1 CD1  sing N N 127 
ILE CG1 HG12 sing N N 128 
ILE CG1 HG13 sing N N 129 
ILE CG2 HG21 sing N N 130 
ILE CG2 HG22 sing N N 131 
ILE CG2 HG23 sing N N 132 
ILE CD1 HD11 sing N N 133 
ILE CD1 HD12 sing N N 134 
ILE CD1 HD13 sing N N 135 
ILE OXT HXT  sing N N 136 
LEU N   CA   sing N N 137 
LEU N   H    sing N N 138 
LEU N   H2   sing N N 139 
LEU CA  C    sing N N 140 
LEU CA  CB   sing N N 141 
LEU CA  HA   sing N N 142 
LEU C   O    doub N N 143 
LEU C   OXT  sing N N 144 
LEU CB  CG   sing N N 145 
LEU CB  HB2  sing N N 146 
LEU CB  HB3  sing N N 147 
LEU CG  CD1  sing N N 148 
LEU CG  CD2  sing N N 149 
LEU CG  HG   sing N N 150 
LEU CD1 HD11 sing N N 151 
LEU CD1 HD12 sing N N 152 
LEU CD1 HD13 sing N N 153 
LEU CD2 HD21 sing N N 154 
LEU CD2 HD22 sing N N 155 
LEU CD2 HD23 sing N N 156 
LEU OXT HXT  sing N N 157 
LYS N   CA   sing N N 158 
LYS N   H    sing N N 159 
LYS N   H2   sing N N 160 
LYS CA  C    sing N N 161 
LYS CA  CB   sing N N 162 
LYS CA  HA   sing N N 163 
LYS C   O    doub N N 164 
LYS C   OXT  sing N N 165 
LYS CB  CG   sing N N 166 
LYS CB  HB2  sing N N 167 
LYS CB  HB3  sing N N 168 
LYS CG  CD   sing N N 169 
LYS CG  HG2  sing N N 170 
LYS CG  HG3  sing N N 171 
LYS CD  CE   sing N N 172 
LYS CD  HD2  sing N N 173 
LYS CD  HD3  sing N N 174 
LYS CE  NZ   sing N N 175 
LYS CE  HE2  sing N N 176 
LYS CE  HE3  sing N N 177 
LYS NZ  HZ1  sing N N 178 
LYS NZ  HZ2  sing N N 179 
LYS NZ  HZ3  sing N N 180 
LYS OXT HXT  sing N N 181 
MET N   CA   sing N N 182 
MET N   H    sing N N 183 
MET N   H2   sing N N 184 
MET CA  C    sing N N 185 
MET CA  CB   sing N N 186 
MET CA  HA   sing N N 187 
MET C   O    doub N N 188 
MET C   OXT  sing N N 189 
MET CB  CG   sing N N 190 
MET CB  HB2  sing N N 191 
MET CB  HB3  sing N N 192 
MET CG  SD   sing N N 193 
MET CG  HG2  sing N N 194 
MET CG  HG3  sing N N 195 
MET SD  CE   sing N N 196 
MET CE  HE1  sing N N 197 
MET CE  HE2  sing N N 198 
MET CE  HE3  sing N N 199 
MET OXT HXT  sing N N 200 
MSE N   CA   sing N N 201 
MSE N   H    sing N N 202 
MSE N   H2   sing N N 203 
MSE CA  C    sing N N 204 
MSE CA  CB   sing N N 205 
MSE CA  HA   sing N N 206 
MSE C   O    doub N N 207 
MSE C   OXT  sing N N 208 
MSE OXT HXT  sing N N 209 
MSE CB  CG   sing N N 210 
MSE CB  HB2  sing N N 211 
MSE CB  HB3  sing N N 212 
MSE CG  SE   sing N N 213 
MSE CG  HG2  sing N N 214 
MSE CG  HG3  sing N N 215 
MSE SE  CE   sing N N 216 
MSE CE  HE1  sing N N 217 
MSE CE  HE2  sing N N 218 
MSE CE  HE3  sing N N 219 
PHE N   CA   sing N N 220 
PHE N   H    sing N N 221 
PHE N   H2   sing N N 222 
PHE CA  C    sing N N 223 
PHE CA  CB   sing N N 224 
PHE CA  HA   sing N N 225 
PHE C   O    doub N N 226 
PHE C   OXT  sing N N 227 
PHE CB  CG   sing N N 228 
PHE CB  HB2  sing N N 229 
PHE CB  HB3  sing N N 230 
PHE CG  CD1  doub Y N 231 
PHE CG  CD2  sing Y N 232 
PHE CD1 CE1  sing Y N 233 
PHE CD1 HD1  sing N N 234 
PHE CD2 CE2  doub Y N 235 
PHE CD2 HD2  sing N N 236 
PHE CE1 CZ   doub Y N 237 
PHE CE1 HE1  sing N N 238 
PHE CE2 CZ   sing Y N 239 
PHE CE2 HE2  sing N N 240 
PHE CZ  HZ   sing N N 241 
PHE OXT HXT  sing N N 242 
PRO N   CA   sing N N 243 
PRO N   CD   sing N N 244 
PRO N   H    sing N N 245 
PRO CA  C    sing N N 246 
PRO CA  CB   sing N N 247 
PRO CA  HA   sing N N 248 
PRO C   O    doub N N 249 
PRO C   OXT  sing N N 250 
PRO CB  CG   sing N N 251 
PRO CB  HB2  sing N N 252 
PRO CB  HB3  sing N N 253 
PRO CG  CD   sing N N 254 
PRO CG  HG2  sing N N 255 
PRO CG  HG3  sing N N 256 
PRO CD  HD2  sing N N 257 
PRO CD  HD3  sing N N 258 
PRO OXT HXT  sing N N 259 
SER N   CA   sing N N 260 
SER N   H    sing N N 261 
SER N   H2   sing N N 262 
SER CA  C    sing N N 263 
SER CA  CB   sing N N 264 
SER CA  HA   sing N N 265 
SER C   O    doub N N 266 
SER C   OXT  sing N N 267 
SER CB  OG   sing N N 268 
SER CB  HB2  sing N N 269 
SER CB  HB3  sing N N 270 
SER OG  HG   sing N N 271 
SER OXT HXT  sing N N 272 
THR N   CA   sing N N 273 
THR N   H    sing N N 274 
THR N   H2   sing N N 275 
THR CA  C    sing N N 276 
THR CA  CB   sing N N 277 
THR CA  HA   sing N N 278 
THR C   O    doub N N 279 
THR C   OXT  sing N N 280 
THR CB  OG1  sing N N 281 
THR CB  CG2  sing N N 282 
THR CB  HB   sing N N 283 
THR OG1 HG1  sing N N 284 
THR CG2 HG21 sing N N 285 
THR CG2 HG22 sing N N 286 
THR CG2 HG23 sing N N 287 
THR OXT HXT  sing N N 288 
TYR N   CA   sing N N 289 
TYR N   H    sing N N 290 
TYR N   H2   sing N N 291 
TYR CA  C    sing N N 292 
TYR CA  CB   sing N N 293 
TYR CA  HA   sing N N 294 
TYR C   O    doub N N 295 
TYR C   OXT  sing N N 296 
TYR CB  CG   sing N N 297 
TYR CB  HB2  sing N N 298 
TYR CB  HB3  sing N N 299 
TYR CG  CD1  doub Y N 300 
TYR CG  CD2  sing Y N 301 
TYR CD1 CE1  sing Y N 302 
TYR CD1 HD1  sing N N 303 
TYR CD2 CE2  doub Y N 304 
TYR CD2 HD2  sing N N 305 
TYR CE1 CZ   doub Y N 306 
TYR CE1 HE1  sing N N 307 
TYR CE2 CZ   sing Y N 308 
TYR CE2 HE2  sing N N 309 
TYR CZ  OH   sing N N 310 
TYR OH  HH   sing N N 311 
TYR OXT HXT  sing N N 312 
VAL N   CA   sing N N 313 
VAL N   H    sing N N 314 
VAL N   H2   sing N N 315 
VAL CA  C    sing N N 316 
VAL CA  CB   sing N N 317 
VAL CA  HA   sing N N 318 
VAL C   O    doub N N 319 
VAL C   OXT  sing N N 320 
VAL CB  CG1  sing N N 321 
VAL CB  CG2  sing N N 322 
VAL CB  HB   sing N N 323 
VAL CG1 HG11 sing N N 324 
VAL CG1 HG12 sing N N 325 
VAL CG1 HG13 sing N N 326 
VAL CG2 HG21 sing N N 327 
VAL CG2 HG22 sing N N 328 
VAL CG2 HG23 sing N N 329 
VAL OXT HXT  sing N N 330 
# 
_atom_sites.entry_id                    1XOU 
_atom_sites.fract_transf_matrix[1][1]   -0.01072550 
_atom_sites.fract_transf_matrix[1][2]   -0.02488958 
_atom_sites.fract_transf_matrix[1][3]   -0.00790326 
_atom_sites.fract_transf_matrix[2][1]   0.00450308 
_atom_sites.fract_transf_matrix[2][2]   0.00215007 
_atom_sites.fract_transf_matrix[2][3]   -0.01288230 
_atom_sites.fract_transf_matrix[3][1]   0.00904816 
_atom_sites.fract_transf_matrix[3][2]   -0.00465659 
_atom_sites.fract_transf_matrix[3][3]   0.00238565 
_atom_sites.fract_transf_vector[1]      0.517665 
_atom_sites.fract_transf_vector[2]      -0.101616 
_atom_sites.fract_transf_vector[3]      0.940081 
# 
loop_
_atom_type.symbol 
C  
N  
O  
SE 
# 
loop_
_atom_site.group_PDB 
_atom_site.id 
_atom_site.type_symbol 
_atom_site.label_atom_id 
_atom_site.label_alt_id 
_atom_site.label_comp_id 
_atom_site.label_asym_id 
_atom_site.label_entity_id 
_atom_site.label_seq_id 
_atom_site.pdbx_PDB_ins_code 
_atom_site.Cartn_x 
_atom_site.Cartn_y 
_atom_site.Cartn_z 
_atom_site.occupancy 
_atom_site.B_iso_or_equiv 
_atom_site.pdbx_formal_charge 
_atom_site.auth_seq_id 
_atom_site.auth_comp_id 
_atom_site.auth_asym_id 
_atom_site.auth_atom_id 
_atom_site.pdbx_PDB_model_num 
ATOM   1    N  N   . ASP A 1 31  ? 10.110  -7.790  17.094  1.00 78.56  ? 31  ASP A N   1 
ATOM   2    C  CA  . ASP A 1 31  ? 10.601  -6.956  15.956  1.00 79.12  ? 31  ASP A CA  1 
ATOM   3    C  C   . ASP A 1 31  ? 11.263  -5.630  16.383  1.00 76.67  ? 31  ASP A C   1 
ATOM   4    O  O   . ASP A 1 31  ? 10.661  -4.795  17.073  1.00 74.42  ? 31  ASP A O   1 
ATOM   5    C  CB  . ASP A 1 31  ? 9.453   -6.671  14.981  1.00 82.80  ? 31  ASP A CB  1 
ATOM   6    C  CG  . ASP A 1 31  ? 9.882   -5.775  13.839  1.00 84.96  ? 31  ASP A CG  1 
ATOM   7    O  OD1 . ASP A 1 31  ? 10.932  -6.057  13.215  1.00 86.80  ? 31  ASP A OD1 1 
ATOM   8    O  OD2 . ASP A 1 31  ? 9.171   -4.792  13.570  1.00 86.26  ? 31  ASP A OD2 1 
ATOM   9    N  N   . VAL A 1 32  ? 12.498  -5.440  15.930  1.00 74.54  ? 32  VAL A N   1 
ATOM   10   C  CA  . VAL A 1 32  ? 13.282  -4.261  16.275  1.00 72.86  ? 32  VAL A CA  1 
ATOM   11   C  C   . VAL A 1 32  ? 12.789  -2.915  15.763  1.00 71.00  ? 32  VAL A C   1 
ATOM   12   O  O   . VAL A 1 32  ? 13.002  -1.905  16.425  1.00 70.02  ? 32  VAL A O   1 
ATOM   13   C  CB  . VAL A 1 32  ? 14.754  -4.433  15.827  1.00 72.98  ? 32  VAL A CB  1 
ATOM   14   C  CG1 . VAL A 1 32  ? 15.321  -5.688  16.431  1.00 73.20  ? 32  VAL A CG1 1 
ATOM   15   C  CG2 . VAL A 1 32  ? 14.844  -4.512  14.312  1.00 73.78  ? 32  VAL A CG2 1 
ATOM   16   N  N   . ILE A 1 33  ? 12.140  -2.891  14.597  1.00 69.15  ? 33  ILE A N   1 
ATOM   17   C  CA  . ILE A 1 33  ? 11.663  -1.633  14.018  1.00 66.64  ? 33  ILE A CA  1 
ATOM   18   C  C   . ILE A 1 33  ? 10.147  -1.470  14.024  1.00 66.94  ? 33  ILE A C   1 
ATOM   19   O  O   . ILE A 1 33  ? 9.580   -0.824  13.139  1.00 66.61  ? 33  ILE A O   1 
ATOM   20   C  CB  . ILE A 1 33  ? 12.156  -1.453  12.554  1.00 66.28  ? 33  ILE A CB  1 
ATOM   21   C  CG1 . ILE A 1 33  ? 11.634  -2.594  11.685  1.00 66.88  ? 33  ILE A CG1 1 
ATOM   22   C  CG2 . ILE A 1 33  ? 13.685  -1.419  12.498  1.00 64.25  ? 33  ILE A CG2 1 
ATOM   23   C  CD1 . ILE A 1 33  ? 11.924  -2.413  10.209  1.00 67.06  ? 33  ILE A CD1 1 
ATOM   24   N  N   . ASP A 1 34  ? 9.499   -2.064  15.024  1.00 67.28  ? 34  ASP A N   1 
ATOM   25   C  CA  . ASP A 1 34  ? 8.046   -1.993  15.189  1.00 67.36  ? 34  ASP A CA  1 
ATOM   26   C  C   . ASP A 1 34  ? 7.238   -2.138  13.894  1.00 64.65  ? 34  ASP A C   1 
ATOM   27   O  O   . ASP A 1 34  ? 6.324   -1.368  13.607  1.00 63.51  ? 34  ASP A O   1 
ATOM   28   C  CB  . ASP A 1 34  ? 7.669   -0.691  15.911  1.00 73.31  ? 34  ASP A CB  1 
ATOM   29   C  CG  . ASP A 1 34  ? 6.171   -0.594  16.204  1.00 79.53  ? 34  ASP A CG  1 
ATOM   30   O  OD1 . ASP A 1 34  ? 5.593   -1.610  16.691  1.00 77.86  ? 34  ASP A OD1 1 
ATOM   31   O  OD2 . ASP A 1 34  ? 5.584   0.500   15.947  1.00 81.12  ? 34  ASP A OD2 1 
ATOM   32   N  N   . LEU A 1 35  ? 7.583   -3.151  13.120  1.00 62.85  ? 35  LEU A N   1 
ATOM   33   C  CA  . LEU A 1 35  ? 6.905   -3.447  11.874  1.00 60.55  ? 35  LEU A CA  1 
ATOM   34   C  C   . LEU A 1 35  ? 5.489   -3.956  12.183  1.00 59.37  ? 35  LEU A C   1 
ATOM   35   O  O   . LEU A 1 35  ? 4.541   -3.700  11.443  1.00 57.60  ? 35  LEU A O   1 
ATOM   36   C  CB  . LEU A 1 35  ? 7.712   -4.499  11.125  1.00 60.10  ? 35  LEU A CB  1 
ATOM   37   C  CG  . LEU A 1 35  ? 8.119   -4.170  9.694   1.00 61.74  ? 35  LEU A CG  1 
ATOM   38   C  CD1 . LEU A 1 35  ? 8.245   -2.656  9.498   1.00 62.48  ? 35  LEU A CD1 1 
ATOM   39   C  CD2 . LEU A 1 35  ? 9.429   -4.903  9.392   1.00 62.26  ? 35  LEU A CD2 1 
ATOM   40   N  N   . PHE A 1 36  ? 5.357   -4.672  13.294  1.00 59.93  ? 36  PHE A N   1 
ATOM   41   C  CA  . PHE A 1 36  ? 4.070   -5.213  13.704  1.00 59.82  ? 36  PHE A CA  1 
ATOM   42   C  C   . PHE A 1 36  ? 2.962   -4.160  13.672  1.00 60.03  ? 36  PHE A C   1 
ATOM   43   O  O   . PHE A 1 36  ? 1.924   -4.373  13.043  1.00 61.34  ? 36  PHE A O   1 
ATOM   44   C  CB  . PHE A 1 36  ? 4.190   -5.840  15.105  1.00 59.62  ? 36  PHE A CB  1 
ATOM   45   C  CG  . PHE A 1 36  ? 2.872   -6.281  15.705  1.00 60.21  ? 36  PHE A CG  1 
ATOM   46   C  CD1 . PHE A 1 36  ? 2.035   -5.364  16.346  1.00 61.30  ? 36  PHE A CD1 1 
ATOM   47   C  CD2 . PHE A 1 36  ? 2.475   -7.614  15.647  1.00 60.17  ? 36  PHE A CD2 1 
ATOM   48   C  CE1 . PHE A 1 36  ? 0.821   -5.769  16.917  1.00 61.62  ? 36  PHE A CE1 1 
ATOM   49   C  CE2 . PHE A 1 36  ? 1.261   -8.034  16.216  1.00 61.30  ? 36  PHE A CE2 1 
ATOM   50   C  CZ  . PHE A 1 36  ? 0.436   -7.112  16.851  1.00 62.08  ? 36  PHE A CZ  1 
ATOM   51   N  N   . ASN A 1 37  ? 3.168   -3.024  14.329  1.00 59.55  ? 37  ASN A N   1 
ATOM   52   C  CA  . ASN A 1 37  ? 2.133   -1.995  14.345  1.00 59.22  ? 37  ASN A CA  1 
ATOM   53   C  C   . ASN A 1 37  ? 1.979   -1.257  13.025  1.00 57.33  ? 37  ASN A C   1 
ATOM   54   O  O   . ASN A 1 37  ? 0.864   -0.946  12.600  1.00 55.94  ? 37  ASN A O   1 
ATOM   55   C  CB  . ASN A 1 37  ? 2.407   -1.004  15.468  1.00 63.30  ? 37  ASN A CB  1 
ATOM   56   C  CG  . ASN A 1 37  ? 2.062   -1.570  16.827  1.00 67.31  ? 37  ASN A CG  1 
ATOM   57   O  OD1 . ASN A 1 37  ? 0.884   -1.689  17.183  1.00 69.50  ? 37  ASN A OD1 1 
ATOM   58   N  ND2 . ASN A 1 37  ? 3.087   -1.942  17.594  1.00 70.00  ? 37  ASN A ND2 1 
ATOM   59   N  N   . LYS A 1 38  ? 3.109   -0.974  12.389  1.00 55.75  ? 38  LYS A N   1 
ATOM   60   C  CA  . LYS A 1 38  ? 3.127   -0.281  11.108  1.00 54.66  ? 38  LYS A CA  1 
ATOM   61   C  C   . LYS A 1 38  ? 2.269   -1.064  10.108  1.00 53.89  ? 38  LYS A C   1 
ATOM   62   O  O   . LYS A 1 38  ? 1.276   -0.551  9.576   1.00 53.00  ? 38  LYS A O   1 
ATOM   63   C  CB  . LYS A 1 38  ? 4.568   -0.188  10.595  1.00 56.96  ? 38  LYS A CB  1 
ATOM   64   C  CG  . LYS A 1 38  ? 5.086   1.225   10.400  1.00 60.22  ? 38  LYS A CG  1 
ATOM   65   C  CD  . LYS A 1 38  ? 5.529   1.871   11.688  1.00 62.98  ? 38  LYS A CD  1 
ATOM   66   C  CE  . LYS A 1 38  ? 7.047   1.989   11.759  1.00 64.59  ? 38  LYS A CE  1 
ATOM   67   N  NZ  . LYS A 1 38  ? 7.713   0.656   11.812  1.00 67.15  ? 38  LYS A NZ  1 
ATOM   68   N  N   . LEU A 1 39  ? 2.659   -2.315  9.878   1.00 52.27  ? 39  LEU A N   1 
ATOM   69   C  CA  . LEU A 1 39  ? 1.967   -3.198  8.955   1.00 52.77  ? 39  LEU A CA  1 
ATOM   70   C  C   . LEU A 1 39  ? 0.544   -3.546  9.377   1.00 52.09  ? 39  LEU A C   1 
ATOM   71   O  O   . LEU A 1 39  ? -0.332  -3.732  8.525   1.00 53.42  ? 39  LEU A O   1 
ATOM   72   C  CB  . LEU A 1 39  ? 2.774   -4.483  8.764   1.00 56.75  ? 39  LEU A CB  1 
ATOM   73   C  CG  . LEU A 1 39  ? 3.973   -4.410  7.809   1.00 61.14  ? 39  LEU A CG  1 
ATOM   74   C  CD1 . LEU A 1 39  ? 3.489   -4.212  6.372   1.00 63.21  ? 39  LEU A CD1 1 
ATOM   75   C  CD2 . LEU A 1 39  ? 4.877   -3.254  8.215   1.00 64.86  ? 39  LEU A CD2 1 
ATOM   76   N  N   . GLY A 1 40  ? 0.309   -3.642  10.681  1.00 49.75  ? 40  GLY A N   1 
ATOM   77   C  CA  . GLY A 1 40  ? -1.018  -3.971  11.157  1.00 47.72  ? 40  GLY A CA  1 
ATOM   78   C  C   . GLY A 1 40  ? -1.984  -2.853  10.844  1.00 48.83  ? 40  GLY A C   1 
ATOM   79   O  O   . GLY A 1 40  ? -3.115  -3.077  10.399  1.00 49.88  ? 40  GLY A O   1 
ATOM   80   N  N   . VAL A 1 41  ? -1.542  -1.626  11.075  1.00 48.96  ? 41  VAL A N   1 
ATOM   81   C  CA  . VAL A 1 41  ? -2.401  -0.493  10.804  1.00 49.61  ? 41  VAL A CA  1 
ATOM   82   C  C   . VAL A 1 41  ? -2.556  -0.373  9.292   1.00 50.25  ? 41  VAL A C   1 
ATOM   83   O  O   . VAL A 1 41  ? -3.662  -0.160  8.784   1.00 49.07  ? 41  VAL A O   1 
ATOM   84   C  CB  . VAL A 1 41  ? -1.815  0.811   11.433  1.00 49.66  ? 41  VAL A CB  1 
ATOM   85   C  CG1 . VAL A 1 41  ? -2.554  2.046   10.924  1.00 45.75  ? 41  VAL A CG1 1 
ATOM   86   C  CG2 . VAL A 1 41  ? -1.934  0.730   12.951  1.00 45.97  ? 41  VAL A CG2 1 
ATOM   87   N  N   . PHE A 1 42  ? -1.460  -0.536  8.560   1.00 50.85  ? 42  PHE A N   1 
ATOM   88   C  CA  . PHE A 1 42  ? -1.570  -0.449  7.112   1.00 52.20  ? 42  PHE A CA  1 
ATOM   89   C  C   . PHE A 1 42  ? -2.506  -1.528  6.555   1.00 51.96  ? 42  PHE A C   1 
ATOM   90   O  O   . PHE A 1 42  ? -3.377  -1.258  5.719   1.00 50.67  ? 42  PHE A O   1 
ATOM   91   C  CB  . PHE A 1 42  ? -0.204  -0.572  6.442   1.00 53.17  ? 42  PHE A CB  1 
ATOM   92   C  CG  . PHE A 1 42  ? -0.246  -0.267  4.976   1.00 56.13  ? 42  PHE A CG  1 
ATOM   93   C  CD1 . PHE A 1 42  ? -0.072  -1.273  4.037   1.00 57.24  ? 42  PHE A CD1 1 
ATOM   94   C  CD2 . PHE A 1 42  ? -0.528  1.025   4.536   1.00 57.57  ? 42  PHE A CD2 1 
ATOM   95   C  CE1 . PHE A 1 42  ? -0.183  -1.003  2.680   1.00 60.65  ? 42  PHE A CE1 1 
ATOM   96   C  CE2 . PHE A 1 42  ? -0.644  1.309   3.181   1.00 60.27  ? 42  PHE A CE2 1 
ATOM   97   C  CZ  . PHE A 1 42  ? -0.471  0.296   2.248   1.00 60.66  ? 42  PHE A CZ  1 
ATOM   98   N  N   . GLN A 1 43  ? -2.328  -2.752  7.026   1.00 51.08  ? 43  GLN A N   1 
ATOM   99   C  CA  . GLN A 1 43  ? -3.165  -3.829  6.563   1.00 52.15  ? 43  GLN A CA  1 
ATOM   100  C  C   . GLN A 1 43  ? -4.642  -3.573  6.904   1.00 52.26  ? 43  GLN A C   1 
ATOM   101  O  O   . GLN A 1 43  ? -5.551  -3.941  6.147   1.00 51.99  ? 43  GLN A O   1 
ATOM   102  C  CB  . GLN A 1 43  ? -2.702  -5.134  7.183   1.00 54.22  ? 43  GLN A CB  1 
ATOM   103  C  CG  . GLN A 1 43  ? -3.403  -6.342  6.611   1.00 58.24  ? 43  GLN A CG  1 
ATOM   104  C  CD  . GLN A 1 43  ? -3.022  -7.593  7.337   1.00 60.84  ? 43  GLN A CD  1 
ATOM   105  O  OE1 . GLN A 1 43  ? -3.409  -8.693  6.943   1.00 63.86  ? 43  GLN A OE1 1 
ATOM   106  N  NE2 . GLN A 1 43  ? -2.251  -7.439  8.416   1.00 62.88  ? 43  GLN A NE2 1 
ATOM   107  N  N   . ALA A 1 44  ? -4.884  -2.943  8.046   1.00 51.04  ? 44  ALA A N   1 
ATOM   108  C  CA  . ALA A 1 44  ? -6.252  -2.647  8.436   1.00 50.86  ? 44  ALA A CA  1 
ATOM   109  C  C   . ALA A 1 44  ? -6.837  -1.601  7.477   1.00 50.54  ? 44  ALA A C   1 
ATOM   110  O  O   . ALA A 1 44  ? -8.006  -1.674  7.107   1.00 51.98  ? 44  ALA A O   1 
ATOM   111  C  CB  . ALA A 1 44  ? -6.297  -2.149  9.887   1.00 49.79  ? 44  ALA A CB  1 
ATOM   112  N  N   . ALA A 1 45  ? -6.030  -0.631  7.062   1.00 50.43  ? 45  ALA A N   1 
ATOM   113  C  CA  . ALA A 1 45  ? -6.522  0.380   6.125   1.00 50.41  ? 45  ALA A CA  1 
ATOM   114  C  C   . ALA A 1 45  ? -6.975  -0.314  4.838   1.00 51.51  ? 45  ALA A C   1 
ATOM   115  O  O   . ALA A 1 45  ? -8.098  -0.109  4.369   1.00 50.88  ? 45  ALA A O   1 
ATOM   116  C  CB  . ALA A 1 45  ? -5.434  1.399   5.817   1.00 47.81  ? 45  ALA A CB  1 
ATOM   117  N  N   . ILE A 1 46  ? -6.093  -1.152  4.291   1.00 52.90  ? 46  ILE A N   1 
ATOM   118  C  CA  . ILE A 1 46  ? -6.367  -1.896  3.067   1.00 55.08  ? 46  ILE A CA  1 
ATOM   119  C  C   . ILE A 1 46  ? -7.603  -2.784  3.166   1.00 55.91  ? 46  ILE A C   1 
ATOM   120  O  O   . ILE A 1 46  ? -8.456  -2.765  2.277   1.00 57.02  ? 46  ILE A O   1 
ATOM   121  C  CB  . ILE A 1 46  ? -5.178  -2.788  2.679   1.00 56.62  ? 46  ILE A CB  1 
ATOM   122  C  CG1 . ILE A 1 46  ? -4.028  -1.927  2.162   1.00 59.27  ? 46  ILE A CG1 1 
ATOM   123  C  CG2 . ILE A 1 46  ? -5.593  -3.762  1.594   1.00 57.97  ? 46  ILE A CG2 1 
ATOM   124  C  CD1 . ILE A 1 46  ? -4.318  -1.260  0.826   1.00 58.90  ? 46  ILE A CD1 1 
ATOM   125  N  N   . LEU A 1 47  ? -7.688  -3.575  4.229   1.00 55.69  ? 47  LEU A N   1 
ATOM   126  C  CA  . LEU A 1 47  ? -8.830  -4.455  4.416   1.00 55.72  ? 47  LEU A CA  1 
ATOM   127  C  C   . LEU A 1 47  ? -10.125 -3.650  4.506   1.00 56.77  ? 47  LEU A C   1 
ATOM   128  O  O   . LEU A 1 47  ? -11.153 -4.047  3.947   1.00 56.92  ? 47  LEU A O   1 
ATOM   129  C  CB  . LEU A 1 47  ? -8.627  -5.302  5.676   1.00 56.34  ? 47  LEU A CB  1 
ATOM   130  C  CG  . LEU A 1 47  ? -8.136  -6.763  5.539   1.00 56.38  ? 47  LEU A CG  1 
ATOM   131  C  CD1 . LEU A 1 47  ? -7.494  -7.020  4.167   1.00 53.86  ? 47  LEU A CD1 1 
ATOM   132  C  CD2 . LEU A 1 47  ? -7.171  -7.063  6.693   1.00 54.28  ? 47  LEU A CD2 1 
HETATM 133  N  N   . MSE A 1 48  ? -10.095 -2.515  5.196   1.00 58.20  ? 48  MSE A N   1 
HETATM 134  C  CA  . MSE A 1 48  ? -11.303 -1.705  5.285   1.00 60.06  ? 48  MSE A CA  1 
HETATM 135  C  C   . MSE A 1 48  ? -11.657 -1.160  3.911   1.00 60.33  ? 48  MSE A C   1 
HETATM 136  O  O   . MSE A 1 48  ? -12.812 -1.225  3.477   1.00 61.00  ? 48  MSE A O   1 
HETATM 137  C  CB  . MSE A 1 48  ? -11.116 -0.568  6.265   1.00 61.68  ? 48  MSE A CB  1 
HETATM 138  C  CG  . MSE A 1 48  ? -11.142 -1.032  7.685   1.00 65.66  ? 48  MSE A CG  1 
HETATM 139  SE SE  . MSE A 1 48  ? -10.988 0.459   8.860   1.00 73.56  ? 48  MSE A SE  1 
HETATM 140  C  CE  . MSE A 1 48  ? -9.068  0.605   8.922   1.00 69.28  ? 48  MSE A CE  1 
ATOM   141  N  N   . PHE A 1 49  ? -10.654 -0.638  3.213   1.00 58.55  ? 49  PHE A N   1 
ATOM   142  C  CA  . PHE A 1 49  ? -10.888 -0.122  1.877   1.00 57.28  ? 49  PHE A CA  1 
ATOM   143  C  C   . PHE A 1 49  ? -11.408 -1.221  0.948   1.00 56.10  ? 49  PHE A C   1 
ATOM   144  O  O   . PHE A 1 49  ? -12.369 -1.023  0.208   1.00 56.20  ? 49  PHE A O   1 
ATOM   145  C  CB  . PHE A 1 49  ? -9.606  0.450   1.273   1.00 56.70  ? 49  PHE A CB  1 
ATOM   146  C  CG  . PHE A 1 49  ? -9.726  0.734   -0.190  1.00 57.30  ? 49  PHE A CG  1 
ATOM   147  C  CD1 . PHE A 1 49  ? -9.169  -0.139  -1.132  1.00 55.85  ? 49  PHE A CD1 1 
ATOM   148  C  CD2 . PHE A 1 49  ? -10.493 1.821   -0.639  1.00 57.18  ? 49  PHE A CD2 1 
ATOM   149  C  CE1 . PHE A 1 49  ? -9.376  0.055   -2.504  1.00 54.74  ? 49  PHE A CE1 1 
ATOM   150  C  CE2 . PHE A 1 49  ? -10.712 2.025   -2.008  1.00 56.78  ? 49  PHE A CE2 1 
ATOM   151  C  CZ  . PHE A 1 49  ? -10.151 1.139   -2.947  1.00 56.52  ? 49  PHE A CZ  1 
ATOM   152  N  N   . ALA A 1 50  ? -10.768 -2.379  0.983   1.00 53.99  ? 50  ALA A N   1 
ATOM   153  C  CA  . ALA A 1 50  ? -11.175 -3.469  0.124   1.00 53.19  ? 50  ALA A CA  1 
ATOM   154  C  C   . ALA A 1 50  ? -12.655 -3.832  0.259   1.00 55.44  ? 50  ALA A C   1 
ATOM   155  O  O   . ALA A 1 50  ? -13.358 -3.919  -0.746  1.00 55.67  ? 50  ALA A O   1 
ATOM   156  C  CB  . ALA A 1 50  ? -10.306 -4.684  0.379   1.00 48.27  ? 50  ALA A CB  1 
ATOM   157  N  N   . TYR A 1 51  ? -13.166 -4.029  1.470   1.00 57.21  ? 51  TYR A N   1 
ATOM   158  C  CA  . TYR A 1 51  ? -14.567 -4.408  1.537   1.00 59.74  ? 51  TYR A CA  1 
ATOM   159  C  C   . TYR A 1 51  ? -15.491 -3.260  1.173   1.00 61.40  ? 51  TYR A C   1 
ATOM   160  O  O   . TYR A 1 51  ? -16.490 -3.465  0.502   1.00 62.29  ? 51  TYR A O   1 
ATOM   161  C  CB  . TYR A 1 51  ? -14.936 -5.011  2.907   1.00 60.15  ? 51  TYR A CB  1 
ATOM   162  C  CG  . TYR A 1 51  ? -15.363 -4.041  3.983   1.00 61.27  ? 51  TYR A CG  1 
ATOM   163  C  CD1 . TYR A 1 51  ? -14.460 -3.605  4.951   1.00 61.74  ? 51  TYR A CD1 1 
ATOM   164  C  CD2 . TYR A 1 51  ? -16.685 -3.592  4.062   1.00 59.62  ? 51  TYR A CD2 1 
ATOM   165  C  CE1 . TYR A 1 51  ? -14.862 -2.745  5.977   1.00 61.79  ? 51  TYR A CE1 1 
ATOM   166  C  CE2 . TYR A 1 51  ? -17.095 -2.732  5.084   1.00 59.37  ? 51  TYR A CE2 1 
ATOM   167  C  CZ  . TYR A 1 51  ? -16.180 -2.313  6.040   1.00 60.65  ? 51  TYR A CZ  1 
ATOM   168  O  OH  . TYR A 1 51  ? -16.561 -1.466  7.066   1.00 59.05  ? 51  TYR A OH  1 
HETATM 169  N  N   . MSE A 1 52  ? -15.157 -2.049  1.597   1.00 63.87  ? 52  MSE A N   1 
HETATM 170  C  CA  . MSE A 1 52  ? -15.984 -0.899  1.269   1.00 65.79  ? 52  MSE A CA  1 
HETATM 171  C  C   . MSE A 1 52  ? -16.058 -0.698  -0.247  1.00 67.58  ? 52  MSE A C   1 
HETATM 172  O  O   . MSE A 1 52  ? -17.132 -0.434  -0.792  1.00 67.71  ? 52  MSE A O   1 
HETATM 173  C  CB  . MSE A 1 52  ? -15.423 0.341   1.941   1.00 66.61  ? 52  MSE A CB  1 
HETATM 174  C  CG  . MSE A 1 52  ? -15.429 0.235   3.443   1.00 70.70  ? 52  MSE A CG  1 
HETATM 175  SE SE  . MSE A 1 52  ? -14.734 1.808   4.295   1.00 75.88  ? 52  MSE A SE  1 
HETATM 176  C  CE  . MSE A 1 52  ? -16.176 3.021   3.826   1.00 73.96  ? 52  MSE A CE  1 
ATOM   177  N  N   . TYR A 1 53  ? -14.923 -0.817  -0.933  1.00 69.33  ? 53  TYR A N   1 
ATOM   178  C  CA  . TYR A 1 53  ? -14.915 -0.667  -2.383  1.00 71.54  ? 53  TYR A CA  1 
ATOM   179  C  C   . TYR A 1 53  ? -15.809 -1.761  -2.952  1.00 74.74  ? 53  TYR A C   1 
ATOM   180  O  O   . TYR A 1 53  ? -16.682 -1.506  -3.772  1.00 74.54  ? 53  TYR A O   1 
ATOM   181  C  CB  . TYR A 1 53  ? -13.506 -0.830  -2.952  1.00 68.40  ? 53  TYR A CB  1 
ATOM   182  C  CG  . TYR A 1 53  ? -13.510 -0.945  -4.461  1.00 68.88  ? 53  TYR A CG  1 
ATOM   183  C  CD1 . TYR A 1 53  ? -13.756 0.171   -5.267  1.00 70.29  ? 53  TYR A CD1 1 
ATOM   184  C  CD2 . TYR A 1 53  ? -13.329 -2.180  -5.089  1.00 68.80  ? 53  TYR A CD2 1 
ATOM   185  C  CE1 . TYR A 1 53  ? -13.827 0.062   -6.666  1.00 69.77  ? 53  TYR A CE1 1 
ATOM   186  C  CE2 . TYR A 1 53  ? -13.395 -2.303  -6.487  1.00 69.77  ? 53  TYR A CE2 1 
ATOM   187  C  CZ  . TYR A 1 53  ? -13.646 -1.173  -7.268  1.00 70.86  ? 53  TYR A CZ  1 
ATOM   188  O  OH  . TYR A 1 53  ? -13.720 -1.270  -8.644  1.00 71.37  ? 53  TYR A OH  1 
ATOM   189  N  N   . GLN A 1 54  ? -15.573 -2.986  -2.494  1.00 79.17  ? 54  GLN A N   1 
ATOM   190  C  CA  . GLN A 1 54  ? -16.336 -4.145  -2.923  1.00 83.47  ? 54  GLN A CA  1 
ATOM   191  C  C   . GLN A 1 54  ? -17.833 -3.885  -2.799  1.00 84.35  ? 54  GLN A C   1 
ATOM   192  O  O   . GLN A 1 54  ? -18.614 -4.314  -3.641  1.00 84.87  ? 54  GLN A O   1 
ATOM   193  C  CB  . GLN A 1 54  ? -15.956 -5.359  -2.070  1.00 87.13  ? 54  GLN A CB  1 
ATOM   194  C  CG  . GLN A 1 54  ? -16.740 -6.620  -2.395  1.00 92.86  ? 54  GLN A CG  1 
ATOM   195  C  CD  . GLN A 1 54  ? -16.376 -7.195  -3.752  1.00 96.63  ? 54  GLN A CD  1 
ATOM   196  O  OE1 . GLN A 1 54  ? -17.046 -8.101  -4.258  1.00 99.69  ? 54  GLN A OE1 1 
ATOM   197  N  NE2 . GLN A 1 54  ? -15.304 -6.676  -4.347  1.00 97.87  ? 54  GLN A NE2 1 
ATOM   198  N  N   . ALA A 1 55  ? -18.227 -3.181  -1.748  1.00 85.64  ? 55  ALA A N   1 
ATOM   199  C  CA  . ALA A 1 55  ? -19.633 -2.878  -1.525  1.00 88.06  ? 55  ALA A CA  1 
ATOM   200  C  C   . ALA A 1 55  ? -20.179 -1.902  -2.566  1.00 89.94  ? 55  ALA A C   1 
ATOM   201  O  O   . ALA A 1 55  ? -21.271 -2.102  -3.098  1.00 90.52  ? 55  ALA A O   1 
ATOM   202  C  CB  . ALA A 1 55  ? -19.829 -2.315  -0.118  1.00 87.90  ? 55  ALA A CB  1 
ATOM   203  N  N   . GLN A 1 56  ? -19.433 -0.842  -2.855  1.00 91.80  ? 56  GLN A N   1 
ATOM   204  C  CA  . GLN A 1 56  ? -19.890 0.123   -3.845  1.00 94.55  ? 56  GLN A CA  1 
ATOM   205  C  C   . GLN A 1 56  ? -19.974 -0.614  -5.169  1.00 95.95  ? 56  GLN A C   1 
ATOM   206  O  O   . GLN A 1 56  ? -21.032 -0.698  -5.794  1.00 96.02  ? 56  GLN A O   1 
ATOM   207  C  CB  . GLN A 1 56  ? -18.901 1.283   -3.968  1.00 96.15  ? 56  GLN A CB  1 
ATOM   208  C  CG  . GLN A 1 56  ? -18.515 1.922   -2.645  1.00 100.56 ? 56  GLN A CG  1 
ATOM   209  C  CD  . GLN A 1 56  ? -19.688 2.048   -1.678  1.00 103.61 ? 56  GLN A CD  1 
ATOM   210  O  OE1 . GLN A 1 56  ? -20.736 2.599   -2.019  1.00 104.62 ? 56  GLN A OE1 1 
ATOM   211  N  NE2 . GLN A 1 56  ? -19.508 1.537   -0.459  1.00 104.87 ? 56  GLN A NE2 1 
ATOM   212  N  N   . SER A 1 57  ? -18.833 -1.162  -5.568  1.00 97.90  ? 57  SER A N   1 
ATOM   213  C  CA  . SER A 1 57  ? -18.678 -1.919  -6.802  1.00 99.22  ? 57  SER A CA  1 
ATOM   214  C  C   . SER A 1 57  ? -19.866 -2.802  -7.184  1.00 100.13 ? 57  SER A C   1 
ATOM   215  O  O   . SER A 1 57  ? -20.261 -2.836  -8.347  1.00 99.99  ? 57  SER A O   1 
ATOM   216  C  CB  . SER A 1 57  ? -17.418 -2.777  -6.706  1.00 98.96  ? 57  SER A CB  1 
ATOM   217  O  OG  . SER A 1 57  ? -17.182 -3.480  -7.908  1.00 100.00 ? 57  SER A OG  1 
ATOM   218  N  N   . ASP A 1 58  ? -20.438 -3.524  -6.227  1.00 101.86 ? 58  ASP A N   1 
ATOM   219  C  CA  . ASP A 1 58  ? -21.563 -4.388  -6.565  1.00 104.33 ? 58  ASP A CA  1 
ATOM   220  C  C   . ASP A 1 58  ? -22.930 -3.744  -6.312  1.00 105.51 ? 58  ASP A C   1 
ATOM   221  O  O   . ASP A 1 58  ? -23.799 -4.315  -5.652  1.00 105.52 ? 58  ASP A O   1 
ATOM   222  C  CB  . ASP A 1 58  ? -21.436 -5.752  -5.850  1.00 104.34 ? 58  ASP A CB  1 
ATOM   223  C  CG  . ASP A 1 58  ? -21.664 -5.669  -4.347  1.00 103.77 ? 58  ASP A CG  1 
ATOM   224  O  OD1 . ASP A 1 58  ? -21.322 -6.648  -3.643  1.00 101.61 ? 58  ASP A OD1 1 
ATOM   225  O  OD2 . ASP A 1 58  ? -22.193 -4.641  -3.871  1.00 104.09 ? 58  ASP A OD2 1 
ATOM   226  N  N   . LEU A 1 59  ? -23.100 -2.544  -6.865  1.00 106.88 ? 59  LEU A N   1 
ATOM   227  C  CA  . LEU A 1 59  ? -24.338 -1.770  -6.758  1.00 107.93 ? 59  LEU A CA  1 
ATOM   228  C  C   . LEU A 1 59  ? -24.065 -0.323  -7.164  1.00 108.83 ? 59  LEU A C   1 
ATOM   229  O  O   . LEU A 1 59  ? -24.924 0.532   -6.868  1.00 109.35 ? 59  LEU A O   1 
ATOM   230  C  CB  . LEU A 1 59  ? -24.908 -1.828  -5.327  1.00 107.01 ? 59  LEU A CB  1 
ATOM   231  C  CG  . LEU A 1 59  ? -24.050 -1.401  -4.131  1.00 106.81 ? 59  LEU A CG  1 
ATOM   232  C  CD1 . LEU A 1 59  ? -23.841 0.106   -4.142  1.00 106.75 ? 59  LEU A CD1 1 
ATOM   233  C  CD2 . LEU A 1 59  ? -24.740 -1.816  -2.839  1.00 105.59 ? 59  LEU A CD2 1 
ATOM   234  N  N   . ASN A 1 148 ? -33.519 10.460  -18.372 1.00 78.13  ? 148 ASN A N   1 
ATOM   235  C  CA  . ASN A 1 148 ? -33.296 9.292   -17.476 1.00 81.16  ? 148 ASN A CA  1 
ATOM   236  C  C   . ASN A 1 148 ? -32.203 8.373   -18.036 1.00 81.19  ? 148 ASN A C   1 
ATOM   237  O  O   . ASN A 1 148 ? -31.404 7.813   -17.276 1.00 81.97  ? 148 ASN A O   1 
ATOM   238  C  CB  . ASN A 1 148 ? -34.596 8.503   -17.280 1.00 83.02  ? 148 ASN A CB  1 
ATOM   239  C  CG  . ASN A 1 148 ? -34.571 7.637   -16.017 1.00 85.93  ? 148 ASN A CG  1 
ATOM   240  O  OD1 . ASN A 1 148 ? -35.495 6.863   -15.755 1.00 86.47  ? 148 ASN A OD1 1 
ATOM   241  N  ND2 . ASN A 1 148 ? -33.511 7.777   -15.226 1.00 87.41  ? 148 ASN A ND2 1 
ATOM   242  N  N   . LEU A 1 149 ? -32.169 8.195   -19.354 1.00 79.49  ? 149 LEU A N   1 
ATOM   243  C  CA  . LEU A 1 149 ? -31.114 7.379   -19.948 1.00 76.74  ? 149 LEU A CA  1 
ATOM   244  C  C   . LEU A 1 149 ? -29.895 8.296   -19.877 1.00 76.11  ? 149 LEU A C   1 
ATOM   245  O  O   . LEU A 1 149 ? -28.767 7.849   -19.679 1.00 75.75  ? 149 LEU A O   1 
ATOM   246  C  CB  . LEU A 1 149 ? -31.409 7.054   -21.412 1.00 75.60  ? 149 LEU A CB  1 
ATOM   247  C  CG  . LEU A 1 149 ? -30.732 5.815   -22.018 1.00 74.80  ? 149 LEU A CG  1 
ATOM   248  C  CD1 . LEU A 1 149 ? -30.671 5.984   -23.519 1.00 75.25  ? 149 LEU A CD1 1 
ATOM   249  C  CD2 . LEU A 1 149 ? -29.335 5.625   -21.484 1.00 74.43  ? 149 LEU A CD2 1 
ATOM   250  N  N   . THR A 1 150 ? -30.149 9.592   -20.031 1.00 75.12  ? 150 THR A N   1 
ATOM   251  C  CA  . THR A 1 150 ? -29.097 10.595  -19.975 1.00 74.99  ? 150 THR A CA  1 
ATOM   252  C  C   . THR A 1 150 ? -28.456 10.546  -18.597 1.00 74.78  ? 150 THR A C   1 
ATOM   253  O  O   . THR A 1 150 ? -27.232 10.587  -18.454 1.00 74.16  ? 150 THR A O   1 
ATOM   254  C  CB  . THR A 1 150 ? -29.667 11.993  -20.178 1.00 74.41  ? 150 THR A CB  1 
ATOM   255  O  OG1 . THR A 1 150 ? -30.412 12.028  -21.397 1.00 75.57  ? 150 THR A OG1 1 
ATOM   256  C  CG2 . THR A 1 150 ? -28.550 13.011  -20.249 1.00 73.72  ? 150 THR A CG2 1 
ATOM   257  N  N   . THR A 1 151 ? -29.309 10.480  -17.582 1.00 74.19  ? 151 THR A N   1 
ATOM   258  C  CA  . THR A 1 151 ? -28.857 10.405  -16.204 1.00 74.24  ? 151 THR A CA  1 
ATOM   259  C  C   . THR A 1 151 ? -27.924 9.201   -16.092 1.00 73.34  ? 151 THR A C   1 
ATOM   260  O  O   . THR A 1 151 ? -26.761 9.321   -15.701 1.00 72.50  ? 151 THR A O   1 
ATOM   261  C  CB  . THR A 1 151 ? -30.065 10.219  -15.251 1.00 74.28  ? 151 THR A CB  1 
ATOM   262  O  OG1 . THR A 1 151 ? -30.781 11.453  -15.143 1.00 72.61  ? 151 THR A OG1 1 
ATOM   263  C  CG2 . THR A 1 151 ? -29.605 9.778   -13.876 1.00 76.10  ? 151 THR A CG2 1 
ATOM   264  N  N   . THR A 1 152 ? -28.461 8.043   -16.459 1.00 72.62  ? 152 THR A N   1 
ATOM   265  C  CA  . THR A 1 152 ? -27.736 6.787   -16.427 1.00 72.88  ? 152 THR A CA  1 
ATOM   266  C  C   . THR A 1 152 ? -26.362 6.876   -17.065 1.00 71.83  ? 152 THR A C   1 
ATOM   267  O  O   . THR A 1 152 ? -25.382 6.388   -16.513 1.00 71.54  ? 152 THR A O   1 
ATOM   268  C  CB  . THR A 1 152 ? -28.540 5.705   -17.146 1.00 74.27  ? 152 THR A CB  1 
ATOM   269  O  OG1 . THR A 1 152 ? -29.767 5.497   -16.437 1.00 76.08  ? 152 THR A OG1 1 
ATOM   270  C  CG2 . THR A 1 152 ? -27.750 4.397   -17.229 1.00 73.98  ? 152 THR A CG2 1 
ATOM   271  N  N   . VAL A 1 153 ? -26.299 7.493   -18.237 1.00 71.72  ? 153 VAL A N   1 
ATOM   272  C  CA  . VAL A 1 153 ? -25.039 7.636   -18.952 1.00 72.33  ? 153 VAL A CA  1 
ATOM   273  C  C   . VAL A 1 153 ? -24.085 8.569   -18.221 1.00 72.00  ? 153 VAL A C   1 
ATOM   274  O  O   . VAL A 1 153 ? -22.869 8.385   -18.264 1.00 72.15  ? 153 VAL A O   1 
ATOM   275  C  CB  . VAL A 1 153 ? -25.279 8.160   -20.401 1.00 72.63  ? 153 VAL A CB  1 
ATOM   276  C  CG1 . VAL A 1 153 ? -23.972 8.655   -21.029 1.00 71.69  ? 153 VAL A CG1 1 
ATOM   277  C  CG2 . VAL A 1 153 ? -25.874 7.047   -21.244 1.00 71.55  ? 153 VAL A CG2 1 
ATOM   278  N  N   . ASN A 1 154 ? -24.637 9.564   -17.540 1.00 71.84  ? 154 ASN A N   1 
ATOM   279  C  CA  . ASN A 1 154 ? -23.814 10.514  -16.816 1.00 72.77  ? 154 ASN A CA  1 
ATOM   280  C  C   . ASN A 1 154 ? -23.310 9.943   -15.502 1.00 72.47  ? 154 ASN A C   1 
ATOM   281  O  O   . ASN A 1 154 ? -22.142 10.125  -15.152 1.00 72.53  ? 154 ASN A O   1 
ATOM   282  C  CB  . ASN A 1 154 ? -24.592 11.810  -16.583 1.00 75.09  ? 154 ASN A CB  1 
ATOM   283  C  CG  . ASN A 1 154 ? -24.811 12.596  -17.871 1.00 77.39  ? 154 ASN A CG  1 
ATOM   284  O  OD1 . ASN A 1 154 ? -25.726 13.419  -17.964 1.00 78.44  ? 154 ASN A OD1 1 
ATOM   285  N  ND2 . ASN A 1 154 ? -23.963 12.351  -18.867 1.00 76.98  ? 154 ASN A ND2 1 
ATOM   286  N  N   . ASN A 1 155 ? -24.173 9.242   -14.777 1.00 72.35  ? 155 ASN A N   1 
ATOM   287  C  CA  . ASN A 1 155 ? -23.748 8.662   -13.512 1.00 74.00  ? 155 ASN A CA  1 
ATOM   288  C  C   . ASN A 1 155 ? -22.592 7.686   -13.726 1.00 74.05  ? 155 ASN A C   1 
ATOM   289  O  O   . ASN A 1 155 ? -21.624 7.672   -12.962 1.00 74.46  ? 155 ASN A O   1 
ATOM   290  C  CB  . ASN A 1 155 ? -24.913 7.952   -12.825 1.00 75.63  ? 155 ASN A CB  1 
ATOM   291  C  CG  . ASN A 1 155 ? -26.050 8.900   -12.484 1.00 79.41  ? 155 ASN A CG  1 
ATOM   292  O  OD1 . ASN A 1 155 ? -25.830 10.087  -12.193 1.00 80.10  ? 155 ASN A OD1 1 
ATOM   293  N  ND2 . ASN A 1 155 ? -27.278 8.381   -12.507 1.00 80.77  ? 155 ASN A ND2 1 
ATOM   294  N  N   . SER A 1 156 ? -22.695 6.876   -14.771 1.00 73.23  ? 156 SER A N   1 
ATOM   295  C  CA  . SER A 1 156 ? -21.655 5.916   -15.084 1.00 71.39  ? 156 SER A CA  1 
ATOM   296  C  C   . SER A 1 156 ? -20.372 6.630   -15.456 1.00 71.00  ? 156 SER A C   1 
ATOM   297  O  O   . SER A 1 156 ? -19.286 6.198   -15.084 1.00 71.89  ? 156 SER A O   1 
ATOM   298  C  CB  . SER A 1 156 ? -22.098 5.021   -16.231 1.00 70.72  ? 156 SER A CB  1 
ATOM   299  O  OG  . SER A 1 156 ? -23.234 4.283   -15.839 1.00 71.31  ? 156 SER A OG  1 
ATOM   300  N  N   . GLN A 1 157 ? -20.489 7.726   -16.190 1.00 70.73  ? 157 GLN A N   1 
ATOM   301  C  CA  . GLN A 1 157 ? -19.299 8.452   -16.579 1.00 71.58  ? 157 GLN A CA  1 
ATOM   302  C  C   . GLN A 1 157 ? -18.609 8.963   -15.319 1.00 71.57  ? 157 GLN A C   1 
ATOM   303  O  O   . GLN A 1 157 ? -17.382 9.019   -15.246 1.00 70.81  ? 157 GLN A O   1 
ATOM   304  C  CB  . GLN A 1 157 ? -19.663 9.609   -17.508 1.00 72.84  ? 157 GLN A CB  1 
ATOM   305  C  CG  . GLN A 1 157 ? -18.556 9.931   -18.488 1.00 76.76  ? 157 GLN A CG  1 
ATOM   306  C  CD  . GLN A 1 157 ? -17.900 8.664   -19.041 1.00 79.25  ? 157 GLN A CD  1 
ATOM   307  O  OE1 . GLN A 1 157 ? -18.587 7.729   -19.467 1.00 79.96  ? 157 GLN A OE1 1 
ATOM   308  N  NE2 . GLN A 1 157 ? -16.565 8.633   -19.038 1.00 79.25  ? 157 GLN A NE2 1 
ATOM   309  N  N   . LEU A 1 158 ? -19.413 9.320   -14.319 1.00 71.70  ? 158 LEU A N   1 
ATOM   310  C  CA  . LEU A 1 158 ? -18.897 9.801   -13.041 1.00 71.50  ? 158 LEU A CA  1 
ATOM   311  C  C   . LEU A 1 158 ? -18.212 8.674   -12.264 1.00 70.89  ? 158 LEU A C   1 
ATOM   312  O  O   . LEU A 1 158 ? -17.159 8.878   -11.668 1.00 70.09  ? 158 LEU A O   1 
ATOM   313  C  CB  . LEU A 1 158 ? -20.037 10.388  -12.214 1.00 72.75  ? 158 LEU A CB  1 
ATOM   314  C  CG  . LEU A 1 158 ? -19.965 11.895  -11.950 1.00 74.05  ? 158 LEU A CG  1 
ATOM   315  C  CD1 . LEU A 1 158 ? -19.512 12.654  -13.201 1.00 73.22  ? 158 LEU A CD1 1 
ATOM   316  C  CD2 . LEU A 1 158 ? -21.334 12.363  -11.486 1.00 73.56  ? 158 LEU A CD2 1 
ATOM   317  N  N   . GLU A 1 159 ? -18.818 7.489   -12.270 1.00 71.38  ? 159 GLU A N   1 
ATOM   318  C  CA  . GLU A 1 159 ? -18.251 6.327   -11.593 1.00 72.35  ? 159 GLU A CA  1 
ATOM   319  C  C   . GLU A 1 159 ? -16.898 6.001   -12.213 1.00 71.86  ? 159 GLU A C   1 
ATOM   320  O  O   . GLU A 1 159 ? -15.939 5.675   -11.515 1.00 71.69  ? 159 GLU A O   1 
ATOM   321  C  CB  . GLU A 1 159 ? -19.164 5.120   -11.751 1.00 74.89  ? 159 GLU A CB  1 
ATOM   322  C  CG  . GLU A 1 159 ? -20.591 5.376   -11.327 1.00 82.30  ? 159 GLU A CG  1 
ATOM   323  C  CD  . GLU A 1 159 ? -21.497 4.180   -11.593 1.00 87.07  ? 159 GLU A CD  1 
ATOM   324  O  OE1 . GLU A 1 159 ? -22.737 4.326   -11.460 1.00 88.48  ? 159 GLU A OE1 1 
ATOM   325  O  OE2 . GLU A 1 159 ? -20.963 3.094   -11.930 1.00 88.81  ? 159 GLU A OE2 1 
ATOM   326  N  N   . ILE A 1 160 ? -16.831 6.089   -13.536 1.00 71.54  ? 160 ILE A N   1 
ATOM   327  C  CA  . ILE A 1 160 ? -15.600 5.807   -14.254 1.00 70.25  ? 160 ILE A CA  1 
ATOM   328  C  C   . ILE A 1 160 ? -14.524 6.813   -13.856 1.00 70.60  ? 160 ILE A C   1 
ATOM   329  O  O   . ILE A 1 160 ? -13.344 6.463   -13.773 1.00 68.83  ? 160 ILE A O   1 
ATOM   330  C  CB  . ILE A 1 160 ? -15.842 5.843   -15.787 1.00 69.57  ? 160 ILE A CB  1 
ATOM   331  C  CG1 . ILE A 1 160 ? -16.824 4.731   -16.176 1.00 68.50  ? 160 ILE A CG1 1 
ATOM   332  C  CG2 . ILE A 1 160 ? -14.529 5.669   -16.536 1.00 67.38  ? 160 ILE A CG2 1 
ATOM   333  C  CD1 . ILE A 1 160 ? -17.126 4.654   -17.654 1.00 67.01  ? 160 ILE A CD1 1 
ATOM   334  N  N   . GLN A 1 161 ? -14.935 8.055   -13.602 1.00 72.47  ? 161 GLN A N   1 
ATOM   335  C  CA  . GLN A 1 161 ? -14.013 9.114   -13.197 1.00 74.19  ? 161 GLN A CA  1 
ATOM   336  C  C   . GLN A 1 161 ? -13.490 8.825   -11.794 1.00 73.66  ? 161 GLN A C   1 
ATOM   337  O  O   . GLN A 1 161 ? -12.289 8.946   -11.534 1.00 71.61  ? 161 GLN A O   1 
ATOM   338  C  CB  . GLN A 1 161 ? -14.718 10.470  -13.212 1.00 78.27  ? 161 GLN A CB  1 
ATOM   339  C  CG  . GLN A 1 161 ? -14.132 11.490  -14.195 1.00 86.54  ? 161 GLN A CG  1 
ATOM   340  C  CD  . GLN A 1 161 ? -12.760 12.030  -13.771 1.00 91.63  ? 161 GLN A CD  1 
ATOM   341  O  OE1 . GLN A 1 161 ? -11.777 11.276  -13.665 1.00 93.79  ? 161 GLN A OE1 1 
ATOM   342  N  NE2 . GLN A 1 161 ? -12.690 13.344  -13.530 1.00 92.24  ? 161 GLN A NE2 1 
ATOM   343  N  N   . GLN A 1 162 ? -14.394 8.442   -10.892 1.00 74.04  ? 162 GLN A N   1 
ATOM   344  C  CA  . GLN A 1 162 ? -13.995 8.125   -9.527  1.00 75.49  ? 162 GLN A CA  1 
ATOM   345  C  C   . GLN A 1 162 ? -13.100 6.890   -9.536  1.00 74.30  ? 162 GLN A C   1 
ATOM   346  O  O   . GLN A 1 162 ? -11.971 6.942   -9.054  1.00 74.36  ? 162 GLN A O   1 
ATOM   347  C  CB  . GLN A 1 162 ? -15.203 7.859   -8.620  1.00 78.23  ? 162 GLN A CB  1 
ATOM   348  C  CG  . GLN A 1 162 ? -14.761 7.704   -7.158  1.00 84.91  ? 162 GLN A CG  1 
ATOM   349  C  CD  . GLN A 1 162 ? -15.544 6.656   -6.368  1.00 88.18  ? 162 GLN A CD  1 
ATOM   350  O  OE1 . GLN A 1 162 ? -16.668 6.900   -5.921  1.00 89.29  ? 162 GLN A OE1 1 
ATOM   351  N  NE2 . GLN A 1 162 ? -14.941 5.476   -6.193  1.00 89.09  ? 162 GLN A NE2 1 
HETATM 352  N  N   . MSE A 1 163 ? -13.609 5.787   -10.087 1.00 73.64  ? 163 MSE A N   1 
HETATM 353  C  CA  . MSE A 1 163 ? -12.853 4.536   -10.173 1.00 72.45  ? 163 MSE A CA  1 
HETATM 354  C  C   . MSE A 1 163 ? -11.449 4.774   -10.707 1.00 70.55  ? 163 MSE A C   1 
HETATM 355  O  O   . MSE A 1 163 ? -10.483 4.143   -10.278 1.00 69.77  ? 163 MSE A O   1 
HETATM 356  C  CB  . MSE A 1 163 ? -13.565 3.542   -11.088 1.00 73.11  ? 163 MSE A CB  1 
HETATM 357  C  CG  . MSE A 1 163 ? -14.876 3.042   -10.535 1.00 76.67  ? 163 MSE A CG  1 
HETATM 358  SE SE  . MSE A 1 163 ? -15.743 1.730   -11.681 1.00 80.15  ? 163 MSE A SE  1 
HETATM 359  C  CE  . MSE A 1 163 ? -14.688 0.171   -11.191 1.00 76.18  ? 163 MSE A CE  1 
ATOM   360  N  N   . SER A 1 164 ? -11.342 5.694   -11.652 1.00 69.30  ? 164 SER A N   1 
ATOM   361  C  CA  . SER A 1 164 ? -10.060 6.009   -12.240 1.00 68.55  ? 164 SER A CA  1 
ATOM   362  C  C   . SER A 1 164 ? -9.135  6.621   -11.192 1.00 67.68  ? 164 SER A C   1 
ATOM   363  O  O   . SER A 1 164 ? -8.005  6.165   -11.012 1.00 67.37  ? 164 SER A O   1 
ATOM   364  C  CB  . SER A 1 164 ? -10.252 6.968   -13.409 1.00 68.72  ? 164 SER A CB  1 
ATOM   365  O  OG  . SER A 1 164 ? -9.026  7.169   -14.077 1.00 70.69  ? 164 SER A OG  1 
ATOM   366  N  N   . ASN A 1 165 ? -9.611  7.650   -10.496 1.00 66.46  ? 165 ASN A N   1 
ATOM   367  C  CA  . ASN A 1 165 ? -8.796  8.291   -9.466  1.00 66.08  ? 165 ASN A CA  1 
ATOM   368  C  C   . ASN A 1 165 ? -8.417  7.276   -8.399  1.00 64.72  ? 165 ASN A C   1 
ATOM   369  O  O   . ASN A 1 165 ? -7.263  7.213   -7.968  1.00 64.16  ? 165 ASN A O   1 
ATOM   370  C  CB  . ASN A 1 165 ? -9.554  9.461   -8.848  1.00 67.91  ? 165 ASN A CB  1 
ATOM   371  C  CG  . ASN A 1 165 ? -9.776  10.592  -9.839  1.00 70.79  ? 165 ASN A CG  1 
ATOM   372  O  OD1 . ASN A 1 165 ? -10.663 11.430  -9.655  1.00 72.20  ? 165 ASN A OD1 1 
ATOM   373  N  ND2 . ASN A 1 165 ? -8.963  10.624  -10.896 1.00 70.86  ? 165 ASN A ND2 1 
ATOM   374  N  N   . THR A 1 166 ? -9.394  6.478   -7.981  1.00 62.62  ? 166 THR A N   1 
ATOM   375  C  CA  . THR A 1 166 ? -9.155  5.437   -6.996  1.00 60.50  ? 166 THR A CA  1 
ATOM   376  C  C   . THR A 1 166 ? -7.926  4.645   -7.420  1.00 60.54  ? 166 THR A C   1 
ATOM   377  O  O   . THR A 1 166 ? -6.972  4.516   -6.657  1.00 61.46  ? 166 THR A O   1 
ATOM   378  C  CB  . THR A 1 166 ? -10.343 4.479   -6.907  1.00 59.90  ? 166 THR A CB  1 
ATOM   379  O  OG1 . THR A 1 166 ? -11.503 5.205   -6.482  1.00 60.80  ? 166 THR A OG1 1 
ATOM   380  C  CG2 . THR A 1 166 ? -10.057 3.359   -5.923  1.00 58.49  ? 166 THR A CG2 1 
ATOM   381  N  N   . LEU A 1 167 ? -7.946  4.132   -8.647  1.00 59.53  ? 167 LEU A N   1 
ATOM   382  C  CA  . LEU A 1 167 ? -6.828  3.353   -9.170  1.00 58.50  ? 167 LEU A CA  1 
ATOM   383  C  C   . LEU A 1 167 ? -5.503  4.115   -9.084  1.00 59.82  ? 167 LEU A C   1 
ATOM   384  O  O   . LEU A 1 167 ? -4.465  3.544   -8.727  1.00 58.51  ? 167 LEU A O   1 
ATOM   385  C  CB  . LEU A 1 167 ? -7.088  2.959   -10.625 1.00 56.63  ? 167 LEU A CB  1 
ATOM   386  C  CG  . LEU A 1 167 ? -6.006  2.135   -11.335 1.00 54.77  ? 167 LEU A CG  1 
ATOM   387  C  CD1 . LEU A 1 167 ? -5.985  0.717   -10.789 1.00 53.04  ? 167 LEU A CD1 1 
ATOM   388  C  CD2 . LEU A 1 167 ? -6.284  2.120   -12.832 1.00 53.45  ? 167 LEU A CD2 1 
ATOM   389  N  N   . ASN A 1 168 ? -5.535  5.401   -9.419  1.00 61.39  ? 168 ASN A N   1 
ATOM   390  C  CA  . ASN A 1 168 ? -4.324  6.212   -9.376  1.00 64.04  ? 168 ASN A CA  1 
ATOM   391  C  C   . ASN A 1 168 ? -3.783  6.349   -7.966  1.00 62.94  ? 168 ASN A C   1 
ATOM   392  O  O   . ASN A 1 168 ? -2.596  6.138   -7.723  1.00 62.45  ? 168 ASN A O   1 
ATOM   393  C  CB  . ASN A 1 168 ? -4.587  7.600   -9.961  1.00 68.81  ? 168 ASN A CB  1 
ATOM   394  C  CG  . ASN A 1 168 ? -4.768  7.561   -11.462 1.00 74.61  ? 168 ASN A CG  1 
ATOM   395  O  OD1 . ASN A 1 168 ? -3.880  7.101   -12.188 1.00 75.61  ? 168 ASN A OD1 1 
ATOM   396  N  ND2 . ASN A 1 168 ? -5.920  8.035   -11.941 1.00 77.02  ? 168 ASN A ND2 1 
ATOM   397  N  N   . LEU A 1 169 ? -4.665  6.699   -7.040  1.00 62.09  ? 169 LEU A N   1 
ATOM   398  C  CA  . LEU A 1 169 ? -4.280  6.865   -5.650  1.00 60.97  ? 169 LEU A CA  1 
ATOM   399  C  C   . LEU A 1 169 ? -3.822  5.520   -5.098  1.00 61.07  ? 169 LEU A C   1 
ATOM   400  O  O   . LEU A 1 169 ? -2.852  5.436   -4.340  1.00 61.14  ? 169 LEU A O   1 
ATOM   401  C  CB  . LEU A 1 169 ? -5.476  7.393   -4.869  1.00 59.82  ? 169 LEU A CB  1 
ATOM   402  C  CG  . LEU A 1 169 ? -5.187  8.319   -3.694  1.00 60.23  ? 169 LEU A CG  1 
ATOM   403  C  CD1 . LEU A 1 169 ? -4.067  9.288   -4.026  1.00 57.98  ? 169 LEU A CD1 1 
ATOM   404  C  CD2 . LEU A 1 169 ? -6.473  9.054   -3.337  1.00 57.23  ? 169 LEU A CD2 1 
ATOM   405  N  N   . LEU A 1 170 ? -4.512  4.470   -5.520  1.00 60.65  ? 170 LEU A N   1 
ATOM   406  C  CA  . LEU A 1 170 ? -4.216  3.110   -5.093  1.00 61.42  ? 170 LEU A CA  1 
ATOM   407  C  C   . LEU A 1 170 ? -2.883  2.597   -5.616  1.00 61.22  ? 170 LEU A C   1 
ATOM   408  O  O   . LEU A 1 170 ? -2.177  1.865   -4.937  1.00 61.89  ? 170 LEU A O   1 
ATOM   409  C  CB  . LEU A 1 170 ? -5.330  2.187   -5.559  1.00 62.61  ? 170 LEU A CB  1 
ATOM   410  C  CG  . LEU A 1 170 ? -5.354  0.786   -4.972  1.00 63.38  ? 170 LEU A CG  1 
ATOM   411  C  CD1 . LEU A 1 170 ? -5.407  0.866   -3.441  1.00 62.68  ? 170 LEU A CD1 1 
ATOM   412  C  CD2 . LEU A 1 170 ? -6.575  0.050   -5.541  1.00 63.03  ? 170 LEU A CD2 1 
ATOM   413  N  N   . THR A 1 171 ? -2.537  2.967   -6.835  1.00 62.20  ? 171 THR A N   1 
ATOM   414  C  CA  . THR A 1 171 ? -1.272  2.531   -7.408  1.00 62.99  ? 171 THR A CA  1 
ATOM   415  C  C   . THR A 1 171 ? -0.105  3.331   -6.822  1.00 61.84  ? 171 THR A C   1 
ATOM   416  O  O   . THR A 1 171 ? 1.021   2.842   -6.724  1.00 59.87  ? 171 THR A O   1 
ATOM   417  C  CB  . THR A 1 171 ? -1.305  2.686   -8.930  1.00 64.46  ? 171 THR A CB  1 
ATOM   418  O  OG1 . THR A 1 171 ? -2.323  1.822   -9.458  1.00 66.01  ? 171 THR A OG1 1 
ATOM   419  C  CG2 . THR A 1 171 ? 0.047   2.330   -9.539  1.00 64.48  ? 171 THR A CG2 1 
ATOM   420  N  N   . SER A 1 172 ? -0.394  4.568   -6.432  1.00 61.65  ? 172 SER A N   1 
ATOM   421  C  CA  . SER A 1 172 ? 0.599   5.442   -5.829  1.00 61.52  ? 172 SER A CA  1 
ATOM   422  C  C   . SER A 1 172 ? 0.996   4.819   -4.486  1.00 61.83  ? 172 SER A C   1 
ATOM   423  O  O   . SER A 1 172 ? 2.180   4.717   -4.152  1.00 62.41  ? 172 SER A O   1 
ATOM   424  C  CB  . SER A 1 172 ? -0.001  6.830   -5.616  1.00 61.26  ? 172 SER A CB  1 
ATOM   425  O  OG  . SER A 1 172 ? 1.006   7.760   -5.266  1.00 64.00  ? 172 SER A OG  1 
ATOM   426  N  N   . ALA A 1 173 ? -0.015  4.395   -3.730  1.00 61.03  ? 173 ALA A N   1 
ATOM   427  C  CA  . ALA A 1 173 ? 0.176   3.749   -2.440  1.00 58.83  ? 173 ALA A CA  1 
ATOM   428  C  C   . ALA A 1 173 ? 1.015   2.504   -2.632  1.00 58.12  ? 173 ALA A C   1 
ATOM   429  O  O   . ALA A 1 173 ? 1.922   2.230   -1.853  1.00 57.84  ? 173 ALA A O   1 
ATOM   430  C  CB  . ALA A 1 173 ? -1.173  3.370   -1.845  1.00 58.68  ? 173 ALA A CB  1 
ATOM   431  N  N   . ARG A 1 174 ? 0.709   1.749   -3.682  1.00 59.71  ? 174 ARG A N   1 
ATOM   432  C  CA  . ARG A 1 174 ? 1.438   0.515   -3.968  1.00 61.24  ? 174 ARG A CA  1 
ATOM   433  C  C   . ARG A 1 174 ? 2.902   0.800   -4.235  1.00 61.00  ? 174 ARG A C   1 
ATOM   434  O  O   . ARG A 1 174 ? 3.767   0.088   -3.740  1.00 60.60  ? 174 ARG A O   1 
ATOM   435  C  CB  . ARG A 1 174 ? 0.824   -0.209  -5.169  1.00 62.79  ? 174 ARG A CB  1 
ATOM   436  C  CG  . ARG A 1 174 ? 1.111   -1.709  -5.197  1.00 65.56  ? 174 ARG A CG  1 
ATOM   437  C  CD  . ARG A 1 174 ? 2.038   -2.084  -6.331  1.00 67.72  ? 174 ARG A CD  1 
ATOM   438  N  NE  . ARG A 1 174 ? 1.465   -1.678  -7.610  1.00 71.62  ? 174 ARG A NE  1 
ATOM   439  C  CZ  . ARG A 1 174 ? 2.144   -1.048  -8.564  1.00 73.31  ? 174 ARG A CZ  1 
ATOM   440  N  NH1 . ARG A 1 174 ? 1.539   -0.714  -9.696  1.00 73.77  ? 174 ARG A NH1 1 
ATOM   441  N  NH2 . ARG A 1 174 ? 3.426   -0.748  -8.388  1.00 73.94  ? 174 ARG A NH2 1 
ATOM   442  N  N   . SER A 1 175 ? 3.176   1.846   -5.011  1.00 62.70  ? 175 SER A N   1 
ATOM   443  C  CA  . SER A 1 175 ? 4.551   2.237   -5.330  1.00 64.71  ? 175 SER A CA  1 
ATOM   444  C  C   . SER A 1 175 ? 5.327   2.591   -4.071  1.00 64.47  ? 175 SER A C   1 
ATOM   445  O  O   . SER A 1 175 ? 6.496   2.219   -3.928  1.00 64.75  ? 175 SER A O   1 
ATOM   446  C  CB  . SER A 1 175 ? 4.556   3.441   -6.255  1.00 66.85  ? 175 SER A CB  1 
ATOM   447  O  OG  . SER A 1 175 ? 3.842   3.150   -7.438  1.00 74.25  ? 175 SER A OG  1 
ATOM   448  N  N   . ASP A 1 176 ? 4.678   3.330   -3.173  1.00 63.20  ? 176 ASP A N   1 
ATOM   449  C  CA  . ASP A 1 176 ? 5.280   3.717   -1.908  1.00 62.88  ? 176 ASP A CA  1 
ATOM   450  C  C   . ASP A 1 176 ? 5.657   2.478   -1.093  1.00 63.22  ? 176 ASP A C   1 
ATOM   451  O  O   . ASP A 1 176 ? 6.769   2.379   -0.565  1.00 62.63  ? 176 ASP A O   1 
ATOM   452  C  CB  . ASP A 1 176 ? 4.297   4.568   -1.107  1.00 65.40  ? 176 ASP A CB  1 
ATOM   453  C  CG  . ASP A 1 176 ? 4.117   5.958   -1.685  1.00 68.48  ? 176 ASP A CG  1 
ATOM   454  O  OD1 . ASP A 1 176 ? 3.118   6.632   -1.340  1.00 67.69  ? 176 ASP A OD1 1 
ATOM   455  O  OD2 . ASP A 1 176 ? 4.988   6.384   -2.475  1.00 72.48  ? 176 ASP A OD2 1 
HETATM 456  N  N   . MSE A 1 177 ? 4.732   1.529   -0.977  1.00 62.95  ? 177 MSE A N   1 
HETATM 457  C  CA  . MSE A 1 177 ? 5.022   0.329   -0.210  1.00 64.01  ? 177 MSE A CA  1 
HETATM 458  C  C   . MSE A 1 177 ? 6.164   -0.454  -0.823  1.00 62.76  ? 177 MSE A C   1 
HETATM 459  O  O   . MSE A 1 177 ? 6.874   -1.177  -0.132  1.00 63.01  ? 177 MSE A O   1 
HETATM 460  C  CB  . MSE A 1 177 ? 3.777   -0.550  -0.075  1.00 67.02  ? 177 MSE A CB  1 
HETATM 461  C  CG  . MSE A 1 177 ? 2.753   0.021   0.903   1.00 71.64  ? 177 MSE A CG  1 
HETATM 462  SE SE  . MSE A 1 177 ? 3.586   0.663   2.568   1.00 77.48  ? 177 MSE A SE  1 
HETATM 463  C  CE  . MSE A 1 177 ? 3.763   -1.047  3.465   1.00 76.39  ? 177 MSE A CE  1 
ATOM   464  N  N   . GLN A 1 178 ? 6.355   -0.297  -2.124  1.00 63.25  ? 178 GLN A N   1 
ATOM   465  C  CA  . GLN A 1 178 ? 7.438   -0.993  -2.808  1.00 63.35  ? 178 GLN A CA  1 
ATOM   466  C  C   . GLN A 1 178 ? 8.784   -0.336  -2.541  1.00 62.65  ? 178 GLN A C   1 
ATOM   467  O  O   . GLN A 1 178 ? 9.774   -1.017  -2.255  1.00 61.47  ? 178 GLN A O   1 
ATOM   468  C  CB  . GLN A 1 178 ? 7.149   -1.041  -4.299  1.00 64.21  ? 178 GLN A CB  1 
ATOM   469  C  CG  . GLN A 1 178 ? 6.432   -2.306  -4.705  1.00 65.84  ? 178 GLN A CG  1 
ATOM   470  C  CD  . GLN A 1 178 ? 5.895   -2.237  -6.110  1.00 67.88  ? 178 GLN A CD  1 
ATOM   471  O  OE1 . GLN A 1 178 ? 5.679   -3.262  -6.737  1.00 70.84  ? 178 GLN A OE1 1 
ATOM   472  N  NE2 . GLN A 1 178 ? 5.661   -1.026  -6.609  1.00 68.31  ? 178 GLN A NE2 1 
ATOM   473  N  N   . SER A 1 179 ? 8.809   0.992   -2.630  1.00 61.83  ? 179 SER A N   1 
ATOM   474  C  CA  . SER A 1 179 ? 10.015  1.760   -2.362  1.00 61.92  ? 179 SER A CA  1 
ATOM   475  C  C   . SER A 1 179 ? 10.418  1.448   -0.927  1.00 62.50  ? 179 SER A C   1 
ATOM   476  O  O   . SER A 1 179 ? 11.600  1.291   -0.619  1.00 62.52  ? 179 SER A O   1 
ATOM   477  C  CB  . SER A 1 179 ? 9.729   3.254   -2.489  1.00 61.44  ? 179 SER A CB  1 
ATOM   478  O  OG  . SER A 1 179 ? 9.170   3.552   -3.749  1.00 62.78  ? 179 SER A OG  1 
ATOM   479  N  N   . LEU A 1 180 ? 9.420   1.359   -0.052  1.00 62.74  ? 180 LEU A N   1 
ATOM   480  C  CA  . LEU A 1 180 ? 9.664   1.056   1.347   1.00 62.94  ? 180 LEU A CA  1 
ATOM   481  C  C   . LEU A 1 180 ? 10.449  -0.238  1.402   1.00 62.36  ? 180 LEU A C   1 
ATOM   482  O  O   . LEU A 1 180 ? 11.537  -0.282  1.968   1.00 62.82  ? 180 LEU A O   1 
ATOM   483  C  CB  . LEU A 1 180 ? 8.348   0.879   2.099   1.00 62.53  ? 180 LEU A CB  1 
ATOM   484  C  CG  . LEU A 1 180 ? 8.279   1.358   3.554   1.00 61.38  ? 180 LEU A CG  1 
ATOM   485  C  CD1 . LEU A 1 180 ? 7.209   0.525   4.240   1.00 61.39  ? 180 LEU A CD1 1 
ATOM   486  C  CD2 . LEU A 1 180 ? 9.616   1.221   4.272   1.00 59.49  ? 180 LEU A CD2 1 
ATOM   487  N  N   . GLN A 1 181 ? 9.885   -1.283  0.803   1.00 62.73  ? 181 GLN A N   1 
ATOM   488  C  CA  . GLN A 1 181 ? 10.528  -2.587  0.766   1.00 64.01  ? 181 GLN A CA  1 
ATOM   489  C  C   . GLN A 1 181 ? 11.936  -2.510  0.197   1.00 64.35  ? 181 GLN A C   1 
ATOM   490  O  O   . GLN A 1 181 ? 12.884  -3.047  0.777   1.00 63.85  ? 181 GLN A O   1 
ATOM   491  C  CB  . GLN A 1 181 ? 9.721   -3.558  -0.092  1.00 65.74  ? 181 GLN A CB  1 
ATOM   492  C  CG  . GLN A 1 181 ? 8.921   -4.588  0.682   1.00 67.69  ? 181 GLN A CG  1 
ATOM   493  C  CD  . GLN A 1 181 ? 8.394   -5.701  -0.212  1.00 68.46  ? 181 GLN A CD  1 
ATOM   494  O  OE1 . GLN A 1 181 ? 7.598   -6.540  0.222   1.00 70.32  ? 181 GLN A OE1 1 
ATOM   495  N  NE2 . GLN A 1 181 ? 8.843   -5.718  -1.464  1.00 66.81  ? 181 GLN A NE2 1 
ATOM   496  N  N   . TYR A 1 182 ? 12.065  -1.857  -0.952  1.00 65.09  ? 182 TYR A N   1 
ATOM   497  C  CA  . TYR A 1 182 ? 13.356  -1.733  -1.613  1.00 67.56  ? 182 TYR A CA  1 
ATOM   498  C  C   . TYR A 1 182 ? 14.385  -1.024  -0.724  1.00 67.66  ? 182 TYR A C   1 
ATOM   499  O  O   . TYR A 1 182 ? 15.482  -1.543  -0.498  1.00 66.31  ? 182 TYR A O   1 
ATOM   500  C  CB  . TYR A 1 182 ? 13.182  -1.002  -2.951  1.00 71.76  ? 182 TYR A CB  1 
ATOM   501  C  CG  . TYR A 1 182 ? 14.471  -0.769  -3.717  1.00 77.28  ? 182 TYR A CG  1 
ATOM   502  C  CD1 . TYR A 1 182 ? 15.139  0.462   -3.646  1.00 78.70  ? 182 TYR A CD1 1 
ATOM   503  C  CD2 . TYR A 1 182 ? 15.028  -1.779  -4.512  1.00 79.42  ? 182 TYR A CD2 1 
ATOM   504  C  CE1 . TYR A 1 182 ? 16.327  0.684   -4.350  1.00 80.82  ? 182 TYR A CE1 1 
ATOM   505  C  CE2 . TYR A 1 182 ? 16.220  -1.568  -5.220  1.00 81.11  ? 182 TYR A CE2 1 
ATOM   506  C  CZ  . TYR A 1 182 ? 16.860  -0.336  -5.132  1.00 83.02  ? 182 TYR A CZ  1 
ATOM   507  O  OH  . TYR A 1 182 ? 18.033  -0.123  -5.824  1.00 86.12  ? 182 TYR A OH  1 
ATOM   508  N  N   . ARG A 1 183 ? 14.029  0.156   -0.216  1.00 67.48  ? 183 ARG A N   1 
ATOM   509  C  CA  . ARG A 1 183 ? 14.934  0.899   0.647   1.00 67.28  ? 183 ARG A CA  1 
ATOM   510  C  C   . ARG A 1 183 ? 15.282  0.106   1.909   1.00 66.84  ? 183 ARG A C   1 
ATOM   511  O  O   . ARG A 1 183 ? 16.433  0.115   2.351   1.00 66.80  ? 183 ARG A O   1 
ATOM   512  C  CB  . ARG A 1 183 ? 14.335  2.262   1.020   1.00 68.34  ? 183 ARG A CB  1 
ATOM   513  C  CG  . ARG A 1 183 ? 14.310  3.247   -0.145  1.00 72.68  ? 183 ARG A CG  1 
ATOM   514  C  CD  . ARG A 1 183 ? 14.037  4.693   0.290   1.00 75.95  ? 183 ARG A CD  1 
ATOM   515  N  NE  . ARG A 1 183 ? 14.946  5.122   1.357   1.00 81.21  ? 183 ARG A NE  1 
ATOM   516  C  CZ  . ARG A 1 183 ? 15.404  6.365   1.522   1.00 81.95  ? 183 ARG A CZ  1 
ATOM   517  N  NH1 . ARG A 1 183 ? 16.221  6.651   2.530   1.00 79.94  ? 183 ARG A NH1 1 
ATOM   518  N  NH2 . ARG A 1 183 ? 15.062  7.320   0.668   1.00 83.82  ? 183 ARG A NH2 1 
ATOM   519  N  N   . THR A 1 184 ? 14.305  -0.590  2.487   1.00 65.37  ? 184 THR A N   1 
ATOM   520  C  CA  . THR A 1 184 ? 14.577  -1.372  3.691   1.00 64.83  ? 184 THR A CA  1 
ATOM   521  C  C   . THR A 1 184 ? 15.619  -2.429  3.373   1.00 66.08  ? 184 THR A C   1 
ATOM   522  O  O   . THR A 1 184 ? 16.687  -2.461  3.974   1.00 66.44  ? 184 THR A O   1 
ATOM   523  C  CB  . THR A 1 184 ? 13.314  -2.087  4.216   1.00 62.92  ? 184 THR A CB  1 
ATOM   524  O  OG1 . THR A 1 184 ? 12.315  -1.116  4.537   1.00 63.21  ? 184 THR A OG1 1 
ATOM   525  C  CG2 . THR A 1 184 ? 13.633  -2.892  5.463   1.00 60.13  ? 184 THR A CG2 1 
ATOM   526  N  N   . ILE A 1 185 ? 15.296  -3.287  2.414   1.00 67.51  ? 185 ILE A N   1 
ATOM   527  C  CA  . ILE A 1 185 ? 16.176  -4.367  2.003   1.00 68.41  ? 185 ILE A CA  1 
ATOM   528  C  C   . ILE A 1 185 ? 17.536  -3.863  1.563   1.00 69.40  ? 185 ILE A C   1 
ATOM   529  O  O   . ILE A 1 185 ? 18.563  -4.474  1.855   1.00 69.03  ? 185 ILE A O   1 
ATOM   530  C  CB  . ILE A 1 185 ? 15.513  -5.186  0.888   1.00 68.68  ? 185 ILE A CB  1 
ATOM   531  C  CG1 . ILE A 1 185 ? 14.450  -6.086  1.519   1.00 67.22  ? 185 ILE A CG1 1 
ATOM   532  C  CG2 . ILE A 1 185 ? 16.555  -5.979  0.098   1.00 67.23  ? 185 ILE A CG2 1 
ATOM   533  C  CD1 . ILE A 1 185 ? 13.673  -6.882  0.532   1.00 69.69  ? 185 ILE A CD1 1 
ATOM   534  N  N   . SER A 1 186 ? 17.546  -2.745  0.854   1.00 71.43  ? 186 SER A N   1 
ATOM   535  C  CA  . SER A 1 186 ? 18.804  -2.163  0.424   1.00 73.02  ? 186 SER A CA  1 
ATOM   536  C  C   . SER A 1 186 ? 19.613  -1.818  1.678   1.00 74.32  ? 186 SER A C   1 
ATOM   537  O  O   . SER A 1 186 ? 20.794  -2.136  1.774   1.00 74.64  ? 186 SER A O   1 
ATOM   538  C  CB  . SER A 1 186 ? 18.540  -0.901  -0.395  1.00 72.62  ? 186 SER A CB  1 
ATOM   539  O  OG  . SER A 1 186 ? 19.671  -0.050  -0.366  1.00 75.22  ? 186 SER A OG  1 
ATOM   540  N  N   . GLY A 1 187 ? 18.952  -1.181  2.643   1.00 75.57  ? 187 GLY A N   1 
ATOM   541  C  CA  . GLY A 1 187 ? 19.605  -0.795  3.881   1.00 77.26  ? 187 GLY A CA  1 
ATOM   542  C  C   . GLY A 1 187 ? 20.110  -1.949  4.734   1.00 79.06  ? 187 GLY A C   1 
ATOM   543  O  O   . GLY A 1 187 ? 21.125  -1.821  5.412   1.00 79.70  ? 187 GLY A O   1 
ATOM   544  N  N   . ILE A 1 188 ? 19.408  -3.077  4.714   1.00 80.53  ? 188 ILE A N   1 
ATOM   545  C  CA  . ILE A 1 188 ? 19.829  -4.233  5.495   1.00 82.93  ? 188 ILE A CA  1 
ATOM   546  C  C   . ILE A 1 188 ? 21.046  -4.893  4.859   1.00 85.87  ? 188 ILE A C   1 
ATOM   547  O  O   . ILE A 1 188 ? 21.707  -5.722  5.481   1.00 86.69  ? 188 ILE A O   1 
ATOM   548  C  CB  . ILE A 1 188 ? 18.713  -5.296  5.595   1.00 82.14  ? 188 ILE A CB  1 
ATOM   549  C  CG1 . ILE A 1 188 ? 17.477  -4.702  6.269   1.00 83.54  ? 188 ILE A CG1 1 
ATOM   550  C  CG2 . ILE A 1 188 ? 19.197  -6.483  6.398   1.00 81.57  ? 188 ILE A CG2 1 
ATOM   551  C  CD1 . ILE A 1 188 ? 16.336  -5.692  6.468   1.00 82.85  ? 188 ILE A CD1 1 
ATOM   552  N  N   . SER A 1 189 ? 21.354  -4.520  3.622   1.00 89.10  ? 189 SER A N   1 
ATOM   553  C  CA  . SER A 1 189 ? 22.487  -5.121  2.931   1.00 92.01  ? 189 SER A CA  1 
ATOM   554  C  C   . SER A 1 189 ? 23.620  -4.155  2.593   1.00 94.45  ? 189 SER A C   1 
ATOM   555  O  O   . SER A 1 189 ? 24.559  -4.534  1.893   1.00 95.20  ? 189 SER A O   1 
ATOM   556  C  CB  . SER A 1 189 ? 22.007  -5.812  1.651   1.00 91.33  ? 189 SER A CB  1 
ATOM   557  O  OG  . SER A 1 189 ? 21.504  -4.871  0.719   1.00 91.45  ? 189 SER A OG  1 
ATOM   558  N  N   . LEU A 1 190 ? 23.534  -2.917  3.083   1.00 96.77  ? 190 LEU A N   1 
ATOM   559  C  CA  . LEU A 1 190 ? 24.563  -1.897  2.837   1.00 98.55  ? 190 LEU A CA  1 
ATOM   560  C  C   . LEU A 1 190 ? 24.113  -0.487  3.222   1.00 99.99  ? 190 LEU A C   1 
ATOM   561  O  O   . LEU A 1 190 ? 23.035  -0.351  3.838   1.00 100.25 ? 190 LEU A O   1 
ATOM   562  C  CB  . LEU A 1 190 ? 24.987  -1.890  1.364   1.00 98.06  ? 190 LEU A CB  1 
ATOM   563  C  CG  . LEU A 1 190 ? 23.890  -1.655  0.322   1.00 98.44  ? 190 LEU A CG  1 
ATOM   564  C  CD1 . LEU A 1 190 ? 24.285  -0.489  -0.576  1.00 98.76  ? 190 LEU A CD1 1 
ATOM   565  C  CD2 . LEU A 1 190 ? 23.673  -2.925  -0.493  1.00 97.67  ? 190 LEU A CD2 1 
ATOM   566  N  N   . GLY B 2 2   ? -20.910 5.069   -25.605 1.00 71.45  ? 2   GLY B N   1 
ATOM   567  C  CA  . GLY B 2 2   ? -22.053 4.122   -25.595 1.00 69.14  ? 2   GLY B CA  1 
ATOM   568  C  C   . GLY B 2 2   ? -22.061 3.257   -24.351 1.00 68.57  ? 2   GLY B C   1 
ATOM   569  O  O   . GLY B 2 2   ? -21.028 3.023   -23.727 1.00 66.69  ? 2   GLY B O   1 
ATOM   570  N  N   . ILE B 2 3   ? -23.245 2.792   -23.984 1.00 68.82  ? 3   ILE B N   1 
ATOM   571  C  CA  . ILE B 2 3   ? -23.408 1.938   -22.820 1.00 70.66  ? 3   ILE B CA  1 
ATOM   572  C  C   . ILE B 2 3   ? -22.347 0.835   -22.767 1.00 70.01  ? 3   ILE B C   1 
ATOM   573  O  O   . ILE B 2 3   ? -21.710 0.633   -21.738 1.00 70.63  ? 3   ILE B O   1 
ATOM   574  C  CB  . ILE B 2 3   ? -24.836 1.323   -22.818 1.00 72.89  ? 3   ILE B CB  1 
ATOM   575  C  CG1 . ILE B 2 3   ? -25.758 2.215   -21.998 1.00 75.29  ? 3   ILE B CG1 1 
ATOM   576  C  CG2 . ILE B 2 3   ? -24.829 -0.096  -22.279 1.00 73.13  ? 3   ILE B CG2 1 
ATOM   577  C  CD1 . ILE B 2 3   ? -25.286 2.408   -20.559 1.00 79.87  ? 3   ILE B CD1 1 
ATOM   578  N  N   . VAL B 2 4   ? -22.158 0.133   -23.880 1.00 68.99  ? 4   VAL B N   1 
ATOM   579  C  CA  . VAL B 2 4   ? -21.179 -0.947  -23.964 1.00 67.76  ? 4   VAL B CA  1 
ATOM   580  C  C   . VAL B 2 4   ? -19.736 -0.506  -23.640 1.00 66.83  ? 4   VAL B C   1 
ATOM   581  O  O   . VAL B 2 4   ? -19.037 -1.194  -22.893 1.00 66.11  ? 4   VAL B O   1 
ATOM   582  C  CB  . VAL B 2 4   ? -21.263 -1.618  -25.367 1.00 68.21  ? 4   VAL B CB  1 
ATOM   583  C  CG1 . VAL B 2 4   ? -20.114 -2.603  -25.584 1.00 67.12  ? 4   VAL B CG1 1 
ATOM   584  C  CG2 . VAL B 2 4   ? -22.590 -2.351  -25.481 1.00 66.25  ? 4   VAL B CG2 1 
ATOM   585  N  N   . SER B 2 5   ? -19.293 0.621   -24.195 1.00 65.22  ? 5   SER B N   1 
ATOM   586  C  CA  . SER B 2 5   ? -17.949 1.143   -23.909 1.00 65.65  ? 5   SER B CA  1 
ATOM   587  C  C   . SER B 2 5   ? -17.812 1.429   -22.421 1.00 65.28  ? 5   SER B C   1 
ATOM   588  O  O   . SER B 2 5   ? -16.803 1.103   -21.802 1.00 63.80  ? 5   SER B O   1 
ATOM   589  C  CB  . SER B 2 5   ? -17.685 2.456   -24.656 1.00 66.05  ? 5   SER B CB  1 
ATOM   590  O  OG  . SER B 2 5   ? -17.280 2.223   -25.986 1.00 69.42  ? 5   SER B OG  1 
ATOM   591  N  N   . GLN B 2 6   ? -18.836 2.068   -21.865 1.00 65.57  ? 6   GLN B N   1 
ATOM   592  C  CA  . GLN B 2 6   ? -18.846 2.403   -20.461 1.00 66.64  ? 6   GLN B CA  1 
ATOM   593  C  C   . GLN B 2 6   ? -18.690 1.153   -19.616 1.00 68.19  ? 6   GLN B C   1 
ATOM   594  O  O   . GLN B 2 6   ? -17.883 1.125   -18.687 1.00 68.95  ? 6   GLN B O   1 
ATOM   595  C  CB  . GLN B 2 6   ? -20.139 3.128   -20.097 1.00 67.53  ? 6   GLN B CB  1 
ATOM   596  C  CG  . GLN B 2 6   ? -20.103 4.624   -20.354 1.00 67.71  ? 6   GLN B CG  1 
ATOM   597  C  CD  . GLN B 2 6   ? -21.318 5.340   -19.789 1.00 70.13  ? 6   GLN B CD  1 
ATOM   598  O  OE1 . GLN B 2 6   ? -21.285 6.553   -19.576 1.00 70.67  ? 6   GLN B OE1 1 
ATOM   599  N  NE2 . GLN B 2 6   ? -22.402 4.594   -19.548 1.00 69.97  ? 6   GLN B NE2 1 
ATOM   600  N  N   . THR B 2 7   ? -19.454 0.117   -19.936 1.00 69.41  ? 7   THR B N   1 
ATOM   601  C  CA  . THR B 2 7   ? -19.362 -1.127  -19.187 1.00 71.53  ? 7   THR B CA  1 
ATOM   602  C  C   . THR B 2 7   ? -17.965 -1.729  -19.316 1.00 73.63  ? 7   THR B C   1 
ATOM   603  O  O   . THR B 2 7   ? -17.392 -2.209  -18.339 1.00 74.53  ? 7   THR B O   1 
ATOM   604  C  CB  . THR B 2 7   ? -20.375 -2.148  -19.684 1.00 70.77  ? 7   THR B CB  1 
ATOM   605  O  OG1 . THR B 2 7   ? -21.684 -1.569  -19.647 1.00 72.48  ? 7   THR B OG1 1 
ATOM   606  C  CG2 . THR B 2 7   ? -20.347 -3.385  -18.798 1.00 69.22  ? 7   THR B CG2 1 
ATOM   607  N  N   . ARG B 2 8   ? -17.416 -1.713  -20.524 1.00 75.92  ? 8   ARG B N   1 
ATOM   608  C  CA  . ARG B 2 8   ? -16.084 -2.256  -20.721 1.00 78.39  ? 8   ARG B CA  1 
ATOM   609  C  C   . ARG B 2 8   ? -15.075 -1.478  -19.877 1.00 77.45  ? 8   ARG B C   1 
ATOM   610  O  O   . ARG B 2 8   ? -14.180 -2.062  -19.279 1.00 78.18  ? 8   ARG B O   1 
ATOM   611  C  CB  . ARG B 2 8   ? -15.690 -2.207  -22.203 1.00 81.64  ? 8   ARG B CB  1 
ATOM   612  C  CG  . ARG B 2 8   ? -14.301 -2.755  -22.455 1.00 87.81  ? 8   ARG B CG  1 
ATOM   613  C  CD  . ARG B 2 8   ? -14.165 -3.436  -23.801 1.00 94.29  ? 8   ARG B CD  1 
ATOM   614  N  NE  . ARG B 2 8   ? -12.916 -4.201  -23.870 1.00 100.79 ? 8   ARG B NE  1 
ATOM   615  C  CZ  . ARG B 2 8   ? -12.522 -4.926  -24.918 1.00 103.37 ? 8   ARG B CZ  1 
ATOM   616  N  NH1 . ARG B 2 8   ? -11.364 -5.583  -24.867 1.00 103.04 ? 8   ARG B NH1 1 
ATOM   617  N  NH2 . ARG B 2 8   ? -13.278 -4.997  -26.013 1.00 104.09 ? 8   ARG B NH2 1 
ATOM   618  N  N   . ASN B 2 9   ? -15.222 -0.162  -19.816 1.00 76.14  ? 9   ASN B N   1 
ATOM   619  C  CA  . ASN B 2 9   ? -14.304 0.646   -19.026 1.00 75.50  ? 9   ASN B CA  1 
ATOM   620  C  C   . ASN B 2 9   ? -14.442 0.403   -17.530 1.00 74.56  ? 9   ASN B C   1 
ATOM   621  O  O   . ASN B 2 9   ? -13.448 0.387   -16.815 1.00 75.60  ? 9   ASN B O   1 
ATOM   622  C  CB  . ASN B 2 9   ? -14.506 2.129   -19.321 1.00 76.13  ? 9   ASN B CB  1 
ATOM   623  C  CG  . ASN B 2 9   ? -13.757 2.580   -20.557 1.00 77.09  ? 9   ASN B CG  1 
ATOM   624  O  OD1 . ASN B 2 9   ? -14.088 3.609   -21.148 1.00 78.27  ? 9   ASN B OD1 1 
ATOM   625  N  ND2 . ASN B 2 9   ? -12.731 1.826   -20.947 1.00 75.97  ? 9   ASN B ND2 1 
ATOM   626  N  N   . LYS B 2 10  ? -15.663 0.215   -17.046 1.00 72.72  ? 10  LYS B N   1 
ATOM   627  C  CA  . LYS B 2 10  ? -15.854 -0.028  -15.629 1.00 72.00  ? 10  LYS B CA  1 
ATOM   628  C  C   . LYS B 2 10  ? -15.255 -1.368  -15.234 1.00 72.67  ? 10  LYS B C   1 
ATOM   629  O  O   . LYS B 2 10  ? -14.711 -1.507  -14.143 1.00 72.11  ? 10  LYS B O   1 
ATOM   630  C  CB  . LYS B 2 10  ? -17.342 0.046   -15.282 1.00 71.93  ? 10  LYS B CB  1 
ATOM   631  C  CG  . LYS B 2 10  ? -17.855 1.485   -15.297 1.00 73.97  ? 10  LYS B CG  1 
ATOM   632  C  CD  . LYS B 2 10  ? -19.347 1.629   -15.615 1.00 75.02  ? 10  LYS B CD  1 
ATOM   633  C  CE  . LYS B 2 10  ? -20.246 1.279   -14.441 1.00 75.21  ? 10  LYS B CE  1 
ATOM   634  N  NZ  . LYS B 2 10  ? -21.654 1.711   -14.711 1.00 74.38  ? 10  LYS B NZ  1 
ATOM   635  N  N   . GLU B 2 11  ? -15.332 -2.344  -16.134 1.00 74.49  ? 11  GLU B N   1 
ATOM   636  C  CA  . GLU B 2 11  ? -14.775 -3.672  -15.879 1.00 76.23  ? 11  GLU B CA  1 
ATOM   637  C  C   . GLU B 2 11  ? -13.250 -3.610  -15.826 1.00 75.18  ? 11  GLU B C   1 
ATOM   638  O  O   . GLU B 2 11  ? -12.623 -4.252  -14.989 1.00 75.27  ? 11  GLU B O   1 
ATOM   639  C  CB  . GLU B 2 11  ? -15.193 -4.648  -16.974 1.00 79.63  ? 11  GLU B CB  1 
ATOM   640  C  CG  . GLU B 2 11  ? -16.675 -4.948  -17.031 1.00 85.60  ? 11  GLU B CG  1 
ATOM   641  C  CD  . GLU B 2 11  ? -16.996 -5.984  -18.095 1.00 90.43  ? 11  GLU B CD  1 
ATOM   642  O  OE1 . GLU B 2 11  ? -16.412 -7.090  -18.031 1.00 93.06  ? 11  GLU B OE1 1 
ATOM   643  O  OE2 . GLU B 2 11  ? -17.824 -5.697  -18.996 1.00 92.57  ? 11  GLU B OE2 1 
ATOM   644  N  N   . LEU B 2 12  ? -12.664 -2.850  -16.742 1.00 74.37  ? 12  LEU B N   1 
ATOM   645  C  CA  . LEU B 2 12  ? -11.220 -2.667  -16.811 1.00 73.93  ? 12  LEU B CA  1 
ATOM   646  C  C   . LEU B 2 12  ? -10.731 -2.107  -15.478 1.00 73.22  ? 12  LEU B C   1 
ATOM   647  O  O   . LEU B 2 12  ? -9.889  -2.706  -14.806 1.00 72.38  ? 12  LEU B O   1 
ATOM   648  C  CB  . LEU B 2 12  ? -10.895 -1.675  -17.928 1.00 76.87  ? 12  LEU B CB  1 
ATOM   649  C  CG  . LEU B 2 12  ? -10.262 -2.151  -19.238 1.00 79.07  ? 12  LEU B CG  1 
ATOM   650  C  CD1 . LEU B 2 12  ? -8.744  -2.152  -19.079 1.00 80.18  ? 12  LEU B CD1 1 
ATOM   651  C  CD2 . LEU B 2 12  ? -10.800 -3.527  -19.630 1.00 78.34  ? 12  LEU B CD2 1 
ATOM   652  N  N   . LEU B 2 13  ? -11.271 -0.941  -15.119 1.00 71.80  ? 13  LEU B N   1 
ATOM   653  C  CA  . LEU B 2 13  ? -10.943 -0.256  -13.876 1.00 69.96  ? 13  LEU B CA  1 
ATOM   654  C  C   . LEU B 2 13  ? -11.081 -1.205  -12.697 1.00 70.31  ? 13  LEU B C   1 
ATOM   655  O  O   . LEU B 2 13  ? -10.144 -1.395  -11.925 1.00 70.83  ? 13  LEU B O   1 
ATOM   656  C  CB  . LEU B 2 13  ? -11.868 0.952   -13.684 1.00 67.73  ? 13  LEU B CB  1 
ATOM   657  C  CG  . LEU B 2 13  ? -11.376 2.349   -14.107 1.00 67.27  ? 13  LEU B CG  1 
ATOM   658  C  CD1 . LEU B 2 13  ? -10.096 2.265   -14.911 1.00 65.00  ? 13  LEU B CD1 1 
ATOM   659  C  CD2 . LEU B 2 13  ? -12.460 3.045   -14.907 1.00 64.56  ? 13  LEU B CD2 1 
ATOM   660  N  N   . ASP B 2 14  ? -12.252 -1.809  -12.561 1.00 70.72  ? 14  ASP B N   1 
ATOM   661  C  CA  . ASP B 2 14  ? -12.484 -2.736  -11.468 1.00 71.31  ? 14  ASP B CA  1 
ATOM   662  C  C   . ASP B 2 14  ? -11.391 -3.802  -11.397 1.00 71.68  ? 14  ASP B C   1 
ATOM   663  O  O   . ASP B 2 14  ? -10.829 -4.043  -10.336 1.00 72.54  ? 14  ASP B O   1 
ATOM   664  C  CB  . ASP B 2 14  ? -13.858 -3.376  -11.629 1.00 72.16  ? 14  ASP B CB  1 
ATOM   665  C  CG  . ASP B 2 14  ? -14.123 -4.437  -10.601 1.00 73.47  ? 14  ASP B CG  1 
ATOM   666  O  OD1 . ASP B 2 14  ? -13.786 -5.610  -10.878 1.00 75.16  ? 14  ASP B OD1 1 
ATOM   667  O  OD2 . ASP B 2 14  ? -14.656 -4.097  -9.518  1.00 73.28  ? 14  ASP B OD2 1 
ATOM   668  N  N   . LYS B 2 15  ? -11.081 -4.431  -12.523 1.00 72.14  ? 15  LYS B N   1 
ATOM   669  C  CA  . LYS B 2 15  ? -10.044 -5.455  -12.545 1.00 73.00  ? 15  LYS B CA  1 
ATOM   670  C  C   . LYS B 2 15  ? -8.699  -4.862  -12.148 1.00 71.92  ? 15  LYS B C   1 
ATOM   671  O  O   . LYS B 2 15  ? -7.945  -5.471  -11.395 1.00 70.72  ? 15  LYS B O   1 
ATOM   672  C  CB  . LYS B 2 15  ? -9.917  -6.085  -13.941 1.00 75.69  ? 15  LYS B CB  1 
ATOM   673  C  CG  . LYS B 2 15  ? -11.061 -7.004  -14.360 1.00 79.05  ? 15  LYS B CG  1 
ATOM   674  C  CD  . LYS B 2 15  ? -10.781 -7.581  -15.749 1.00 83.14  ? 15  LYS B CD  1 
ATOM   675  C  CE  . LYS B 2 15  ? -12.022 -8.205  -16.396 1.00 84.75  ? 15  LYS B CE  1 
ATOM   676  N  NZ  . LYS B 2 15  ? -11.817 -8.472  -17.859 1.00 84.47  ? 15  LYS B NZ  1 
ATOM   677  N  N   . LYS B 2 16  ? -8.398  -3.682  -12.680 1.00 71.65  ? 16  LYS B N   1 
ATOM   678  C  CA  . LYS B 2 16  ? -7.146  -2.984  -12.389 1.00 71.72  ? 16  LYS B CA  1 
ATOM   679  C  C   . LYS B 2 16  ? -7.019  -2.723  -10.884 1.00 71.90  ? 16  LYS B C   1 
ATOM   680  O  O   . LYS B 2 16  ? -5.957  -2.932  -10.284 1.00 71.57  ? 16  LYS B O   1 
ATOM   681  C  CB  . LYS B 2 16  ? -7.119  -1.646  -13.117 1.00 72.42  ? 16  LYS B CB  1 
ATOM   682  C  CG  . LYS B 2 16  ? -5.985  -1.468  -14.085 1.00 74.63  ? 16  LYS B CG  1 
ATOM   683  C  CD  . LYS B 2 16  ? -6.256  -2.172  -15.393 1.00 76.06  ? 16  LYS B CD  1 
ATOM   684  C  CE  . LYS B 2 16  ? -5.489  -1.491  -16.523 1.00 77.68  ? 16  LYS B CE  1 
ATOM   685  N  NZ  . LYS B 2 16  ? -5.860  -0.035  -16.625 1.00 79.48  ? 16  LYS B NZ  1 
ATOM   686  N  N   . ILE B 2 17  ? -8.118  -2.250  -10.298 1.00 69.95  ? 17  ILE B N   1 
ATOM   687  C  CA  . ILE B 2 17  ? -8.194  -1.944  -8.886  1.00 68.89  ? 17  ILE B CA  1 
ATOM   688  C  C   . ILE B 2 17  ? -8.033  -3.207  -8.045  1.00 70.98  ? 17  ILE B C   1 
ATOM   689  O  O   . ILE B 2 17  ? -7.303  -3.210  -7.052  1.00 73.37  ? 17  ILE B O   1 
ATOM   690  C  CB  . ILE B 2 17  ? -9.532  -1.266  -8.570  1.00 68.47  ? 17  ILE B CB  1 
ATOM   691  C  CG1 . ILE B 2 17  ? -9.552  0.124   -9.211  1.00 67.48  ? 17  ILE B CG1 1 
ATOM   692  C  CG2 . ILE B 2 17  ? -9.760  -1.196  -7.060  1.00 67.90  ? 17  ILE B CG2 1 
ATOM   693  C  CD1 . ILE B 2 17  ? -10.845 0.890   -8.980  1.00 66.43  ? 17  ILE B CD1 1 
ATOM   694  N  N   . ARG B 2 18  ? -8.713  -4.280  -8.435  1.00 71.71  ? 18  ARG B N   1 
ATOM   695  C  CA  . ARG B 2 18  ? -8.613  -5.550  -7.722  1.00 71.31  ? 18  ARG B CA  1 
ATOM   696  C  C   . ARG B 2 18  ? -7.184  -6.077  -7.727  1.00 70.29  ? 18  ARG B C   1 
ATOM   697  O  O   . ARG B 2 18  ? -6.753  -6.724  -6.780  1.00 69.80  ? 18  ARG B O   1 
ATOM   698  C  CB  . ARG B 2 18  ? -9.506  -6.593  -8.370  1.00 74.04  ? 18  ARG B CB  1 
ATOM   699  C  CG  . ARG B 2 18  ? -10.696 -6.968  -7.551  1.00 78.32  ? 18  ARG B CG  1 
ATOM   700  C  CD  . ARG B 2 18  ? -11.632 -5.809  -7.429  1.00 83.01  ? 18  ARG B CD  1 
ATOM   701  N  NE  . ARG B 2 18  ? -12.917 -6.216  -6.866  1.00 88.72  ? 18  ARG B NE  1 
ATOM   702  C  CZ  . ARG B 2 18  ? -13.669 -7.197  -7.352  1.00 90.65  ? 18  ARG B CZ  1 
ATOM   703  N  NH1 . ARG B 2 18  ? -14.828 -7.487  -6.772  1.00 91.52  ? 18  ARG B NH1 1 
ATOM   704  N  NH2 . ARG B 2 18  ? -13.254 -7.890  -8.411  1.00 91.18  ? 18  ARG B NH2 1 
ATOM   705  N  N   . SER B 2 19  ? -6.460  -5.817  -8.809  1.00 70.11  ? 19  SER B N   1 
ATOM   706  C  CA  . SER B 2 19  ? -5.075  -6.263  -8.923  1.00 70.84  ? 19  SER B CA  1 
ATOM   707  C  C   . SER B 2 19  ? -4.216  -5.472  -7.948  1.00 70.16  ? 19  SER B C   1 
ATOM   708  O  O   . SER B 2 19  ? -3.354  -6.027  -7.267  1.00 70.18  ? 19  SER B O   1 
ATOM   709  C  CB  . SER B 2 19  ? -4.548  -6.037  -10.340 1.00 71.14  ? 19  SER B CB  1 
ATOM   710  O  OG  . SER B 2 19  ? -5.247  -6.827  -11.277 1.00 72.67  ? 19  SER B OG  1 
ATOM   711  N  N   . GLU B 2 20  ? -4.460  -4.168  -7.897  1.00 68.76  ? 20  GLU B N   1 
ATOM   712  C  CA  . GLU B 2 20  ? -3.723  -3.296  -7.009  1.00 67.67  ? 20  GLU B CA  1 
ATOM   713  C  C   . GLU B 2 20  ? -3.951  -3.711  -5.566  1.00 66.19  ? 20  GLU B C   1 
ATOM   714  O  O   . GLU B 2 20  ? -3.055  -3.562  -4.728  1.00 64.85  ? 20  GLU B O   1 
ATOM   715  C  CB  . GLU B 2 20  ? -4.147  -1.846  -7.232  1.00 70.26  ? 20  GLU B CB  1 
ATOM   716  C  CG  . GLU B 2 20  ? -2.972  -0.926  -7.485  1.00 75.74  ? 20  GLU B CG  1 
ATOM   717  C  CD  . GLU B 2 20  ? -2.035  -1.473  -8.550  1.00 79.38  ? 20  GLU B CD  1 
ATOM   718  O  OE1 . GLU B 2 20  ? -0.974  -0.856  -8.805  1.00 80.41  ? 20  GLU B OE1 1 
ATOM   719  O  OE2 . GLU B 2 20  ? -2.362  -2.526  -9.142  1.00 83.14  ? 20  GLU B OE2 1 
ATOM   720  N  N   . ILE B 2 21  ? -5.144  -4.238  -5.275  1.00 63.68  ? 21  ILE B N   1 
ATOM   721  C  CA  . ILE B 2 21  ? -5.444  -4.691  -3.919  1.00 63.08  ? 21  ILE B CA  1 
ATOM   722  C  C   . ILE B 2 21  ? -4.635  -5.957  -3.611  1.00 63.47  ? 21  ILE B C   1 
ATOM   723  O  O   . ILE B 2 21  ? -3.969  -6.050  -2.582  1.00 63.63  ? 21  ILE B O   1 
ATOM   724  C  CB  . ILE B 2 21  ? -6.931  -5.036  -3.715  1.00 62.37  ? 21  ILE B CB  1 
ATOM   725  C  CG1 . ILE B 2 21  ? -7.833  -3.972  -4.349  1.00 62.09  ? 21  ILE B CG1 1 
ATOM   726  C  CG2 . ILE B 2 21  ? -7.217  -5.171  -2.233  1.00 58.19  ? 21  ILE B CG2 1 
ATOM   727  C  CD1 . ILE B 2 21  ? -7.685  -2.610  -3.788  1.00 65.74  ? 21  ILE B CD1 1 
ATOM   728  N  N   . GLU B 2 22  ? -4.683  -6.928  -4.511  1.00 64.11  ? 22  GLU B N   1 
ATOM   729  C  CA  . GLU B 2 22  ? -3.950  -8.162  -4.289  1.00 65.00  ? 22  GLU B CA  1 
ATOM   730  C  C   . GLU B 2 22  ? -2.452  -7.903  -4.228  1.00 63.44  ? 22  GLU B C   1 
ATOM   731  O  O   . GLU B 2 22  ? -1.749  -8.506  -3.417  1.00 63.50  ? 22  GLU B O   1 
ATOM   732  C  CB  . GLU B 2 22  ? -4.258  -9.169  -5.395  1.00 69.06  ? 22  GLU B CB  1 
ATOM   733  C  CG  . GLU B 2 22  ? -5.738  -9.519  -5.535  1.00 75.61  ? 22  GLU B CG  1 
ATOM   734  C  CD  . GLU B 2 22  ? -6.352  -10.057 -4.249  1.00 80.12  ? 22  GLU B CD  1 
ATOM   735  O  OE1 . GLU B 2 22  ? -5.773  -10.998 -3.660  1.00 82.46  ? 22  GLU B OE1 1 
ATOM   736  O  OE2 . GLU B 2 22  ? -7.417  -9.545  -3.832  1.00 82.93  ? 22  GLU B OE2 1 
ATOM   737  N  N   . ALA B 2 23  ? -1.966  -7.006  -5.085  1.00 61.64  ? 23  ALA B N   1 
ATOM   738  C  CA  . ALA B 2 23  ? -0.543  -6.663  -5.128  1.00 59.64  ? 23  ALA B CA  1 
ATOM   739  C  C   . ALA B 2 23  ? -0.109  -6.147  -3.764  1.00 59.99  ? 23  ALA B C   1 
ATOM   740  O  O   . ALA B 2 23  ? 0.915   -6.573  -3.225  1.00 59.31  ? 23  ALA B O   1 
ATOM   741  C  CB  . ALA B 2 23  ? -0.289  -5.600  -6.177  1.00 56.41  ? 23  ALA B CB  1 
ATOM   742  N  N   . ILE B 2 24  ? -0.909  -5.233  -3.213  1.00 58.38  ? 24  ILE B N   1 
ATOM   743  C  CA  . ILE B 2 24  ? -0.635  -4.640  -1.918  1.00 56.78  ? 24  ILE B CA  1 
ATOM   744  C  C   . ILE B 2 24  ? -0.694  -5.701  -0.837  1.00 58.17  ? 24  ILE B C   1 
ATOM   745  O  O   . ILE B 2 24  ? 0.214   -5.793  -0.003  1.00 57.56  ? 24  ILE B O   1 
ATOM   746  C  CB  . ILE B 2 24  ? -1.635  -3.499  -1.633  1.00 56.94  ? 24  ILE B CB  1 
ATOM   747  C  CG1 . ILE B 2 24  ? -1.387  -2.371  -2.651  1.00 55.65  ? 24  ILE B CG1 1 
ATOM   748  C  CG2 . ILE B 2 24  ? -1.496  -2.998  -0.185  1.00 52.77  ? 24  ILE B CG2 1 
ATOM   749  C  CD1 . ILE B 2 24  ? -2.416  -1.281  -2.651  1.00 53.90  ? 24  ILE B CD1 1 
ATOM   750  N  N   . LYS B 2 25  ? -1.747  -6.515  -0.858  1.00 60.16  ? 25  LYS B N   1 
ATOM   751  C  CA  . LYS B 2 25  ? -1.882  -7.582  0.126   1.00 62.60  ? 25  LYS B CA  1 
ATOM   752  C  C   . LYS B 2 25  ? -0.646  -8.492  0.064   1.00 63.26  ? 25  LYS B C   1 
ATOM   753  O  O   . LYS B 2 25  ? -0.166  -8.984  1.096   1.00 62.56  ? 25  LYS B O   1 
ATOM   754  C  CB  . LYS B 2 25  ? -3.160  -8.382  -0.132  1.00 65.41  ? 25  LYS B CB  1 
ATOM   755  C  CG  . LYS B 2 25  ? -4.432  -7.557  0.053   1.00 70.68  ? 25  LYS B CG  1 
ATOM   756  C  CD  . LYS B 2 25  ? -5.717  -8.356  -0.212  1.00 74.42  ? 25  LYS B CD  1 
ATOM   757  C  CE  . LYS B 2 25  ? -6.102  -9.205  0.993   1.00 78.54  ? 25  LYS B CE  1 
ATOM   758  N  NZ  . LYS B 2 25  ? -7.511  -9.742  0.917   1.00 81.23  ? 25  LYS B NZ  1 
ATOM   759  N  N   . LYS B 2 26  ? -0.122  -8.698  -1.143  1.00 62.99  ? 26  LYS B N   1 
ATOM   760  C  CA  . LYS B 2 26  ? 1.068   -9.523  -1.314  1.00 63.39  ? 26  LYS B CA  1 
ATOM   761  C  C   . LYS B 2 26  ? 2.286   -8.808  -0.746  1.00 62.07  ? 26  LYS B C   1 
ATOM   762  O  O   . LYS B 2 26  ? 3.059   -9.416  -0.007  1.00 62.93  ? 26  LYS B O   1 
ATOM   763  C  CB  . LYS B 2 26  ? 1.316   -9.837  -2.789  1.00 66.79  ? 26  LYS B CB  1 
ATOM   764  C  CG  . LYS B 2 26  ? 0.312   -10.786 -3.436  1.00 72.07  ? 26  LYS B CG  1 
ATOM   765  C  CD  . LYS B 2 26  ? 0.593   -10.893 -4.934  1.00 74.68  ? 26  LYS B CD  1 
ATOM   766  C  CE  . LYS B 2 26  ? -0.256  -11.951 -5.619  1.00 77.26  ? 26  LYS B CE  1 
ATOM   767  N  NZ  . LYS B 2 26  ? 0.258   -12.223 -6.999  1.00 78.74  ? 26  LYS B NZ  1 
ATOM   768  N  N   . ILE B 2 27  ? 2.465   -7.534  -1.101  1.00 59.01  ? 27  ILE B N   1 
ATOM   769  C  CA  . ILE B 2 27  ? 3.592   -6.746  -0.603  1.00 58.34  ? 27  ILE B CA  1 
ATOM   770  C  C   . ILE B 2 27  ? 3.615   -6.804  0.930   1.00 57.67  ? 27  ILE B C   1 
ATOM   771  O  O   . ILE B 2 27  ? 4.674   -6.919  1.561   1.00 55.83  ? 27  ILE B O   1 
ATOM   772  C  CB  . ILE B 2 27  ? 3.466   -5.254  -0.969  1.00 60.51  ? 27  ILE B CB  1 
ATOM   773  C  CG1 . ILE B 2 27  ? 3.261   -5.074  -2.474  1.00 62.55  ? 27  ILE B CG1 1 
ATOM   774  C  CG2 . ILE B 2 27  ? 4.717   -4.506  -0.502  1.00 59.37  ? 27  ILE B CG2 1 
ATOM   775  C  CD1 . ILE B 2 27  ? 4.454   -5.436  -3.319  1.00 66.66  ? 27  ILE B CD1 1 
ATOM   776  N  N   . ILE B 2 28  ? 2.435   -6.700  1.529   1.00 55.71  ? 28  ILE B N   1 
ATOM   777  C  CA  . ILE B 2 28  ? 2.339   -6.733  2.974   1.00 55.36  ? 28  ILE B CA  1 
ATOM   778  C  C   . ILE B 2 28  ? 2.840   -8.070  3.489   1.00 55.63  ? 28  ILE B C   1 
ATOM   779  O  O   . ILE B 2 28  ? 3.553   -8.130  4.486   1.00 57.37  ? 28  ILE B O   1 
ATOM   780  C  CB  . ILE B 2 28  ? 0.884   -6.491  3.426   1.00 55.52  ? 28  ILE B CB  1 
ATOM   781  C  CG1 . ILE B 2 28  ? 0.549   -5.007  3.278   1.00 52.49  ? 28  ILE B CG1 1 
ATOM   782  C  CG2 . ILE B 2 28  ? 0.680   -6.967  4.855   1.00 54.61  ? 28  ILE B CG2 1 
ATOM   783  C  CD1 . ILE B 2 28  ? -0.895  -4.700  3.518   1.00 51.29  ? 28  ILE B CD1 1 
ATOM   784  N  N   . ALA B 2 29  ? 2.472   -9.146  2.805   1.00 56.01  ? 29  ALA B N   1 
ATOM   785  C  CA  . ALA B 2 29  ? 2.917   -10.478 3.208   1.00 55.16  ? 29  ALA B CA  1 
ATOM   786  C  C   . ALA B 2 29  ? 4.445   -10.589 3.100   1.00 55.09  ? 29  ALA B C   1 
ATOM   787  O  O   . ALA B 2 29  ? 5.092   -11.083 4.015   1.00 54.45  ? 29  ALA B O   1 
ATOM   788  C  CB  . ALA B 2 29  ? 2.242   -11.528 2.351   1.00 52.51  ? 29  ALA B CB  1 
ATOM   789  N  N   . GLU B 2 30  ? 5.019   -10.117 1.992   1.00 56.73  ? 30  GLU B N   1 
ATOM   790  C  CA  . GLU B 2 30  ? 6.469   -10.177 1.805   1.00 59.93  ? 30  GLU B CA  1 
ATOM   791  C  C   . GLU B 2 30  ? 7.209   -9.457  2.925   1.00 61.65  ? 30  GLU B C   1 
ATOM   792  O  O   . GLU B 2 30  ? 8.408   -9.688  3.126   1.00 61.93  ? 30  GLU B O   1 
ATOM   793  C  CB  . GLU B 2 30  ? 6.891   -9.542  0.478   1.00 60.80  ? 30  GLU B CB  1 
ATOM   794  C  CG  . GLU B 2 30  ? 6.217   -10.122 -0.741  1.00 65.93  ? 30  GLU B CG  1 
ATOM   795  C  CD  . GLU B 2 30  ? 6.762   -9.558  -2.052  1.00 69.47  ? 30  GLU B CD  1 
ATOM   796  O  OE1 . GLU B 2 30  ? 6.921   -8.317  -2.182  1.00 70.11  ? 30  GLU B OE1 1 
ATOM   797  O  OE2 . GLU B 2 30  ? 7.019   -10.370 -2.966  1.00 71.75  ? 30  GLU B OE2 1 
ATOM   798  N  N   . PHE B 2 31  ? 6.509   -8.579  3.644   1.00 62.74  ? 31  PHE B N   1 
ATOM   799  C  CA  . PHE B 2 31  ? 7.149   -7.843  4.730   1.00 62.41  ? 31  PHE B CA  1 
ATOM   800  C  C   . PHE B 2 31  ? 7.533   -8.724  5.910   1.00 63.18  ? 31  PHE B C   1 
ATOM   801  O  O   . PHE B 2 31  ? 8.231   -8.274  6.815   1.00 61.86  ? 31  PHE B O   1 
ATOM   802  C  CB  . PHE B 2 31  ? 6.279   -6.669  5.207   1.00 61.33  ? 31  PHE B CB  1 
ATOM   803  C  CG  . PHE B 2 31  ? 6.759   -5.327  4.716   1.00 59.51  ? 31  PHE B CG  1 
ATOM   804  C  CD1 . PHE B 2 31  ? 6.307   -4.807  3.505   1.00 57.10  ? 31  PHE B CD1 1 
ATOM   805  C  CD2 . PHE B 2 31  ? 7.706   -4.603  5.446   1.00 58.64  ? 31  PHE B CD2 1 
ATOM   806  C  CE1 . PHE B 2 31  ? 6.788   -3.585  3.018   1.00 54.88  ? 31  PHE B CE1 1 
ATOM   807  C  CE2 . PHE B 2 31  ? 8.196   -3.381  4.969   1.00 57.30  ? 31  PHE B CE2 1 
ATOM   808  C  CZ  . PHE B 2 31  ? 7.731   -2.872  3.746   1.00 56.20  ? 31  PHE B CZ  1 
ATOM   809  N  N   . ASP B 2 32  ? 7.085   -9.978  5.918   1.00 65.25  ? 32  ASP B N   1 
ATOM   810  C  CA  . ASP B 2 32  ? 7.486   -10.855 7.008   1.00 67.57  ? 32  ASP B CA  1 
ATOM   811  C  C   . ASP B 2 32  ? 8.934   -11.267 6.728   1.00 65.85  ? 32  ASP B C   1 
ATOM   812  O  O   . ASP B 2 32  ? 9.711   -11.515 7.646   1.00 64.83  ? 32  ASP B O   1 
ATOM   813  C  CB  . ASP B 2 32  ? 6.598   -12.096 7.120   1.00 71.48  ? 32  ASP B CB  1 
ATOM   814  C  CG  . ASP B 2 32  ? 6.651   -12.712 8.526   1.00 77.10  ? 32  ASP B CG  1 
ATOM   815  O  OD1 . ASP B 2 32  ? 6.043   -12.135 9.462   1.00 77.71  ? 32  ASP B OD1 1 
ATOM   816  O  OD2 . ASP B 2 32  ? 7.323   -13.756 8.704   1.00 80.17  ? 32  ASP B OD2 1 
ATOM   817  N  N   . VAL B 2 33  ? 9.288   -11.335 5.449   1.00 65.01  ? 33  VAL B N   1 
ATOM   818  C  CA  . VAL B 2 33  ? 10.655  -11.665 5.067   1.00 63.74  ? 33  VAL B CA  1 
ATOM   819  C  C   . VAL B 2 33  ? 11.499  -10.487 5.545   1.00 62.72  ? 33  VAL B C   1 
ATOM   820  O  O   . VAL B 2 33  ? 12.603  -10.656 6.056   1.00 61.38  ? 33  VAL B O   1 
ATOM   821  C  CB  . VAL B 2 33  ? 10.801  -11.803 3.535   1.00 63.85  ? 33  VAL B CB  1 
ATOM   822  C  CG1 . VAL B 2 33  ? 12.252  -12.068 3.164   1.00 62.24  ? 33  VAL B CG1 1 
ATOM   823  C  CG2 . VAL B 2 33  ? 9.929   -12.928 3.045   1.00 63.20  ? 33  VAL B CG2 1 
ATOM   824  N  N   . VAL B 2 34  ? 10.961  -9.287  5.375   1.00 61.97  ? 34  VAL B N   1 
ATOM   825  C  CA  . VAL B 2 34  ? 11.658  -8.095  5.816   1.00 62.43  ? 34  VAL B CA  1 
ATOM   826  C  C   . VAL B 2 34  ? 11.783  -8.149  7.336   1.00 63.61  ? 34  VAL B C   1 
ATOM   827  O  O   . VAL B 2 34  ? 12.796  -7.754  7.893   1.00 63.29  ? 34  VAL B O   1 
ATOM   828  C  CB  . VAL B 2 34  ? 10.905  -6.827  5.407   1.00 62.19  ? 34  VAL B CB  1 
ATOM   829  C  CG1 . VAL B 2 34  ? 11.559  -5.620  6.037   1.00 64.05  ? 34  VAL B CG1 1 
ATOM   830  C  CG2 . VAL B 2 34  ? 10.911  -6.685  3.887   1.00 61.47  ? 34  VAL B CG2 1 
ATOM   831  N  N   . LYS B 2 35  ? 10.753  -8.655  8.004   1.00 66.13  ? 35  LYS B N   1 
ATOM   832  C  CA  . LYS B 2 35  ? 10.774  -8.782  9.455   1.00 68.01  ? 35  LYS B CA  1 
ATOM   833  C  C   . LYS B 2 35  ? 11.918  -9.716  9.842   1.00 67.70  ? 35  LYS B C   1 
ATOM   834  O  O   . LYS B 2 35  ? 12.821  -9.329  10.577  1.00 67.72  ? 35  LYS B O   1 
ATOM   835  C  CB  . LYS B 2 35  ? 9.441   -9.342  9.941   1.00 71.72  ? 35  LYS B CB  1 
ATOM   836  C  CG  . LYS B 2 35  ? 9.197   -9.212  11.442  1.00 76.05  ? 35  LYS B CG  1 
ATOM   837  C  CD  . LYS B 2 35  ? 7.691   -9.369  11.767  1.00 79.97  ? 35  LYS B CD  1 
ATOM   838  C  CE  . LYS B 2 35  ? 6.822   -8.340  10.998  1.00 80.54  ? 35  LYS B CE  1 
ATOM   839  N  NZ  . LYS B 2 35  ? 5.360   -8.404  11.321  1.00 79.46  ? 35  LYS B NZ  1 
ATOM   840  N  N   . GLU B 2 36  ? 11.884  -10.941 9.327   1.00 68.52  ? 36  GLU B N   1 
ATOM   841  C  CA  . GLU B 2 36  ? 12.930  -11.923 9.604   1.00 68.86  ? 36  GLU B CA  1 
ATOM   842  C  C   . GLU B 2 36  ? 14.335  -11.384 9.340   1.00 67.33  ? 36  GLU B C   1 
ATOM   843  O  O   . GLU B 2 36  ? 15.237  -11.579 10.148  1.00 66.50  ? 36  GLU B O   1 
ATOM   844  C  CB  . GLU B 2 36  ? 12.731  -13.172 8.751   1.00 72.34  ? 36  GLU B CB  1 
ATOM   845  C  CG  . GLU B 2 36  ? 11.680  -14.137 9.261   1.00 78.17  ? 36  GLU B CG  1 
ATOM   846  C  CD  . GLU B 2 36  ? 11.646  -15.428 8.448   1.00 82.52  ? 36  GLU B CD  1 
ATOM   847  O  OE1 . GLU B 2 36  ? 11.144  -15.410 7.292   1.00 84.12  ? 36  GLU B OE1 1 
ATOM   848  O  OE2 . GLU B 2 36  ? 12.137  -16.458 8.965   1.00 83.62  ? 36  GLU B OE2 1 
ATOM   849  N  N   . SER B 2 37  ? 14.514  -10.714 8.205   1.00 65.94  ? 37  SER B N   1 
ATOM   850  C  CA  . SER B 2 37  ? 15.811  -10.167 7.829   1.00 65.11  ? 37  SER B CA  1 
ATOM   851  C  C   . SER B 2 37  ? 16.310  -9.186  8.866   1.00 65.46  ? 37  SER B C   1 
ATOM   852  O  O   . SER B 2 37  ? 17.469  -9.236  9.280   1.00 64.41  ? 37  SER B O   1 
ATOM   853  C  CB  . SER B 2 37  ? 15.719  -9.445  6.486   1.00 64.84  ? 37  SER B CB  1 
ATOM   854  O  OG  . SER B 2 37  ? 14.965  -10.192 5.552   1.00 65.93  ? 37  SER B OG  1 
ATOM   855  N  N   . VAL B 2 38  ? 15.420  -8.287  9.274   1.00 67.60  ? 38  VAL B N   1 
ATOM   856  C  CA  . VAL B 2 38  ? 15.740  -7.247  10.249  1.00 68.65  ? 38  VAL B CA  1 
ATOM   857  C  C   . VAL B 2 38  ? 16.133  -7.835  11.606  1.00 68.36  ? 38  VAL B C   1 
ATOM   858  O  O   . VAL B 2 38  ? 16.988  -7.283  12.295  1.00 67.65  ? 38  VAL B O   1 
ATOM   859  C  CB  . VAL B 2 38  ? 14.549  -6.259  10.406  1.00 69.68  ? 38  VAL B CB  1 
ATOM   860  C  CG1 . VAL B 2 38  ? 13.670  -6.652  11.597  1.00 69.16  ? 38  VAL B CG1 1 
ATOM   861  C  CG2 . VAL B 2 38  ? 15.074  -4.843  10.523  1.00 69.28  ? 38  VAL B CG2 1 
ATOM   862  N  N   . ASN B 2 39  ? 15.518  -8.950  11.987  1.00 68.33  ? 39  ASN B N   1 
ATOM   863  C  CA  . ASN B 2 39  ? 15.874  -9.588  13.245  1.00 71.02  ? 39  ASN B CA  1 
ATOM   864  C  C   . ASN B 2 39  ? 17.242  -10.245 13.104  1.00 71.42  ? 39  ASN B C   1 
ATOM   865  O  O   . ASN B 2 39  ? 18.022  -10.283 14.058  1.00 71.98  ? 39  ASN B O   1 
ATOM   866  C  CB  . ASN B 2 39  ? 14.847  -10.638 13.638  1.00 74.16  ? 39  ASN B CB  1 
ATOM   867  C  CG  . ASN B 2 39  ? 13.467  -10.053 13.824  1.00 80.16  ? 39  ASN B CG  1 
ATOM   868  O  OD1 . ASN B 2 39  ? 13.276  -9.077  14.570  1.00 83.01  ? 39  ASN B OD1 1 
ATOM   869  N  ND2 . ASN B 2 39  ? 12.485  -10.642 13.142  1.00 82.42  ? 39  ASN B ND2 1 
ATOM   870  N  N   . GLU B 2 40  ? 17.533  -10.768 11.917  1.00 70.75  ? 40  GLU B N   1 
ATOM   871  C  CA  . GLU B 2 40  ? 18.820  -11.392 11.687  1.00 70.37  ? 40  GLU B CA  1 
ATOM   872  C  C   . GLU B 2 40  ? 19.878  -10.310 11.799  1.00 71.66  ? 40  GLU B C   1 
ATOM   873  O  O   . GLU B 2 40  ? 20.942  -10.531 12.379  1.00 72.08  ? 40  GLU B O   1 
ATOM   874  C  CB  . GLU B 2 40  ? 18.864  -12.044 10.307  1.00 70.39  ? 40  GLU B CB  1 
ATOM   875  C  CG  . GLU B 2 40  ? 17.917  -13.235 10.176  1.00 72.02  ? 40  GLU B CG  1 
ATOM   876  C  CD  . GLU B 2 40  ? 17.729  -13.708 8.734   1.00 72.72  ? 40  GLU B CD  1 
ATOM   877  O  OE1 . GLU B 2 40  ? 18.201  -13.013 7.802   1.00 71.82  ? 40  GLU B OE1 1 
ATOM   878  O  OE2 . GLU B 2 40  ? 17.097  -14.773 8.541   1.00 72.74  ? 40  GLU B OE2 1 
ATOM   879  N  N   . LEU B 2 41  ? 19.586  -9.128  11.264  1.00 72.72  ? 41  LEU B N   1 
ATOM   880  C  CA  . LEU B 2 41  ? 20.543  -8.031  11.340  1.00 73.70  ? 41  LEU B CA  1 
ATOM   881  C  C   . LEU B 2 41  ? 20.855  -7.723  12.806  1.00 75.06  ? 41  LEU B C   1 
ATOM   882  O  O   . LEU B 2 41  ? 21.948  -7.281  13.128  1.00 75.64  ? 41  LEU B O   1 
ATOM   883  C  CB  . LEU B 2 41  ? 19.995  -6.774  10.671  1.00 72.36  ? 41  LEU B CB  1 
ATOM   884  C  CG  . LEU B 2 41  ? 21.024  -6.005  9.835   1.00 71.10  ? 41  LEU B CG  1 
ATOM   885  C  CD1 . LEU B 2 41  ? 20.573  -4.559  9.670   1.00 70.87  ? 41  LEU B CD1 1 
ATOM   886  C  CD2 . LEU B 2 41  ? 22.378  -6.061  10.504  1.00 70.39  ? 41  LEU B CD2 1 
ATOM   887  N  N   . SER B 2 42  ? 19.885  -7.947  13.689  1.00 76.39  ? 42  SER B N   1 
ATOM   888  C  CA  . SER B 2 42  ? 20.092  -7.711  15.115  1.00 77.90  ? 42  SER B CA  1 
ATOM   889  C  C   . SER B 2 42  ? 21.139  -8.685  15.624  1.00 79.70  ? 42  SER B C   1 
ATOM   890  O  O   . SER B 2 42  ? 22.177  -8.282  16.143  1.00 80.53  ? 42  SER B O   1 
ATOM   891  C  CB  . SER B 2 42  ? 18.797  -7.929  15.896  1.00 76.35  ? 42  SER B CB  1 
ATOM   892  O  OG  . SER B 2 42  ? 17.888  -6.881  15.658  1.00 76.13  ? 42  SER B OG  1 
ATOM   893  N  N   . GLU B 2 43  ? 20.853  -9.974  15.477  1.00 81.58  ? 43  GLU B N   1 
ATOM   894  C  CA  . GLU B 2 43  ? 21.771  -11.013 15.913  1.00 82.43  ? 43  GLU B CA  1 
ATOM   895  C  C   . GLU B 2 43  ? 23.184  -10.699 15.464  1.00 82.37  ? 43  GLU B C   1 
ATOM   896  O  O   . GLU B 2 43  ? 24.113  -10.780 16.257  1.00 83.76  ? 43  GLU B O   1 
ATOM   897  C  CB  . GLU B 2 43  ? 21.342  -12.366 15.355  1.00 83.92  ? 43  GLU B CB  1 
ATOM   898  C  CG  . GLU B 2 43  ? 19.982  -12.811 15.849  1.00 88.66  ? 43  GLU B CG  1 
ATOM   899  C  CD  . GLU B 2 43  ? 19.910  -12.874 17.366  1.00 91.83  ? 43  GLU B CD  1 
ATOM   900  O  OE1 . GLU B 2 43  ? 20.607  -13.723 17.969  1.00 93.46  ? 43  GLU B OE1 1 
ATOM   901  O  OE2 . GLU B 2 43  ? 19.160  -12.068 17.957  1.00 93.05  ? 43  GLU B OE2 1 
ATOM   902  N  N   . LYS B 2 44  ? 23.352  -10.323 14.199  1.00 82.29  ? 44  LYS B N   1 
ATOM   903  C  CA  . LYS B 2 44  ? 24.683  -10.019 13.694  1.00 82.78  ? 44  LYS B CA  1 
ATOM   904  C  C   . LYS B 2 44  ? 25.243  -8.755  14.338  1.00 83.03  ? 44  LYS B C   1 
ATOM   905  O  O   . LYS B 2 44  ? 26.456  -8.597  14.452  1.00 83.24  ? 44  LYS B O   1 
ATOM   906  C  CB  . LYS B 2 44  ? 24.671  -9.878  12.161  1.00 83.28  ? 44  LYS B CB  1 
ATOM   907  C  CG  . LYS B 2 44  ? 26.079  -9.952  11.528  1.00 85.13  ? 44  LYS B CG  1 
ATOM   908  C  CD  . LYS B 2 44  ? 26.071  -9.996  9.990   1.00 86.72  ? 44  LYS B CD  1 
ATOM   909  C  CE  . LYS B 2 44  ? 25.815  -8.620  9.361   1.00 89.17  ? 44  LYS B CE  1 
ATOM   910  N  NZ  . LYS B 2 44  ? 25.807  -8.604  7.858   1.00 87.76  ? 44  LYS B NZ  1 
ATOM   911  N  N   . ALA B 2 45  ? 24.357  -7.862  14.768  1.00 83.79  ? 45  ALA B N   1 
ATOM   912  C  CA  . ALA B 2 45  ? 24.771  -6.613  15.404  1.00 84.83  ? 45  ALA B CA  1 
ATOM   913  C  C   . ALA B 2 45  ? 25.407  -6.889  16.762  1.00 86.23  ? 45  ALA B C   1 
ATOM   914  O  O   . ALA B 2 45  ? 26.244  -6.117  17.225  1.00 86.69  ? 45  ALA B O   1 
ATOM   915  C  CB  . ALA B 2 45  ? 23.574  -5.676  15.567  1.00 83.66  ? 45  ALA B CB  1 
ATOM   916  N  N   . LYS B 2 46  ? 24.997  -7.984  17.398  1.00 87.65  ? 46  LYS B N   1 
ATOM   917  C  CA  . LYS B 2 46  ? 25.539  -8.370  18.698  1.00 89.04  ? 46  LYS B CA  1 
ATOM   918  C  C   . LYS B 2 46  ? 27.059  -8.266  18.664  1.00 91.09  ? 46  LYS B C   1 
ATOM   919  O  O   . LYS B 2 46  ? 27.666  -7.539  19.448  1.00 92.36  ? 46  LYS B O   1 
ATOM   920  C  CB  . LYS B 2 46  ? 25.175  -9.819  19.029  1.00 88.00  ? 46  LYS B CB  1 
ATOM   921  C  CG  . LYS B 2 46  ? 23.731  -10.081 19.424  1.00 89.11  ? 46  LYS B CG  1 
ATOM   922  C  CD  . LYS B 2 46  ? 23.509  -11.591 19.565  1.00 89.98  ? 46  LYS B CD  1 
ATOM   923  C  CE  . LYS B 2 46  ? 22.432  -11.961 20.586  1.00 90.31  ? 46  LYS B CE  1 
ATOM   924  N  NZ  . LYS B 2 46  ? 21.048  -11.612 20.168  1.00 90.64  ? 46  LYS B NZ  1 
ATOM   925  N  N   . THR B 2 47  ? 27.666  -8.989  17.729  1.00 92.42  ? 47  THR B N   1 
ATOM   926  C  CA  . THR B 2 47  ? 29.117  -9.034  17.592  1.00 93.02  ? 47  THR B CA  1 
ATOM   927  C  C   . THR B 2 47  ? 29.717  -8.055  16.572  1.00 93.45  ? 47  THR B C   1 
ATOM   928  O  O   . THR B 2 47  ? 30.827  -7.557  16.756  1.00 93.16  ? 47  THR B O   1 
ATOM   929  C  CB  . THR B 2 47  ? 29.555  -10.466 17.214  1.00 93.22  ? 47  THR B CB  1 
ATOM   930  O  OG1 . THR B 2 47  ? 29.192  -10.736 15.853  1.00 93.32  ? 47  THR B OG1 1 
ATOM   931  C  CG2 . THR B 2 47  ? 28.852  -11.487 18.102  1.00 92.91  ? 47  THR B CG2 1 
ATOM   932  N  N   . ASP B 2 48  ? 28.978  -7.777  15.506  1.00 94.12  ? 48  ASP B N   1 
ATOM   933  C  CA  . ASP B 2 48  ? 29.456  -6.893  14.450  1.00 94.58  ? 48  ASP B CA  1 
ATOM   934  C  C   . ASP B 2 48  ? 28.898  -5.468  14.505  1.00 94.69  ? 48  ASP B C   1 
ATOM   935  O  O   . ASP B 2 48  ? 27.684  -5.264  14.486  1.00 95.50  ? 48  ASP B O   1 
ATOM   936  C  CB  . ASP B 2 48  ? 29.138  -7.532  13.097  1.00 95.35  ? 48  ASP B CB  1 
ATOM   937  C  CG  . ASP B 2 48  ? 29.607  -6.697  11.935  1.00 97.49  ? 48  ASP B CG  1 
ATOM   938  O  OD1 . ASP B 2 48  ? 29.601  -7.219  10.800  1.00 99.11  ? 48  ASP B OD1 1 
ATOM   939  O  OD2 . ASP B 2 48  ? 29.977  -5.521  12.149  1.00 97.99  ? 48  ASP B OD2 1 
ATOM   940  N  N   . PRO B 2 49  ? 29.789  -4.461  14.564  1.00 94.23  ? 49  PRO B N   1 
ATOM   941  C  CA  . PRO B 2 49  ? 29.413  -3.045  14.623  1.00 93.40  ? 49  PRO B CA  1 
ATOM   942  C  C   . PRO B 2 49  ? 28.993  -2.459  13.277  1.00 92.64  ? 49  PRO B C   1 
ATOM   943  O  O   . PRO B 2 49  ? 28.439  -1.363  13.219  1.00 93.33  ? 49  PRO B O   1 
ATOM   944  C  CB  . PRO B 2 49  ? 30.668  -2.384  15.177  1.00 93.02  ? 49  PRO B CB  1 
ATOM   945  C  CG  . PRO B 2 49  ? 31.744  -3.192  14.563  1.00 92.98  ? 49  PRO B CG  1 
ATOM   946  C  CD  . PRO B 2 49  ? 31.243  -4.610  14.755  1.00 94.20  ? 49  PRO B CD  1 
ATOM   947  N  N   . GLN B 2 50  ? 29.273  -3.181  12.197  1.00 91.39  ? 50  GLN B N   1 
ATOM   948  C  CA  . GLN B 2 50  ? 28.889  -2.723  10.867  1.00 90.14  ? 50  GLN B CA  1 
ATOM   949  C  C   . GLN B 2 50  ? 27.380  -2.934  10.814  1.00 87.63  ? 50  GLN B C   1 
ATOM   950  O  O   . GLN B 2 50  ? 26.634  -2.115  10.286  1.00 86.37  ? 50  GLN B O   1 
ATOM   951  C  CB  . GLN B 2 50  ? 29.571  -3.575  9.787   1.00 93.14  ? 50  GLN B CB  1 
ATOM   952  C  CG  . GLN B 2 50  ? 29.887  -2.833  8.482   1.00 96.84  ? 50  GLN B CG  1 
ATOM   953  C  CD  . GLN B 2 50  ? 31.127  -1.936  8.586   1.00 99.31  ? 50  GLN B CD  1 
ATOM   954  O  OE1 . GLN B 2 50  ? 32.240  -2.419  8.843   1.00 98.60  ? 50  GLN B OE1 1 
ATOM   955  N  NE2 . GLN B 2 50  ? 30.937  -0.626  8.384   1.00 99.17  ? 50  GLN B NE2 1 
ATOM   956  N  N   . ALA B 2 51  ? 26.946  -4.052  11.384  1.00 85.13  ? 51  ALA B N   1 
ATOM   957  C  CA  . ALA B 2 51  ? 25.537  -4.403  11.435  1.00 83.34  ? 51  ALA B CA  1 
ATOM   958  C  C   . ALA B 2 51  ? 24.800  -3.434  12.359  1.00 81.43  ? 51  ALA B C   1 
ATOM   959  O  O   . ALA B 2 51  ? 23.707  -2.967  12.050  1.00 80.41  ? 51  ALA B O   1 
ATOM   960  C  CB  . ALA B 2 51  ? 25.379  -5.845  11.942  1.00 82.84  ? 51  ALA B CB  1 
ATOM   961  N  N   . ALA B 2 52  ? 25.412  -3.141  13.499  1.00 80.21  ? 52  ALA B N   1 
ATOM   962  C  CA  . ALA B 2 52  ? 24.821  -2.239  14.474  1.00 79.05  ? 52  ALA B CA  1 
ATOM   963  C  C   . ALA B 2 52  ? 24.546  -0.874  13.855  1.00 78.60  ? 52  ALA B C   1 
ATOM   964  O  O   . ALA B 2 52  ? 23.486  -0.290  14.073  1.00 78.48  ? 52  ALA B O   1 
ATOM   965  C  CB  . ALA B 2 52  ? 25.747  -2.101  15.675  1.00 77.98  ? 52  ALA B CB  1 
ATOM   966  N  N   . GLU B 2 53  ? 25.501  -0.367  13.083  1.00 78.76  ? 53  GLU B N   1 
ATOM   967  C  CA  . GLU B 2 53  ? 25.351  0.927   12.436  1.00 79.22  ? 53  GLU B CA  1 
ATOM   968  C  C   . GLU B 2 53  ? 24.232  0.887   11.387  1.00 78.55  ? 53  GLU B C   1 
ATOM   969  O  O   . GLU B 2 53  ? 23.519  1.873   11.189  1.00 78.37  ? 53  GLU B O   1 
ATOM   970  C  CB  . GLU B 2 53  ? 26.669  1.332   11.787  1.00 82.55  ? 53  GLU B CB  1 
ATOM   971  C  CG  . GLU B 2 53  ? 26.647  2.704   11.135  1.00 89.43  ? 53  GLU B CG  1 
ATOM   972  C  CD  . GLU B 2 53  ? 26.449  3.838   12.141  1.00 93.66  ? 53  GLU B CD  1 
ATOM   973  O  OE1 . GLU B 2 53  ? 26.376  5.016   11.702  1.00 94.62  ? 53  GLU B OE1 1 
ATOM   974  O  OE2 . GLU B 2 53  ? 26.367  3.548   13.361  1.00 94.93  ? 53  GLU B OE2 1 
ATOM   975  N  N   . LYS B 2 54  ? 24.089  -0.252  10.710  1.00 77.33  ? 54  LYS B N   1 
ATOM   976  C  CA  . LYS B 2 54  ? 23.044  -0.425  9.709   1.00 75.01  ? 54  LYS B CA  1 
ATOM   977  C  C   . LYS B 2 54  ? 21.700  -0.390  10.417  1.00 72.46  ? 54  LYS B C   1 
ATOM   978  O  O   . LYS B 2 54  ? 20.817  0.388   10.064  1.00 72.98  ? 54  LYS B O   1 
ATOM   979  C  CB  . LYS B 2 54  ? 23.209  -1.767  8.969   1.00 77.26  ? 54  LYS B CB  1 
ATOM   980  C  CG  . LYS B 2 54  ? 24.250  -1.739  7.840   1.00 80.54  ? 54  LYS B CG  1 
ATOM   981  C  CD  . LYS B 2 54  ? 24.334  -3.064  7.055   1.00 83.75  ? 54  LYS B CD  1 
ATOM   982  C  CE  . LYS B 2 54  ? 24.894  -4.206  7.916   1.00 87.04  ? 54  LYS B CE  1 
ATOM   983  N  NZ  . LYS B 2 54  ? 25.057  -5.532  7.208   1.00 88.01  ? 54  LYS B NZ  1 
ATOM   984  N  N   . LEU B 2 55  ? 21.556  -1.233  11.428  1.00 69.57  ? 55  LEU B N   1 
ATOM   985  C  CA  . LEU B 2 55  ? 20.324  -1.304  12.197  1.00 67.51  ? 55  LEU B CA  1 
ATOM   986  C  C   . LEU B 2 55  ? 19.871  0.069   12.689  1.00 65.98  ? 55  LEU B C   1 
ATOM   987  O  O   . LEU B 2 55  ? 18.726  0.463   12.460  1.00 66.44  ? 55  LEU B O   1 
ATOM   988  C  CB  . LEU B 2 55  ? 20.506  -2.231  13.401  1.00 67.70  ? 55  LEU B CB  1 
ATOM   989  C  CG  . LEU B 2 55  ? 19.406  -3.271  13.638  1.00 68.27  ? 55  LEU B CG  1 
ATOM   990  C  CD1 . LEU B 2 55  ? 19.609  -3.926  15.001  1.00 67.15  ? 55  LEU B CD1 1 
ATOM   991  C  CD2 . LEU B 2 55  ? 18.039  -2.609  13.555  1.00 68.16  ? 55  LEU B CD2 1 
ATOM   992  N  N   . ASN B 2 56  ? 20.763  0.799   13.357  1.00 64.04  ? 56  ASN B N   1 
ATOM   993  C  CA  . ASN B 2 56  ? 20.425  2.119   13.884  1.00 62.90  ? 56  ASN B CA  1 
ATOM   994  C  C   . ASN B 2 56  ? 19.988  3.082   12.793  1.00 62.84  ? 56  ASN B C   1 
ATOM   995  O  O   . ASN B 2 56  ? 19.101  3.912   13.001  1.00 62.21  ? 56  ASN B O   1 
ATOM   996  C  CB  . ASN B 2 56  ? 21.601  2.721   14.650  1.00 62.63  ? 56  ASN B CB  1 
ATOM   997  C  CG  . ASN B 2 56  ? 22.106  1.816   15.753  1.00 61.88  ? 56  ASN B CG  1 
ATOM   998  O  OD1 . ASN B 2 56  ? 21.335  1.116   16.407  1.00 60.48  ? 56  ASN B OD1 1 
ATOM   999  N  ND2 . ASN B 2 56  ? 23.415  1.838   15.974  1.00 62.74  ? 56  ASN B ND2 1 
ATOM   1000 N  N   . LYS B 2 57  ? 20.627  2.985   11.634  1.00 64.29  ? 57  LYS B N   1 
ATOM   1001 C  CA  . LYS B 2 57  ? 20.265  3.834   10.504  1.00 65.68  ? 57  LYS B CA  1 
ATOM   1002 C  C   . LYS B 2 57  ? 18.839  3.466   10.090  1.00 64.41  ? 57  LYS B C   1 
ATOM   1003 O  O   . LYS B 2 57  ? 18.020  4.340   9.803   1.00 63.27  ? 57  LYS B O   1 
ATOM   1004 C  CB  . LYS B 2 57  ? 21.244  3.632   9.329   1.00 68.64  ? 57  LYS B CB  1 
ATOM   1005 C  CG  . LYS B 2 57  ? 22.500  4.489   9.436   1.00 71.65  ? 57  LYS B CG  1 
ATOM   1006 C  CD  . LYS B 2 57  ? 22.077  5.947   9.646   1.00 77.80  ? 57  LYS B CD  1 
ATOM   1007 C  CE  . LYS B 2 57  ? 23.186  6.817   10.246  1.00 81.88  ? 57  LYS B CE  1 
ATOM   1008 N  NZ  . LYS B 2 57  ? 22.627  8.113   10.783  1.00 83.44  ? 57  LYS B NZ  1 
ATOM   1009 N  N   . LEU B 2 58  ? 18.555  2.165   10.076  1.00 63.16  ? 58  LEU B N   1 
ATOM   1010 C  CA  . LEU B 2 58  ? 17.231  1.661   9.725   1.00 62.85  ? 58  LEU B CA  1 
ATOM   1011 C  C   . LEU B 2 58  ? 16.198  2.158   10.721  1.00 61.85  ? 58  LEU B C   1 
ATOM   1012 O  O   . LEU B 2 58  ? 15.144  2.678   10.345  1.00 61.75  ? 58  LEU B O   1 
ATOM   1013 C  CB  . LEU B 2 58  ? 17.221  0.138   9.737   1.00 64.54  ? 58  LEU B CB  1 
ATOM   1014 C  CG  . LEU B 2 58  ? 17.188  -0.540  8.368   1.00 65.86  ? 58  LEU B CG  1 
ATOM   1015 C  CD1 . LEU B 2 58  ? 17.193  -2.047  8.561   1.00 66.69  ? 58  LEU B CD1 1 
ATOM   1016 C  CD2 . LEU B 2 58  ? 15.951  -0.103  7.609   1.00 66.65  ? 58  LEU B CD2 1 
ATOM   1017 N  N   . ILE B 2 59  ? 16.505  1.984   12.001  1.00 60.50  ? 59  ILE B N   1 
ATOM   1018 C  CA  . ILE B 2 59  ? 15.609  2.423   13.060  1.00 59.28  ? 59  ILE B CA  1 
ATOM   1019 C  C   . ILE B 2 59  ? 15.273  3.910   12.921  1.00 59.48  ? 59  ILE B C   1 
ATOM   1020 O  O   . ILE B 2 59  ? 14.110  4.288   12.970  1.00 59.23  ? 59  ILE B O   1 
ATOM   1021 C  CB  . ILE B 2 59  ? 16.232  2.142   14.439  1.00 57.40  ? 59  ILE B CB  1 
ATOM   1022 C  CG1 . ILE B 2 59  ? 16.439  0.633   14.595  1.00 55.98  ? 59  ILE B CG1 1 
ATOM   1023 C  CG2 . ILE B 2 59  ? 15.337  2.690   15.543  1.00 55.64  ? 59  ILE B CG2 1 
ATOM   1024 C  CD1 . ILE B 2 59  ? 17.290  0.234   15.773  1.00 55.00  ? 59  ILE B CD1 1 
ATOM   1025 N  N   . GLU B 2 60  ? 16.283  4.753   12.738  1.00 60.58  ? 60  GLU B N   1 
ATOM   1026 C  CA  . GLU B 2 60  ? 16.027  6.178   12.576  1.00 62.75  ? 60  GLU B CA  1 
ATOM   1027 C  C   . GLU B 2 60  ? 15.195  6.415   11.323  1.00 61.24  ? 60  GLU B C   1 
ATOM   1028 O  O   . GLU B 2 60  ? 14.307  7.276   11.312  1.00 61.25  ? 60  GLU B O   1 
ATOM   1029 C  CB  . GLU B 2 60  ? 17.343  6.951   12.492  1.00 67.33  ? 60  GLU B CB  1 
ATOM   1030 C  CG  . GLU B 2 60  ? 18.030  7.104   13.840  1.00 75.01  ? 60  GLU B CG  1 
ATOM   1031 C  CD  . GLU B 2 60  ? 19.518  7.448   13.737  1.00 80.36  ? 60  GLU B CD  1 
ATOM   1032 O  OE1 . GLU B 2 60  ? 20.180  7.489   14.808  1.00 82.72  ? 60  GLU B OE1 1 
ATOM   1033 O  OE2 . GLU B 2 60  ? 20.024  7.673   12.605  1.00 81.41  ? 60  GLU B OE2 1 
ATOM   1034 N  N   . GLY B 2 61  ? 15.475  5.628   10.283  1.00 59.11  ? 61  GLY B N   1 
ATOM   1035 C  CA  . GLY B 2 61  ? 14.750  5.744   9.031   1.00 55.19  ? 61  GLY B CA  1 
ATOM   1036 C  C   . GLY B 2 61  ? 13.267  5.484   9.203   1.00 54.65  ? 61  GLY B C   1 
ATOM   1037 O  O   . GLY B 2 61  ? 12.438  6.231   8.692   1.00 54.06  ? 61  GLY B O   1 
ATOM   1038 N  N   . TYR B 2 62  ? 12.928  4.428   9.935   1.00 54.60  ? 62  TYR B N   1 
ATOM   1039 C  CA  . TYR B 2 62  ? 11.535  4.075   10.168  1.00 55.59  ? 62  TYR B CA  1 
ATOM   1040 C  C   . TYR B 2 62  ? 10.829  4.912   11.222  1.00 56.41  ? 62  TYR B C   1 
ATOM   1041 O  O   . TYR B 2 62  ? 9.620   4.796   11.404  1.00 57.86  ? 62  TYR B O   1 
ATOM   1042 C  CB  . TYR B 2 62  ? 11.424  2.608   10.577  1.00 56.16  ? 62  TYR B CB  1 
ATOM   1043 C  CG  . TYR B 2 62  ? 11.225  1.655   9.424   1.00 57.49  ? 62  TYR B CG  1 
ATOM   1044 C  CD1 . TYR B 2 62  ? 12.311  1.199   8.665   1.00 57.22  ? 62  TYR B CD1 1 
ATOM   1045 C  CD2 . TYR B 2 62  ? 9.949   1.210   9.086   1.00 57.70  ? 62  TYR B CD2 1 
ATOM   1046 C  CE1 . TYR B 2 62  ? 12.129  0.318   7.599   1.00 57.44  ? 62  TYR B CE1 1 
ATOM   1047 C  CE2 . TYR B 2 62  ? 9.750   0.332   8.020   1.00 59.19  ? 62  TYR B CE2 1 
ATOM   1048 C  CZ  . TYR B 2 62  ? 10.841  -0.110  7.283   1.00 59.17  ? 62  TYR B CZ  1 
ATOM   1049 O  OH  . TYR B 2 62  ? 10.630  -0.982  6.243   1.00 59.93  ? 62  TYR B OH  1 
ATOM   1050 N  N   . THR B 2 63  ? 11.564  5.755   11.929  1.00 57.85  ? 63  THR B N   1 
ATOM   1051 C  CA  . THR B 2 63  ? 10.941  6.549   12.977  1.00 58.68  ? 63  THR B CA  1 
ATOM   1052 C  C   . THR B 2 63  ? 10.712  7.995   12.588  1.00 59.04  ? 63  THR B C   1 
ATOM   1053 O  O   . THR B 2 63  ? 9.631   8.537   12.821  1.00 59.62  ? 63  THR B O   1 
ATOM   1054 C  CB  . THR B 2 63  ? 11.768  6.483   14.235  1.00 59.05  ? 63  THR B CB  1 
ATOM   1055 O  OG1 . THR B 2 63  ? 13.144  6.680   13.887  1.00 61.16  ? 63  THR B OG1 1 
ATOM   1056 C  CG2 . THR B 2 63  ? 11.588  5.130   14.900  1.00 57.85  ? 63  THR B CG2 1 
ATOM   1057 N  N   . TYR B 2 64  ? 11.724  8.634   12.019  1.00 58.74  ? 64  TYR B N   1 
ATOM   1058 C  CA  . TYR B 2 64  ? 11.545  10.008  11.573  1.00 60.29  ? 64  TYR B CA  1 
ATOM   1059 C  C   . TYR B 2 64  ? 12.276  10.245  10.256  1.00 60.79  ? 64  TYR B C   1 
ATOM   1060 O  O   . TYR B 2 64  ? 12.466  11.386  9.850   1.00 62.75  ? 64  TYR B O   1 
ATOM   1061 C  CB  . TYR B 2 64  ? 12.015  11.020  12.638  1.00 60.00  ? 64  TYR B CB  1 
ATOM   1062 C  CG  . TYR B 2 64  ? 13.459  10.874  13.049  1.00 59.09  ? 64  TYR B CG  1 
ATOM   1063 C  CD1 . TYR B 2 64  ? 13.848  9.883   13.953  1.00 58.56  ? 64  TYR B CD1 1 
ATOM   1064 C  CD2 . TYR B 2 64  ? 14.450  11.684  12.485  1.00 57.76  ? 64  TYR B CD2 1 
ATOM   1065 C  CE1 . TYR B 2 64  ? 15.188  9.693   14.282  1.00 59.38  ? 64  TYR B CE1 1 
ATOM   1066 C  CE2 . TYR B 2 64  ? 15.800  11.504  12.810  1.00 58.28  ? 64  TYR B CE2 1 
ATOM   1067 C  CZ  . TYR B 2 64  ? 16.162  10.501  13.706  1.00 59.26  ? 64  TYR B CZ  1 
ATOM   1068 O  OH  . TYR B 2 64  ? 17.491  10.283  14.007  1.00 59.87  ? 64  TYR B OH  1 
ATOM   1069 N  N   . GLY B 2 65  ? 12.661  9.160   9.586   1.00 61.14  ? 65  GLY B N   1 
ATOM   1070 C  CA  . GLY B 2 65  ? 13.371  9.266   8.324   1.00 62.30  ? 65  GLY B CA  1 
ATOM   1071 C  C   . GLY B 2 65  ? 12.550  9.010   7.067   1.00 64.02  ? 65  GLY B C   1 
ATOM   1072 O  O   . GLY B 2 65  ? 11.333  9.205   7.047   1.00 62.76  ? 65  GLY B O   1 
ATOM   1073 N  N   . GLU B 2 66  ? 13.228  8.561   6.009   1.00 65.60  ? 66  GLU B N   1 
ATOM   1074 C  CA  . GLU B 2 66  ? 12.579  8.294   4.728   1.00 67.31  ? 66  GLU B CA  1 
ATOM   1075 C  C   . GLU B 2 66  ? 11.566  7.163   4.716   1.00 65.50  ? 66  GLU B C   1 
ATOM   1076 O  O   . GLU B 2 66  ? 10.462  7.342   4.196   1.00 64.53  ? 66  GLU B O   1 
ATOM   1077 C  CB  . GLU B 2 66  ? 13.633  8.066   3.639   1.00 71.87  ? 66  GLU B CB  1 
ATOM   1078 C  CG  . GLU B 2 66  ? 13.846  9.300   2.755   1.00 80.69  ? 66  GLU B CG  1 
ATOM   1079 C  CD  . GLU B 2 66  ? 14.122  10.582  3.563   1.00 86.72  ? 66  GLU B CD  1 
ATOM   1080 O  OE1 . GLU B 2 66  ? 15.125  10.612  4.322   1.00 89.74  ? 66  GLU B OE1 1 
ATOM   1081 O  OE2 . GLU B 2 66  ? 13.339  11.560  3.440   1.00 87.56  ? 66  GLU B OE2 1 
ATOM   1082 N  N   . GLU B 2 67  ? 11.934  6.009   5.270   1.00 62.80  ? 67  GLU B N   1 
ATOM   1083 C  CA  . GLU B 2 67  ? 11.029  4.859   5.331   1.00 61.89  ? 67  GLU B CA  1 
ATOM   1084 C  C   . GLU B 2 67  ? 9.694   5.252   5.987   1.00 60.10  ? 67  GLU B C   1 
ATOM   1085 O  O   . GLU B 2 67  ? 8.615   4.958   5.470   1.00 58.35  ? 67  GLU B O   1 
ATOM   1086 C  CB  . GLU B 2 67  ? 11.672  3.723   6.121   1.00 64.62  ? 67  GLU B CB  1 
ATOM   1087 C  CG  . GLU B 2 67  ? 12.825  3.008   5.415   1.00 71.49  ? 67  GLU B CG  1 
ATOM   1088 C  CD  . GLU B 2 67  ? 14.017  3.912   5.118   1.00 75.09  ? 67  GLU B CD  1 
ATOM   1089 O  OE1 . GLU B 2 67  ? 14.384  4.737   5.984   1.00 77.71  ? 67  GLU B OE1 1 
ATOM   1090 O  OE2 . GLU B 2 67  ? 14.604  3.785   4.019   1.00 75.95  ? 67  GLU B OE2 1 
ATOM   1091 N  N   . ARG B 2 68  ? 9.777   5.926   7.127   1.00 58.30  ? 68  ARG B N   1 
ATOM   1092 C  CA  . ARG B 2 68  ? 8.598   6.377   7.842   1.00 56.69  ? 68  ARG B CA  1 
ATOM   1093 C  C   . ARG B 2 68  ? 7.732   7.297   6.977   1.00 55.08  ? 68  ARG B C   1 
ATOM   1094 O  O   . ARG B 2 68  ? 6.502   7.233   7.023   1.00 53.50  ? 68  ARG B O   1 
ATOM   1095 C  CB  . ARG B 2 68  ? 9.025   7.112   9.116   1.00 59.53  ? 68  ARG B CB  1 
ATOM   1096 C  CG  . ARG B 2 68  ? 7.924   7.943   9.760   1.00 64.80  ? 68  ARG B CG  1 
ATOM   1097 C  CD  . ARG B 2 68  ? 6.798   7.088   10.336  1.00 68.93  ? 68  ARG B CD  1 
ATOM   1098 N  NE  . ARG B 2 68  ? 6.680   7.351   11.765  1.00 78.01  ? 68  ARG B NE  1 
ATOM   1099 C  CZ  . ARG B 2 68  ? 6.222   8.492   12.279  1.00 82.09  ? 68  ARG B CZ  1 
ATOM   1100 N  NH1 . ARG B 2 68  ? 6.159   8.669   13.597  1.00 84.27  ? 68  ARG B NH1 1 
ATOM   1101 N  NH2 . ARG B 2 68  ? 5.786   9.444   11.473  1.00 83.94  ? 68  ARG B NH2 1 
ATOM   1102 N  N   . LYS B 2 69  ? 8.369   8.159   6.192   1.00 53.77  ? 69  LYS B N   1 
ATOM   1103 C  CA  . LYS B 2 69  ? 7.630   9.088   5.348   1.00 53.73  ? 69  LYS B CA  1 
ATOM   1104 C  C   . LYS B 2 69  ? 6.964   8.353   4.197   1.00 52.13  ? 69  LYS B C   1 
ATOM   1105 O  O   . LYS B 2 69  ? 5.831   8.646   3.825   1.00 50.37  ? 69  LYS B O   1 
ATOM   1106 C  CB  . LYS B 2 69  ? 8.570   10.178  4.824   1.00 57.45  ? 69  LYS B CB  1 
ATOM   1107 C  CG  . LYS B 2 69  ? 9.098   11.123  5.906   1.00 61.54  ? 69  LYS B CG  1 
ATOM   1108 C  CD  . LYS B 2 69  ? 10.233  11.998  5.383   1.00 65.76  ? 69  LYS B CD  1 
ATOM   1109 C  CE  . LYS B 2 69  ? 10.809  12.883  6.487   1.00 67.84  ? 69  LYS B CE  1 
ATOM   1110 N  NZ  . LYS B 2 69  ? 12.145  13.436  6.115   1.00 69.49  ? 69  LYS B NZ  1 
ATOM   1111 N  N   . LEU B 2 70  ? 7.677   7.395   3.627   1.00 51.52  ? 70  LEU B N   1 
ATOM   1112 C  CA  . LEU B 2 70  ? 7.125   6.607   2.545   1.00 51.66  ? 70  LEU B CA  1 
ATOM   1113 C  C   . LEU B 2 70  ? 5.897   5.916   3.128   1.00 53.03  ? 70  LEU B C   1 
ATOM   1114 O  O   . LEU B 2 70  ? 4.807   5.952   2.549   1.00 55.17  ? 70  LEU B O   1 
ATOM   1115 C  CB  . LEU B 2 70  ? 8.146   5.570   2.090   1.00 52.26  ? 70  LEU B CB  1 
ATOM   1116 C  CG  . LEU B 2 70  ? 8.665   5.591   0.653   1.00 52.50  ? 70  LEU B CG  1 
ATOM   1117 C  CD1 . LEU B 2 70  ? 8.125   6.773   -0.113  1.00 50.18  ? 70  LEU B CD1 1 
ATOM   1118 C  CD2 . LEU B 2 70  ? 10.175  5.593   0.700   1.00 50.18  ? 70  LEU B CD2 1 
ATOM   1119 N  N   . TYR B 2 71  ? 6.086   5.302   4.293   1.00 52.18  ? 71  TYR B N   1 
ATOM   1120 C  CA  . TYR B 2 71  ? 5.021   4.598   4.996   1.00 50.90  ? 71  TYR B CA  1 
ATOM   1121 C  C   . TYR B 2 71  ? 3.796   5.493   5.247   1.00 51.64  ? 71  TYR B C   1 
ATOM   1122 O  O   . TYR B 2 71  ? 2.668   5.119   4.935   1.00 50.67  ? 71  TYR B O   1 
ATOM   1123 C  CB  . TYR B 2 71  ? 5.555   4.055   6.326   1.00 49.79  ? 71  TYR B CB  1 
ATOM   1124 C  CG  . TYR B 2 71  ? 4.469   3.488   7.194   1.00 49.29  ? 71  TYR B CG  1 
ATOM   1125 C  CD1 . TYR B 2 71  ? 3.999   2.193   6.991   1.00 48.35  ? 71  TYR B CD1 1 
ATOM   1126 C  CD2 . TYR B 2 71  ? 3.830   4.282   8.155   1.00 48.25  ? 71  TYR B CD2 1 
ATOM   1127 C  CE1 . TYR B 2 71  ? 2.915   1.702   7.716   1.00 47.53  ? 71  TYR B CE1 1 
ATOM   1128 C  CE2 . TYR B 2 71  ? 2.745   3.801   8.888   1.00 46.88  ? 71  TYR B CE2 1 
ATOM   1129 C  CZ  . TYR B 2 71  ? 2.293   2.513   8.657   1.00 47.74  ? 71  TYR B CZ  1 
ATOM   1130 O  OH  . TYR B 2 71  ? 1.205   2.040   9.342   1.00 49.17  ? 71  TYR B OH  1 
ATOM   1131 N  N   . ASP B 2 72  ? 4.014   6.675   5.818   1.00 54.07  ? 72  ASP B N   1 
ATOM   1132 C  CA  . ASP B 2 72  ? 2.906   7.592   6.084   1.00 55.99  ? 72  ASP B CA  1 
ATOM   1133 C  C   . ASP B 2 72  ? 2.215   7.994   4.795   1.00 55.59  ? 72  ASP B C   1 
ATOM   1134 O  O   . ASP B 2 72  ? 1.003   8.205   4.765   1.00 55.67  ? 72  ASP B O   1 
ATOM   1135 C  CB  . ASP B 2 72  ? 3.391   8.862   6.779   1.00 58.81  ? 72  ASP B CB  1 
ATOM   1136 C  CG  . ASP B 2 72  ? 3.889   8.613   8.188   1.00 64.65  ? 72  ASP B CG  1 
ATOM   1137 O  OD1 . ASP B 2 72  ? 3.291   7.791   8.928   1.00 64.93  ? 72  ASP B OD1 1 
ATOM   1138 O  OD2 . ASP B 2 72  ? 4.881   9.275   8.560   1.00 69.87  ? 72  ASP B OD2 1 
ATOM   1139 N  N   . SER B 2 73  ? 3.000   8.124   3.735   1.00 54.94  ? 73  SER B N   1 
ATOM   1140 C  CA  . SER B 2 73  ? 2.467   8.508   2.448   1.00 55.45  ? 73  SER B CA  1 
ATOM   1141 C  C   . SER B 2 73  ? 1.447   7.476   1.973   1.00 56.73  ? 73  SER B C   1 
ATOM   1142 O  O   . SER B 2 73  ? 0.296   7.808   1.690   1.00 56.39  ? 73  SER B O   1 
ATOM   1143 C  CB  . SER B 2 73  ? 3.608   8.624   1.445   1.00 55.78  ? 73  SER B CB  1 
ATOM   1144 O  OG  . SER B 2 73  ? 3.131   9.096   0.204   1.00 59.90  ? 73  SER B OG  1 
ATOM   1145 N  N   . ALA B 2 74  ? 1.873   6.218   1.897   1.00 57.01  ? 74  ALA B N   1 
ATOM   1146 C  CA  . ALA B 2 74  ? 0.996   5.134   1.464   1.00 57.18  ? 74  ALA B CA  1 
ATOM   1147 C  C   . ALA B 2 74  ? -0.240  5.025   2.350   1.00 57.51  ? 74  ALA B C   1 
ATOM   1148 O  O   . ALA B 2 74  ? -1.360  4.908   1.852   1.00 58.63  ? 74  ALA B O   1 
ATOM   1149 C  CB  . ALA B 2 74  ? 1.755   3.808   1.475   1.00 56.91  ? 74  ALA B CB  1 
ATOM   1150 N  N   . LEU B 2 75  ? -0.034  5.068   3.663   1.00 56.96  ? 75  LEU B N   1 
ATOM   1151 C  CA  . LEU B 2 75  ? -1.134  4.949   4.617   1.00 56.03  ? 75  LEU B CA  1 
ATOM   1152 C  C   . LEU B 2 75  ? -2.179  6.047   4.470   1.00 55.25  ? 75  LEU B C   1 
ATOM   1153 O  O   . LEU B 2 75  ? -3.368  5.775   4.547   1.00 55.08  ? 75  LEU B O   1 
ATOM   1154 C  CB  . LEU B 2 75  ? -0.584  4.941   6.046   1.00 56.77  ? 75  LEU B CB  1 
ATOM   1155 C  CG  . LEU B 2 75  ? -1.418  4.430   7.233   1.00 57.42  ? 75  LEU B CG  1 
ATOM   1156 C  CD1 . LEU B 2 75  ? -1.683  5.577   8.170   1.00 55.54  ? 75  LEU B CD1 1 
ATOM   1157 C  CD2 . LEU B 2 75  ? -2.713  3.775   6.769   1.00 55.43  ? 75  LEU B CD2 1 
ATOM   1158 N  N   . SER B 2 76  ? -1.741  7.281   4.238   1.00 54.76  ? 76  SER B N   1 
ATOM   1159 C  CA  . SER B 2 76  ? -2.678  8.396   4.102   1.00 54.48  ? 76  SER B CA  1 
ATOM   1160 C  C   . SER B 2 76  ? -3.443  8.349   2.793   1.00 53.57  ? 76  SER B C   1 
ATOM   1161 O  O   . SER B 2 76  ? -4.554  8.865   2.696   1.00 53.09  ? 76  SER B O   1 
ATOM   1162 C  CB  . SER B 2 76  ? -1.941  9.722   4.214   1.00 53.96  ? 76  SER B CB  1 
ATOM   1163 O  OG  . SER B 2 76  ? -0.916  9.774   3.250   1.00 57.30  ? 76  SER B OG  1 
ATOM   1164 N  N   . LYS B 2 77  ? -2.840  7.740   1.781   1.00 53.78  ? 77  LYS B N   1 
ATOM   1165 C  CA  . LYS B 2 77  ? -3.500  7.608   0.492   1.00 54.01  ? 77  LYS B CA  1 
ATOM   1166 C  C   . LYS B 2 77  ? -4.643  6.614   0.648   1.00 55.53  ? 77  LYS B C   1 
ATOM   1167 O  O   . LYS B 2 77  ? -5.730  6.806   0.082   1.00 55.15  ? 77  LYS B O   1 
ATOM   1168 C  CB  . LYS B 2 77  ? -2.504  7.119   -0.555  1.00 52.43  ? 77  LYS B CB  1 
ATOM   1169 C  CG  . LYS B 2 77  ? -1.505  8.187   -0.904  1.00 54.04  ? 77  LYS B CG  1 
ATOM   1170 C  CD  . LYS B 2 77  ? -0.464  7.727   -1.892  1.00 55.76  ? 77  LYS B CD  1 
ATOM   1171 C  CE  . LYS B 2 77  ? 0.523   8.856   -2.164  1.00 54.03  ? 77  LYS B CE  1 
ATOM   1172 N  NZ  . LYS B 2 77  ? 1.752   8.324   -2.809  1.00 55.76  ? 77  LYS B NZ  1 
ATOM   1173 N  N   . ILE B 2 78  ? -4.396  5.558   1.426   1.00 55.06  ? 78  ILE B N   1 
ATOM   1174 C  CA  . ILE B 2 78  ? -5.422  4.559   1.654   1.00 56.09  ? 78  ILE B CA  1 
ATOM   1175 C  C   . ILE B 2 78  ? -6.510  5.172   2.515   1.00 55.87  ? 78  ILE B C   1 
ATOM   1176 O  O   . ILE B 2 78  ? -7.694  4.897   2.321   1.00 56.38  ? 78  ILE B O   1 
ATOM   1177 C  CB  . ILE B 2 78  ? -4.877  3.290   2.370   1.00 57.48  ? 78  ILE B CB  1 
ATOM   1178 C  CG1 . ILE B 2 78  ? -3.859  2.578   1.475   1.00 58.26  ? 78  ILE B CG1 1 
ATOM   1179 C  CG2 . ILE B 2 78  ? -6.035  2.312   2.670   1.00 56.33  ? 78  ILE B CG2 1 
ATOM   1180 C  CD1 . ILE B 2 78  ? -4.429  2.154   0.114   1.00 57.84  ? 78  ILE B CD1 1 
ATOM   1181 N  N   . GLU B 2 79  ? -6.119  6.005   3.469   1.00 55.51  ? 79  GLU B N   1 
ATOM   1182 C  CA  . GLU B 2 79  ? -7.114  6.610   4.321   1.00 56.70  ? 79  GLU B CA  1 
ATOM   1183 C  C   . GLU B 2 79  ? -7.938  7.589   3.517   1.00 56.51  ? 79  GLU B C   1 
ATOM   1184 O  O   . GLU B 2 79  ? -9.121  7.771   3.782   1.00 55.34  ? 79  GLU B O   1 
ATOM   1185 C  CB  . GLU B 2 79  ? -6.453  7.285   5.507   1.00 59.89  ? 79  GLU B CB  1 
ATOM   1186 C  CG  . GLU B 2 79  ? -5.679  6.304   6.354   1.00 66.82  ? 79  GLU B CG  1 
ATOM   1187 C  CD  . GLU B 2 79  ? -5.081  6.923   7.605   1.00 72.05  ? 79  GLU B CD  1 
ATOM   1188 O  OE1 . GLU B 2 79  ? -4.331  7.926   7.484   1.00 73.52  ? 79  GLU B OE1 1 
ATOM   1189 O  OE2 . GLU B 2 79  ? -5.354  6.393   8.713   1.00 75.08  ? 79  GLU B OE2 1 
ATOM   1190 N  N   . LYS B 2 80  ? -7.320  8.198   2.512   1.00 59.12  ? 80  LYS B N   1 
ATOM   1191 C  CA  . LYS B 2 80  ? -8.013  9.158   1.646   1.00 62.32  ? 80  LYS B CA  1 
ATOM   1192 C  C   . LYS B 2 80  ? -9.061  8.413   0.827   1.00 62.32  ? 80  LYS B C   1 
ATOM   1193 O  O   . LYS B 2 80  ? -10.141 8.929   0.553   1.00 62.77  ? 80  LYS B O   1 
ATOM   1194 C  CB  . LYS B 2 80  ? -7.016  9.832   0.702   1.00 65.13  ? 80  LYS B CB  1 
ATOM   1195 C  CG  . LYS B 2 80  ? -7.483  11.155  0.089   1.00 68.72  ? 80  LYS B CG  1 
ATOM   1196 C  CD  . LYS B 2 80  ? -6.350  11.785  -0.756  1.00 74.83  ? 80  LYS B CD  1 
ATOM   1197 C  CE  . LYS B 2 80  ? -5.046  12.026  0.065   1.00 76.88  ? 80  LYS B CE  1 
ATOM   1198 N  NZ  . LYS B 2 80  ? -3.849  12.371  -0.780  1.00 76.12  ? 80  LYS B NZ  1 
ATOM   1199 N  N   . LEU B 2 81  ? -8.720  7.191   0.438   1.00 62.29  ? 81  LEU B N   1 
ATOM   1200 C  CA  . LEU B 2 81  ? -9.611  6.345   -0.336  1.00 62.17  ? 81  LEU B CA  1 
ATOM   1201 C  C   . LEU B 2 81  ? -10.818 5.957   0.508   1.00 61.91  ? 81  LEU B C   1 
ATOM   1202 O  O   . LEU B 2 81  ? -11.957 6.067   0.068   1.00 61.30  ? 81  LEU B O   1 
ATOM   1203 C  CB  . LEU B 2 81  ? -8.857  5.099   -0.792  1.00 62.98  ? 81  LEU B CB  1 
ATOM   1204 C  CG  . LEU B 2 81  ? -8.606  4.948   -2.294  1.00 62.81  ? 81  LEU B CG  1 
ATOM   1205 C  CD1 . LEU B 2 81  ? -8.469  6.307   -2.981  1.00 61.28  ? 81  LEU B CD1 1 
ATOM   1206 C  CD2 . LEU B 2 81  ? -7.360  4.096   -2.467  1.00 63.22  ? 81  LEU B CD2 1 
ATOM   1207 N  N   . ILE B 2 82  ? -10.563 5.492   1.723   1.00 62.58  ? 82  ILE B N   1 
ATOM   1208 C  CA  . ILE B 2 82  ? -11.644 5.123   2.622   1.00 64.58  ? 82  ILE B CA  1 
ATOM   1209 C  C   . ILE B 2 82  ? -12.524 6.350   2.844   1.00 67.78  ? 82  ILE B C   1 
ATOM   1210 O  O   . ILE B 2 82  ? -13.744 6.243   2.908   1.00 67.14  ? 82  ILE B O   1 
ATOM   1211 C  CB  . ILE B 2 82  ? -11.089 4.648   3.975   1.00 62.10  ? 82  ILE B CB  1 
ATOM   1212 C  CG1 . ILE B 2 82  ? -10.252 3.387   3.757   1.00 60.17  ? 82  ILE B CG1 1 
ATOM   1213 C  CG2 . ILE B 2 82  ? -12.229 4.433   4.963   1.00 59.32  ? 82  ILE B CG2 1 
ATOM   1214 C  CD1 . ILE B 2 82  ? -9.557  2.866   4.990   1.00 57.20  ? 82  ILE B CD1 1 
ATOM   1215 N  N   . GLU B 2 83  ? -11.878 7.510   2.967   1.00 72.78  ? 83  GLU B N   1 
ATOM   1216 C  CA  . GLU B 2 83  ? -12.547 8.793   3.167   1.00 76.60  ? 83  GLU B CA  1 
ATOM   1217 C  C   . GLU B 2 83  ? -13.612 9.013   2.091   1.00 77.54  ? 83  GLU B C   1 
ATOM   1218 O  O   . GLU B 2 83  ? -14.774 9.264   2.391   1.00 77.98  ? 83  GLU B O   1 
ATOM   1219 C  CB  . GLU B 2 83  ? -11.514 9.919   3.105   1.00 79.97  ? 83  GLU B CB  1 
ATOM   1220 C  CG  . GLU B 2 83  ? -12.089 11.336  3.186   1.00 89.08  ? 83  GLU B CG  1 
ATOM   1221 C  CD  . GLU B 2 83  ? -11.577 12.267  2.069   1.00 94.08  ? 83  GLU B CD  1 
ATOM   1222 O  OE1 . GLU B 2 83  ? -12.037 12.126  0.904   1.00 96.12  ? 83  GLU B OE1 1 
ATOM   1223 O  OE2 . GLU B 2 83  ? -10.710 13.132  2.353   1.00 95.33  ? 83  GLU B OE2 1 
ATOM   1224 N  N   . THR B 2 84  ? -13.216 8.907   0.829   1.00 78.48  ? 84  THR B N   1 
ATOM   1225 C  CA  . THR B 2 84  ? -14.148 9.097   -0.275  1.00 79.75  ? 84  THR B CA  1 
ATOM   1226 C  C   . THR B 2 84  ? -15.150 7.939   -0.383  1.00 81.39  ? 84  THR B C   1 
ATOM   1227 O  O   . THR B 2 84  ? -15.615 7.610   -1.466  1.00 81.56  ? 84  THR B O   1 
ATOM   1228 C  CB  . THR B 2 84  ? -13.390 9.219   -1.597  1.00 78.64  ? 84  THR B CB  1 
ATOM   1229 O  OG1 . THR B 2 84  ? -13.020 7.915   -2.059  1.00 79.29  ? 84  THR B OG1 1 
ATOM   1230 C  CG2 . THR B 2 84  ? -12.127 10.041  -1.396  1.00 76.37  ? 84  THR B CG2 1 
ATOM   1231 N  N   . LEU B 2 85  ? -15.468 7.329   0.753   1.00 84.38  ? 85  LEU B N   1 
ATOM   1232 C  CA  . LEU B 2 85  ? -16.408 6.210   0.830   1.00 86.68  ? 85  LEU B CA  1 
ATOM   1233 C  C   . LEU B 2 85  ? -16.995 6.181   2.239   1.00 89.06  ? 85  LEU B C   1 
ATOM   1234 O  O   . LEU B 2 85  ? -18.200 6.469   2.371   1.00 90.31  ? 85  LEU B O   1 
ATOM   1235 C  CB  . LEU B 2 85  ? -15.695 4.879   0.574   1.00 85.90  ? 85  LEU B CB  1 
ATOM   1236 C  CG  . LEU B 2 85  ? -14.980 4.577   -0.744  1.00 84.67  ? 85  LEU B CG  1 
ATOM   1237 C  CD1 . LEU B 2 85  ? -14.223 3.266   -0.604  1.00 83.25  ? 85  LEU B CD1 1 
ATOM   1238 C  CD2 . LEU B 2 85  ? -15.976 4.485   -1.874  1.00 84.71  ? 85  LEU B CD2 1 
# 
